data_5V4L
#
_entry.id   5V4L
#
_cell.length_a   78.110
_cell.length_b   93.500
_cell.length_c   159.250
_cell.angle_alpha   90.00
_cell.angle_beta   97.54
_cell.angle_gamma   90.00
#
_symmetry.space_group_name_H-M   'P 1 21 1'
#
loop_
_entity.id
_entity.type
_entity.pdbx_description
1 polymer 'Adenylosuccinate lyase'
2 water water
#
_entity_poly.entity_id   1
_entity_poly.type   'polypeptide(L)'
_entity_poly.pdbx_seq_one_letter_code
;MDSYQTPLSSRYASKEMSKLFSSGARFGTWRKLWLNLAIAEKELGLAISDAAIEQMKANLELDEAQMKVAAEEEKKRRHD
VMAHVHTFGTVAPEAAGIIHLGATSCYVTDNADLIFLRDGLDILLPKLATVISRLANFAKQYRDLPTLGFTHFQPAQLTT
VGKRATLWIQELLWDLRNLQRARDDLGFRGVKGTTGTQASFLALFDGDHAKVEALDKRVTELFGFPYAYPVTGQTYSRKI
DADVLGPLSSFGATVHKIATDIRLLANLKEIEEPFEKDQIGSSAMAYKRNPMRCERACSLARHLMAIYQNTLMTSSVQWL
ERTLDDSANRRVTIPEAFLTADILLTTLQNISEGLVVYPRVIGRRISQELPFMATENIIMAIVKAGGDRQECHEKIRVLS
HQAGAVVKEEGGENDLIDRVKNDEYFKPIWGQLDALLDPRTFVGRAPEQVDGFLKEWVEPALKPYEEALKNVKTAELSV
;
_entity_poly.pdbx_strand_id   A,B,C,D
#
# COMPACT_ATOMS: atom_id res chain seq x y z
N MET A 1 -13.81 -22.74 17.40
CA MET A 1 -12.73 -23.71 17.57
C MET A 1 -12.40 -24.48 16.27
N ASP A 2 -13.41 -24.69 15.43
CA ASP A 2 -13.21 -25.35 14.14
C ASP A 2 -13.20 -24.36 12.97
N SER A 3 -13.28 -23.07 13.29
CA SER A 3 -13.15 -22.05 12.28
C SER A 3 -12.27 -20.90 12.77
N TYR A 4 -11.60 -20.23 11.85
CA TYR A 4 -10.75 -19.09 12.18
C TYR A 4 -11.53 -17.98 12.87
N GLN A 5 -10.98 -17.49 13.96
CA GLN A 5 -11.51 -16.32 14.66
C GLN A 5 -10.48 -15.21 14.60
N THR A 6 -10.91 -14.01 14.21
CA THR A 6 -9.96 -12.91 14.18
C THR A 6 -9.47 -12.59 15.59
N PRO A 7 -8.14 -12.46 15.76
CA PRO A 7 -7.59 -12.10 17.07
C PRO A 7 -7.93 -10.65 17.48
N LEU A 8 -8.34 -9.84 16.50
CA LEU A 8 -8.68 -8.44 16.79
C LEU A 8 -9.95 -8.23 17.64
N SER A 9 -10.83 -9.20 17.69
CA SER A 9 -12.00 -9.05 18.55
C SER A 9 -11.87 -9.94 19.78
N SER A 10 -11.06 -10.99 19.66
CA SER A 10 -10.77 -11.89 20.77
C SER A 10 -9.35 -11.69 21.31
N ALA A 13 -8.40 -7.04 22.91
CA ALA A 13 -9.51 -6.28 22.34
C ALA A 13 -10.44 -5.75 23.42
N SER A 14 -10.81 -4.48 23.35
CA SER A 14 -11.82 -3.99 24.28
C SER A 14 -13.15 -4.57 23.82
N LYS A 15 -13.92 -5.03 24.79
CA LYS A 15 -15.18 -5.61 24.47
C LYS A 15 -16.10 -4.52 23.92
N GLU A 16 -15.87 -3.27 24.33
CA GLU A 16 -16.74 -2.17 23.92
C GLU A 16 -16.65 -1.88 22.42
N MET A 17 -15.44 -1.80 21.89
CA MET A 17 -15.28 -1.62 20.46
C MET A 17 -15.73 -2.88 19.73
N SER A 18 -15.41 -4.05 20.27
CA SER A 18 -15.82 -5.29 19.63
C SER A 18 -17.36 -5.40 19.55
N LYS A 19 -18.02 -4.91 20.59
CA LYS A 19 -19.48 -4.93 20.66
C LYS A 19 -20.07 -3.96 19.64
N LEU A 20 -19.40 -2.82 19.47
CA LEU A 20 -19.85 -1.77 18.54
C LEU A 20 -20.04 -2.34 17.16
N PHE A 21 -19.11 -3.18 16.75
CA PHE A 21 -19.16 -3.78 15.43
C PHE A 21 -19.73 -5.20 15.43
N SER A 22 -20.40 -5.58 16.51
CA SER A 22 -21.05 -6.90 16.57
C SER A 22 -22.33 -6.94 15.72
N SER A 23 -22.75 -8.15 15.37
CA SER A 23 -24.01 -8.38 14.66
C SER A 23 -25.22 -7.85 15.41
N GLY A 24 -25.24 -8.09 16.72
CA GLY A 24 -26.34 -7.65 17.56
C GLY A 24 -26.49 -6.14 17.50
N ALA A 25 -25.36 -5.44 17.56
CA ALA A 25 -25.36 -4.00 17.47
C ALA A 25 -25.76 -3.52 16.08
N ARG A 26 -25.37 -4.29 15.06
CA ARG A 26 -25.63 -3.86 13.67
C ARG A 26 -27.14 -3.86 13.42
N PHE A 27 -27.78 -4.99 13.72
CA PHE A 27 -29.22 -5.11 13.47
C PHE A 27 -30.04 -4.35 14.50
N GLY A 28 -29.52 -4.24 15.71
CA GLY A 28 -30.13 -3.37 16.70
C GLY A 28 -30.15 -1.92 16.24
N THR A 29 -29.04 -1.47 15.65
CA THR A 29 -28.95 -0.11 15.15
C THR A 29 -29.86 0.09 13.94
N TRP A 30 -29.98 -0.92 13.08
CA TRP A 30 -30.96 -0.85 11.98
C TRP A 30 -32.36 -0.59 12.53
N ARG A 31 -32.70 -1.29 13.61
CA ARG A 31 -34.02 -1.13 14.23
C ARG A 31 -34.19 0.26 14.85
N LYS A 32 -33.13 0.78 15.48
CA LYS A 32 -33.19 2.12 16.02
C LYS A 32 -33.45 3.08 14.86
N LEU A 33 -32.81 2.81 13.73
CA LEU A 33 -32.97 3.67 12.55
C LEU A 33 -34.40 3.58 12.04
N TRP A 34 -34.95 2.37 12.03
CA TRP A 34 -36.32 2.18 11.58
C TRP A 34 -37.31 2.87 12.52
N LEU A 35 -37.05 2.72 13.82
CA LEU A 35 -37.88 3.38 14.83
C LEU A 35 -37.90 4.88 14.61
N ASN A 36 -36.71 5.46 14.45
CA ASN A 36 -36.61 6.92 14.37
C ASN A 36 -37.14 7.47 13.05
N LEU A 37 -36.96 6.71 11.96
CA LEU A 37 -37.59 7.05 10.69
C LEU A 37 -39.11 7.11 10.87
N ALA A 38 -39.65 6.11 11.55
CA ALA A 38 -41.10 6.07 11.79
C ALA A 38 -41.55 7.27 12.62
N ILE A 39 -40.83 7.54 13.70
CA ILE A 39 -41.17 8.67 14.58
C ILE A 39 -41.20 9.98 13.79
N ALA A 40 -40.19 10.17 12.94
CA ALA A 40 -40.04 11.41 12.17
C ALA A 40 -41.10 11.53 11.08
N GLU A 41 -41.37 10.42 10.39
CA GLU A 41 -42.43 10.39 9.39
C GLU A 41 -43.82 10.64 10.00
N LYS A 42 -44.07 10.04 11.15
CA LYS A 42 -45.31 10.23 11.89
C LYS A 42 -45.49 11.69 12.30
N GLU A 43 -44.41 12.30 12.80
CA GLU A 43 -44.42 13.73 13.08
C GLU A 43 -44.81 14.55 11.85
N LEU A 44 -44.40 14.09 10.67
CA LEU A 44 -44.64 14.87 9.45
C LEU A 44 -45.97 14.47 8.80
N GLY A 45 -46.73 13.63 9.49
CA GLY A 45 -48.11 13.39 9.10
C GLY A 45 -48.40 12.05 8.44
N LEU A 46 -47.40 11.20 8.27
CA LEU A 46 -47.69 9.89 7.68
C LEU A 46 -48.48 9.04 8.67
N ALA A 47 -49.23 8.08 8.12
CA ALA A 47 -50.14 7.27 8.91
C ALA A 47 -49.42 6.15 9.65
N ILE A 48 -48.90 6.49 10.83
CA ILE A 48 -48.17 5.53 11.66
C ILE A 48 -48.76 5.60 13.05
N SER A 49 -49.31 4.49 13.54
CA SER A 49 -50.05 4.52 14.81
C SER A 49 -49.12 4.67 16.02
N ASP A 50 -49.65 5.18 17.13
CA ASP A 50 -48.96 5.15 18.42
C ASP A 50 -48.49 3.75 18.82
N ALA A 51 -49.36 2.76 18.59
CA ALA A 51 -49.08 1.39 18.97
C ALA A 51 -47.89 0.86 18.17
N ALA A 52 -47.82 1.26 16.91
CA ALA A 52 -46.69 0.89 16.06
C ALA A 52 -45.38 1.34 16.68
N ILE A 53 -45.36 2.59 17.13
CA ILE A 53 -44.18 3.16 17.76
C ILE A 53 -43.82 2.42 19.05
N GLU A 54 -44.83 2.09 19.87
CA GLU A 54 -44.56 1.45 21.16
C GLU A 54 -44.02 0.04 20.96
N GLN A 55 -44.60 -0.69 20.03
CA GLN A 55 -44.10 -2.04 19.73
C GLN A 55 -42.65 -2.02 19.21
N MET A 56 -42.31 -1.05 18.37
CA MET A 56 -40.94 -0.90 17.88
C MET A 56 -39.97 -0.48 18.98
N LYS A 57 -40.37 0.48 19.82
CA LYS A 57 -39.52 0.95 20.92
C LYS A 57 -39.07 -0.17 21.84
N ALA A 58 -39.95 -1.16 22.02
CA ALA A 58 -39.70 -2.22 23.01
C ALA A 58 -38.94 -3.37 22.38
N ASN A 59 -38.74 -3.32 21.07
CA ASN A 59 -38.14 -4.45 20.37
C ASN A 59 -36.89 -4.09 19.57
N LEU A 60 -36.05 -3.21 20.12
CA LEU A 60 -34.87 -2.75 19.42
C LEU A 60 -33.73 -3.74 19.47
N GLU A 61 -33.81 -4.71 20.39
CA GLU A 61 -32.71 -5.66 20.58
C GLU A 61 -33.04 -7.03 20.03
N LEU A 62 -32.13 -7.59 19.24
CA LEU A 62 -32.37 -8.90 18.67
C LEU A 62 -32.08 -9.95 19.73
N ASP A 63 -32.65 -11.14 19.57
CA ASP A 63 -32.25 -12.30 20.35
C ASP A 63 -31.96 -13.42 19.37
N GLU A 64 -31.45 -14.54 19.88
CA GLU A 64 -31.06 -15.67 19.02
C GLU A 64 -32.22 -16.23 18.21
N ALA A 65 -33.41 -16.26 18.79
CA ALA A 65 -34.58 -16.76 18.08
C ALA A 65 -34.90 -15.89 16.86
N GLN A 66 -34.78 -14.57 17.02
CA GLN A 66 -35.08 -13.66 15.93
C GLN A 66 -34.00 -13.72 14.86
N MET A 67 -32.75 -13.91 15.28
CA MET A 67 -31.65 -14.08 14.33
C MET A 67 -31.89 -15.27 13.42
N LYS A 68 -32.54 -16.28 13.97
CA LYS A 68 -32.83 -17.50 13.23
C LYS A 68 -33.95 -17.25 12.23
N VAL A 69 -34.97 -16.48 12.63
CA VAL A 69 -36.00 -16.08 11.68
C VAL A 69 -35.39 -15.26 10.55
N ALA A 70 -34.51 -14.33 10.90
CA ALA A 70 -33.84 -13.49 9.92
C ALA A 70 -33.00 -14.30 8.94
N ALA A 71 -32.15 -15.19 9.48
CA ALA A 71 -31.30 -16.05 8.66
C ALA A 71 -32.12 -16.90 7.67
N GLU A 72 -33.24 -17.43 8.15
CA GLU A 72 -34.09 -18.27 7.31
C GLU A 72 -34.75 -17.47 6.21
N GLU A 73 -35.20 -16.26 6.54
CA GLU A 73 -35.79 -15.39 5.55
C GLU A 73 -34.73 -14.98 4.52
N GLU A 74 -33.50 -14.76 4.99
CA GLU A 74 -32.42 -14.34 4.10
C GLU A 74 -31.99 -15.45 3.15
N LYS A 75 -31.99 -16.69 3.62
CA LYS A 75 -31.69 -17.83 2.75
C LYS A 75 -32.69 -17.89 1.59
N LYS A 76 -33.93 -17.55 1.91
CA LYS A 76 -35.00 -17.52 0.92
C LYS A 76 -34.83 -16.42 -0.15
N ARG A 77 -34.71 -15.17 0.29
CA ARG A 77 -34.75 -14.02 -0.63
C ARG A 77 -33.39 -13.35 -0.87
N ARG A 78 -32.38 -13.73 -0.08
CA ARG A 78 -31.01 -13.23 -0.22
C ARG A 78 -30.92 -11.70 -0.20
N HIS A 79 -31.67 -11.10 0.73
CA HIS A 79 -31.67 -9.66 0.97
C HIS A 79 -31.64 -9.46 2.48
N ASP A 80 -30.47 -9.13 3.04
CA ASP A 80 -30.34 -9.08 4.50
C ASP A 80 -31.24 -7.98 5.11
N VAL A 81 -31.33 -6.83 4.44
CA VAL A 81 -32.17 -5.75 4.96
C VAL A 81 -33.65 -6.17 4.99
N MET A 82 -34.18 -6.69 3.88
CA MET A 82 -35.59 -7.10 3.87
C MET A 82 -35.86 -8.27 4.84
N ALA A 83 -34.88 -9.15 5.00
CA ALA A 83 -35.01 -10.20 6.02
C ALA A 83 -35.24 -9.58 7.40
N HIS A 84 -34.51 -8.51 7.71
CA HIS A 84 -34.63 -7.87 9.01
C HIS A 84 -35.82 -6.92 9.10
N VAL A 85 -36.29 -6.40 7.96
CA VAL A 85 -37.58 -5.70 7.95
C VAL A 85 -38.67 -6.69 8.39
N HIS A 86 -38.65 -7.88 7.79
CA HIS A 86 -39.63 -8.91 8.08
C HIS A 86 -39.57 -9.34 9.55
N THR A 87 -38.37 -9.60 10.05
CA THR A 87 -38.21 -10.08 11.40
C THR A 87 -38.67 -9.03 12.44
N PHE A 88 -38.34 -7.75 12.20
CA PHE A 88 -38.81 -6.66 13.07
C PHE A 88 -40.33 -6.66 13.15
N GLY A 89 -40.95 -6.97 12.01
CA GLY A 89 -42.39 -6.95 11.86
C GLY A 89 -43.08 -8.08 12.60
N THR A 90 -42.39 -9.21 12.79
CA THR A 90 -42.99 -10.31 13.54
C THR A 90 -43.10 -9.95 15.03
N VAL A 91 -42.16 -9.16 15.56
CA VAL A 91 -42.25 -8.77 16.98
C VAL A 91 -42.96 -7.43 17.19
N ALA A 92 -43.07 -6.64 16.13
CA ALA A 92 -43.86 -5.41 16.14
C ALA A 92 -44.93 -5.41 15.04
N PRO A 93 -45.91 -6.32 15.14
CA PRO A 93 -46.89 -6.57 14.07
C PRO A 93 -47.60 -5.31 13.64
N GLU A 94 -47.86 -4.43 14.60
CA GLU A 94 -48.57 -3.20 14.33
C GLU A 94 -47.74 -2.26 13.45
N ALA A 95 -46.43 -2.46 13.43
CA ALA A 95 -45.52 -1.63 12.62
C ALA A 95 -45.14 -2.28 11.30
N ALA A 96 -45.62 -3.51 11.08
CA ALA A 96 -45.10 -4.33 9.98
C ALA A 96 -45.21 -3.63 8.64
N GLY A 97 -46.30 -2.90 8.45
CA GLY A 97 -46.51 -2.22 7.18
C GLY A 97 -45.79 -0.90 6.99
N ILE A 98 -45.21 -0.35 8.04
CA ILE A 98 -44.58 0.98 7.92
C ILE A 98 -43.07 0.97 8.20
N ILE A 99 -42.54 -0.12 8.73
CA ILE A 99 -41.09 -0.28 8.90
C ILE A 99 -40.44 -0.11 7.54
N HIS A 100 -39.42 0.77 7.46
CA HIS A 100 -38.66 1.01 6.22
C HIS A 100 -39.45 1.81 5.17
N LEU A 101 -40.56 2.43 5.58
CA LEU A 101 -41.44 3.11 4.62
C LEU A 101 -40.71 4.22 3.84
N GLY A 102 -40.66 4.07 2.53
CA GLY A 102 -40.01 5.05 1.68
C GLY A 102 -38.51 4.88 1.49
N ALA A 103 -37.87 4.09 2.35
CA ALA A 103 -36.40 4.02 2.36
C ALA A 103 -35.83 3.01 1.37
N THR A 104 -34.54 3.18 1.04
CA THR A 104 -33.78 2.18 0.33
C THR A 104 -32.84 1.48 1.34
N SER A 105 -32.22 0.37 0.96
CA SER A 105 -31.37 -0.41 1.88
C SER A 105 -30.35 0.41 2.67
N CYS A 106 -29.71 1.35 1.98
CA CYS A 106 -28.65 2.14 2.58
C CYS A 106 -29.17 3.05 3.69
N TYR A 107 -30.47 3.27 3.75
CA TYR A 107 -30.99 4.04 4.88
C TYR A 107 -30.57 3.37 6.21
N VAL A 108 -30.54 2.03 6.29
CA VAL A 108 -30.01 1.44 7.51
C VAL A 108 -28.54 1.01 7.37
N THR A 109 -28.12 0.42 6.24
CA THR A 109 -26.75 -0.10 6.22
C THR A 109 -25.73 1.01 6.32
N ASP A 110 -25.99 2.13 5.63
CA ASP A 110 -25.04 3.25 5.57
C ASP A 110 -25.11 4.16 6.78
N ASN A 111 -26.33 4.50 7.22
CA ASN A 111 -26.44 5.33 8.42
C ASN A 111 -25.91 4.62 9.68
N ALA A 112 -26.02 3.29 9.72
CA ALA A 112 -25.46 2.54 10.85
C ALA A 112 -23.95 2.66 10.84
N ASP A 113 -23.37 2.48 9.64
CA ASP A 113 -21.94 2.58 9.50
C ASP A 113 -21.41 3.96 9.89
N LEU A 114 -22.11 5.02 9.50
CA LEU A 114 -21.75 6.37 9.95
C LEU A 114 -21.86 6.50 11.48
N ILE A 115 -22.89 5.89 12.07
CA ILE A 115 -23.02 5.85 13.53
C ILE A 115 -21.80 5.16 14.17
N PHE A 116 -21.31 4.08 13.54
CA PHE A 116 -20.21 3.31 14.11
C PHE A 116 -18.87 4.02 13.94
N LEU A 117 -18.68 4.73 12.82
CA LEU A 117 -17.51 5.61 12.66
C LEU A 117 -17.48 6.65 13.76
N ARG A 118 -18.61 7.35 13.92
CA ARG A 118 -18.73 8.44 14.88
C ARG A 118 -18.56 7.90 16.32
N ASP A 119 -19.35 6.90 16.68
CA ASP A 119 -19.27 6.30 18.02
C ASP A 119 -17.91 5.64 18.28
N GLY A 120 -17.36 4.99 17.27
CA GLY A 120 -16.07 4.34 17.38
C GLY A 120 -14.96 5.35 17.64
N LEU A 121 -15.09 6.51 17.01
CA LEU A 121 -14.12 7.59 17.22
C LEU A 121 -14.28 8.13 18.64
N ASP A 122 -15.53 8.19 19.12
CA ASP A 122 -15.78 8.62 20.50
C ASP A 122 -15.25 7.63 21.54
N ILE A 123 -15.03 6.38 21.15
CA ILE A 123 -14.36 5.44 22.06
C ILE A 123 -12.84 5.67 22.02
N LEU A 124 -12.29 5.95 20.84
CA LEU A 124 -10.84 6.13 20.72
C LEU A 124 -10.34 7.39 21.43
N LEU A 125 -11.04 8.50 21.23
CA LEU A 125 -10.54 9.81 21.64
C LEU A 125 -10.22 9.97 23.15
N PRO A 126 -11.10 9.49 24.07
CA PRO A 126 -10.70 9.59 25.47
C PRO A 126 -9.50 8.71 25.81
N LYS A 127 -9.35 7.59 25.11
CA LYS A 127 -8.22 6.70 25.37
C LYS A 127 -6.89 7.31 24.91
N LEU A 128 -6.92 7.96 23.75
CA LEU A 128 -5.77 8.70 23.25
C LEU A 128 -5.41 9.83 24.22
N ALA A 129 -6.41 10.53 24.73
CA ALA A 129 -6.16 11.61 25.68
C ALA A 129 -5.51 11.06 26.97
N THR A 130 -5.89 9.84 27.37
CA THR A 130 -5.31 9.19 28.54
C THR A 130 -3.84 8.90 28.34
N VAL A 131 -3.51 8.34 27.17
CA VAL A 131 -2.11 8.09 26.83
C VAL A 131 -1.30 9.40 26.85
N ILE A 132 -1.80 10.43 26.18
CA ILE A 132 -1.17 11.75 26.17
C ILE A 132 -0.92 12.28 27.58
N SER A 133 -1.92 12.14 28.45
CA SER A 133 -1.82 12.60 29.84
C SER A 133 -0.75 11.85 30.65
N ARG A 134 -0.68 10.54 30.48
CA ARG A 134 0.28 9.74 31.23
C ARG A 134 1.68 10.00 30.75
N LEU A 135 1.84 10.21 29.44
CA LEU A 135 3.15 10.52 28.89
C LEU A 135 3.58 11.93 29.31
N ALA A 136 2.62 12.85 29.39
CA ALA A 136 2.91 14.21 29.83
C ALA A 136 3.41 14.23 31.28
N ASN A 137 2.79 13.43 32.16
CA ASN A 137 3.27 13.29 33.54
C ASN A 137 4.69 12.74 33.57
N PHE A 138 4.93 11.71 32.77
CA PHE A 138 6.25 11.13 32.63
C PHE A 138 7.26 12.18 32.16
N ALA A 139 6.86 13.00 31.18
CA ALA A 139 7.75 14.02 30.62
C ALA A 139 8.08 15.07 31.66
N LYS A 140 7.09 15.44 32.47
CA LYS A 140 7.29 16.44 33.51
C LYS A 140 8.23 15.90 34.57
N GLN A 141 7.97 14.67 35.01
CA GLN A 141 8.80 14.02 36.01
C GLN A 141 10.27 13.97 35.58
N TYR A 142 10.51 13.72 34.29
CA TYR A 142 11.86 13.51 33.82
C TYR A 142 12.36 14.66 32.96
N ARG A 143 11.81 15.85 33.17
CA ARG A 143 12.12 17.01 32.34
C ARG A 143 13.61 17.33 32.25
N ASP A 144 14.35 17.07 33.32
CA ASP A 144 15.74 17.51 33.35
C ASP A 144 16.74 16.39 33.66
N LEU A 145 16.33 15.15 33.40
CA LEU A 145 17.25 14.01 33.51
C LEU A 145 18.03 13.85 32.22
N PRO A 146 19.32 14.21 32.22
CA PRO A 146 20.08 14.18 30.95
C PRO A 146 20.19 12.78 30.41
N THR A 147 20.19 12.64 29.09
CA THR A 147 20.29 11.33 28.48
C THR A 147 20.97 11.51 27.12
N LEU A 148 21.74 10.52 26.68
CA LEU A 148 22.46 10.61 25.42
C LEU A 148 21.52 10.83 24.21
N GLY A 149 21.81 11.87 23.43
CA GLY A 149 21.04 12.12 22.23
C GLY A 149 21.43 11.10 21.18
N PHE A 150 20.51 10.79 20.28
CA PHE A 150 20.84 9.89 19.19
C PHE A 150 20.37 10.40 17.83
N THR A 151 21.32 10.59 16.92
CA THR A 151 20.98 10.79 15.51
C THR A 151 21.78 9.76 14.73
N HIS A 152 21.19 9.19 13.68
CA HIS A 152 21.73 8.02 12.99
C HIS A 152 21.86 6.85 13.95
N PHE A 153 21.16 6.92 15.08
CA PHE A 153 21.37 6.02 16.22
C PHE A 153 22.85 5.99 16.64
N GLN A 154 23.51 7.14 16.54
CA GLN A 154 24.88 7.35 17.05
C GLN A 154 24.88 8.46 18.10
N PRO A 155 25.85 8.43 19.05
CA PRO A 155 25.92 9.46 20.10
C PRO A 155 25.77 10.88 19.57
N ALA A 156 25.00 11.69 20.28
CA ALA A 156 24.70 13.04 19.81
C ALA A 156 24.45 13.91 21.01
N GLN A 157 24.44 15.23 20.82
CA GLN A 157 24.23 16.17 21.91
C GLN A 157 23.12 15.72 22.85
N LEU A 158 23.41 15.76 24.15
CA LEU A 158 22.47 15.25 25.14
C LEU A 158 21.09 15.88 25.05
N THR A 159 20.07 15.08 25.25
CA THR A 159 18.73 15.60 25.45
C THR A 159 18.32 15.14 26.86
N THR A 160 17.04 15.23 27.20
CA THR A 160 16.58 14.66 28.46
C THR A 160 15.50 13.62 28.17
N VAL A 161 15.35 12.69 29.11
CA VAL A 161 14.33 11.65 29.05
C VAL A 161 12.96 12.28 28.82
N GLY A 162 12.67 13.34 29.58
CA GLY A 162 11.44 14.09 29.41
C GLY A 162 11.28 14.71 28.03
N LYS A 163 12.31 15.40 27.55
CA LYS A 163 12.24 16.10 26.26
C LYS A 163 11.93 15.10 25.13
N ARG A 164 12.59 13.96 25.17
CA ARG A 164 12.39 12.92 24.17
C ARG A 164 10.94 12.43 24.20
N ALA A 165 10.40 12.25 25.41
CA ALA A 165 9.00 11.87 25.54
C ALA A 165 8.05 12.90 24.90
N THR A 166 8.41 14.19 24.92
CA THR A 166 7.54 15.20 24.32
C THR A 166 7.51 15.07 22.80
N LEU A 167 8.51 14.43 22.19
CA LEU A 167 8.43 14.13 20.76
C LEU A 167 7.28 13.13 20.50
N TRP A 168 7.19 12.12 21.36
CA TRP A 168 6.13 11.13 21.28
C TRP A 168 4.76 11.79 21.44
N ILE A 169 4.64 12.60 22.48
CA ILE A 169 3.42 13.33 22.80
C ILE A 169 2.99 14.27 21.67
N GLN A 170 3.96 14.95 21.06
CA GLN A 170 3.64 15.86 19.98
C GLN A 170 3.00 15.10 18.80
N GLU A 171 3.51 13.91 18.48
CA GLU A 171 2.88 13.14 17.41
C GLU A 171 1.47 12.74 17.79
N LEU A 172 1.28 12.33 19.04
CA LEU A 172 -0.05 11.93 19.51
C LEU A 172 -1.00 13.11 19.57
N LEU A 173 -0.49 14.31 19.83
CA LEU A 173 -1.32 15.52 19.80
C LEU A 173 -1.91 15.76 18.42
N TRP A 174 -1.14 15.45 17.37
CA TRP A 174 -1.64 15.62 16.01
C TRP A 174 -2.69 14.57 15.70
N ASP A 175 -2.51 13.37 16.24
CA ASP A 175 -3.53 12.33 16.12
C ASP A 175 -4.83 12.76 16.79
N LEU A 176 -4.73 13.38 17.96
CA LEU A 176 -5.90 13.91 18.66
C LEU A 176 -6.58 14.95 17.81
N ARG A 177 -5.79 15.86 17.26
CA ARG A 177 -6.28 16.86 16.33
C ARG A 177 -6.96 16.19 15.12
N ASN A 178 -6.24 15.28 14.45
CA ASN A 178 -6.76 14.66 13.22
C ASN A 178 -8.04 13.84 13.45
N LEU A 179 -8.09 13.13 14.57
CA LEU A 179 -9.20 12.25 14.83
C LEU A 179 -10.41 13.01 15.38
N GLN A 180 -10.18 14.09 16.11
CA GLN A 180 -11.28 14.97 16.52
C GLN A 180 -11.96 15.60 15.30
N ARG A 181 -11.16 15.99 14.30
CA ARG A 181 -11.71 16.54 13.05
C ARG A 181 -12.50 15.52 12.28
N ALA A 182 -11.93 14.33 12.13
CA ALA A 182 -12.58 13.26 11.41
C ALA A 182 -13.95 12.95 12.01
N ARG A 183 -14.02 12.95 13.34
CA ARG A 183 -15.30 12.73 14.03
C ARG A 183 -16.24 13.92 13.86
N ASP A 184 -15.74 15.14 14.05
CA ASP A 184 -16.59 16.31 13.90
C ASP A 184 -17.03 16.57 12.44
N ASP A 185 -16.25 16.10 11.47
CA ASP A 185 -16.59 16.33 10.06
C ASP A 185 -17.76 15.44 9.62
N LEU A 186 -18.06 14.41 10.40
CA LEU A 186 -19.04 13.41 9.94
C LEU A 186 -20.45 13.97 9.92
N GLY A 187 -21.13 13.78 8.80
CA GLY A 187 -22.55 14.08 8.68
C GLY A 187 -23.37 12.80 8.65
N PHE A 188 -24.68 12.94 8.47
CA PHE A 188 -25.60 11.80 8.38
C PHE A 188 -26.10 11.63 6.94
N ARG A 189 -26.11 10.39 6.42
CA ARG A 189 -26.70 10.19 5.09
C ARG A 189 -28.18 10.55 5.12
N GLY A 190 -28.87 10.17 6.19
CA GLY A 190 -30.29 10.43 6.29
C GLY A 190 -31.11 9.70 5.24
N VAL A 191 -32.15 10.34 4.75
CA VAL A 191 -33.08 9.73 3.79
C VAL A 191 -32.79 10.27 2.40
N LYS A 192 -32.35 9.40 1.50
CA LYS A 192 -31.82 9.86 0.21
C LYS A 192 -32.41 9.10 -0.97
N GLY A 193 -32.91 7.89 -0.71
CA GLY A 193 -33.54 7.09 -1.75
C GLY A 193 -32.51 6.32 -2.57
N THR A 194 -33.02 5.55 -3.53
CA THR A 194 -32.22 4.60 -4.31
C THR A 194 -30.99 5.18 -5.04
N THR A 195 -31.12 6.37 -5.63
CA THR A 195 -29.98 6.98 -6.32
C THR A 195 -29.67 8.36 -5.78
N GLY A 196 -30.22 8.67 -4.60
CA GLY A 196 -29.91 9.92 -3.92
C GLY A 196 -30.87 11.07 -4.24
N THR A 197 -31.92 10.80 -5.01
CA THR A 197 -32.83 11.86 -5.43
C THR A 197 -34.03 12.08 -4.50
N GLN A 198 -34.20 11.22 -3.49
CA GLN A 198 -35.34 11.31 -2.57
C GLN A 198 -36.71 11.25 -3.28
N ALA A 199 -36.75 10.58 -4.43
CA ALA A 199 -37.98 10.46 -5.21
C ALA A 199 -39.10 9.74 -4.43
N SER A 200 -38.76 8.64 -3.74
CA SER A 200 -39.77 7.90 -2.98
C SER A 200 -40.33 8.74 -1.83
N PHE A 201 -39.47 9.44 -1.11
CA PHE A 201 -39.95 10.31 -0.03
C PHE A 201 -40.75 11.51 -0.53
N LEU A 202 -40.34 12.08 -1.66
CA LEU A 202 -41.09 13.18 -2.25
C LEU A 202 -42.52 12.75 -2.61
N ALA A 203 -42.65 11.56 -3.18
CA ALA A 203 -43.95 11.01 -3.57
C ALA A 203 -44.77 10.70 -2.32
N LEU A 204 -44.09 10.21 -1.28
CA LEU A 204 -44.73 9.89 -0.01
C LEU A 204 -45.35 11.13 0.61
N PHE A 205 -44.70 12.27 0.42
CA PHE A 205 -45.19 13.53 0.97
C PHE A 205 -45.95 14.34 -0.08
N ASP A 206 -46.40 13.64 -1.11
CA ASP A 206 -47.23 14.21 -2.17
C ASP A 206 -46.62 15.47 -2.80
N GLY A 207 -45.31 15.47 -3.03
CA GLY A 207 -44.64 16.57 -3.70
C GLY A 207 -44.17 17.68 -2.78
N ASP A 208 -44.34 17.49 -1.48
CA ASP A 208 -43.94 18.53 -0.53
C ASP A 208 -42.44 18.49 -0.20
N HIS A 209 -41.67 19.33 -0.89
CA HIS A 209 -40.21 19.33 -0.75
C HIS A 209 -39.79 19.64 0.68
N ALA A 210 -40.52 20.52 1.34
CA ALA A 210 -40.14 20.94 2.68
C ALA A 210 -40.31 19.80 3.70
N LYS A 211 -41.27 18.92 3.47
CA LYS A 211 -41.43 17.76 4.35
C LYS A 211 -40.29 16.77 4.16
N VAL A 212 -39.83 16.61 2.92
CA VAL A 212 -38.68 15.75 2.68
C VAL A 212 -37.43 16.28 3.38
N GLU A 213 -37.21 17.59 3.26
CA GLU A 213 -36.07 18.23 3.88
C GLU A 213 -36.17 18.12 5.40
N ALA A 214 -37.38 18.27 5.92
CA ALA A 214 -37.59 18.20 7.35
C ALA A 214 -37.32 16.77 7.86
N LEU A 215 -37.73 15.78 7.07
CA LEU A 215 -37.49 14.38 7.43
C LEU A 215 -35.97 14.14 7.51
N ASP A 216 -35.24 14.60 6.50
CA ASP A 216 -33.79 14.41 6.47
C ASP A 216 -33.13 15.06 7.70
N LYS A 217 -33.53 16.30 8.00
CA LYS A 217 -32.99 16.99 9.16
C LYS A 217 -33.37 16.31 10.47
N ARG A 218 -34.58 15.78 10.54
CA ARG A 218 -35.05 15.17 11.77
C ARG A 218 -34.31 13.89 12.14
N VAL A 219 -34.14 12.97 11.20
CA VAL A 219 -33.47 11.72 11.53
C VAL A 219 -31.98 12.01 11.86
N THR A 220 -31.43 13.03 11.22
CA THR A 220 -30.07 13.52 11.50
C THR A 220 -29.92 13.96 12.96
N GLU A 221 -30.85 14.82 13.39
CA GLU A 221 -30.91 15.28 14.77
C GLU A 221 -31.10 14.12 15.77
N LEU A 222 -31.92 13.14 15.42
CA LEU A 222 -32.22 12.04 16.33
C LEU A 222 -31.02 11.18 16.62
N PHE A 223 -30.03 11.17 15.73
CA PHE A 223 -28.80 10.44 15.99
C PHE A 223 -27.60 11.33 16.28
N GLY A 224 -27.89 12.58 16.66
CA GLY A 224 -26.83 13.45 17.14
C GLY A 224 -25.81 13.94 16.12
N PHE A 225 -26.14 13.91 14.83
CA PHE A 225 -25.22 14.39 13.80
C PHE A 225 -25.42 15.88 13.52
N PRO A 226 -24.35 16.57 13.08
CA PRO A 226 -24.44 18.02 12.91
C PRO A 226 -25.16 18.48 11.63
N TYR A 227 -25.22 17.64 10.60
CA TYR A 227 -25.91 17.98 9.34
C TYR A 227 -26.18 16.70 8.56
N ALA A 228 -27.13 16.76 7.62
CA ALA A 228 -27.30 15.69 6.65
C ALA A 228 -26.50 16.00 5.40
N TYR A 229 -25.87 14.99 4.81
CA TYR A 229 -25.15 15.20 3.54
C TYR A 229 -26.07 15.82 2.50
N PRO A 230 -25.64 16.96 1.94
CA PRO A 230 -26.50 17.68 0.99
C PRO A 230 -26.68 16.95 -0.35
N VAL A 231 -25.66 16.23 -0.82
CA VAL A 231 -25.76 15.51 -2.09
C VAL A 231 -25.09 14.14 -2.03
N THR A 232 -25.87 13.11 -2.34
CA THR A 232 -25.36 11.74 -2.37
C THR A 232 -25.94 11.03 -3.57
N GLY A 233 -25.31 9.92 -3.95
CA GLY A 233 -25.93 8.93 -4.80
C GLY A 233 -26.66 8.01 -3.84
N GLN A 234 -26.58 6.70 -4.06
CA GLN A 234 -27.21 5.74 -3.14
C GLN A 234 -26.57 5.75 -1.75
N THR A 235 -25.28 6.01 -1.70
CA THR A 235 -24.50 5.86 -0.47
C THR A 235 -23.92 7.17 0.00
N TYR A 236 -23.48 7.22 1.26
CA TYR A 236 -22.57 8.32 1.60
C TYR A 236 -21.31 8.06 0.78
N SER A 237 -20.61 9.13 0.38
CA SER A 237 -19.37 9.00 -0.38
C SER A 237 -18.32 8.16 0.34
N ARG A 238 -17.74 7.18 -0.35
CA ARG A 238 -16.74 6.32 0.27
C ARG A 238 -15.41 7.07 0.50
N LYS A 239 -15.31 8.30 0.00
CA LYS A 239 -14.16 9.14 0.33
C LYS A 239 -14.11 9.38 1.84
N ILE A 240 -15.28 9.36 2.48
CA ILE A 240 -15.40 9.58 3.90
C ILE A 240 -14.68 8.49 4.71
N ASP A 241 -14.75 7.25 4.24
CA ASP A 241 -14.03 6.15 4.86
C ASP A 241 -12.52 6.42 4.78
N ALA A 242 -12.07 6.91 3.63
CA ALA A 242 -10.64 7.22 3.48
C ALA A 242 -10.24 8.37 4.40
N ASP A 243 -11.13 9.35 4.57
CA ASP A 243 -10.76 10.52 5.37
C ASP A 243 -10.81 10.22 6.87
N VAL A 244 -11.37 9.06 7.22
CA VAL A 244 -11.26 8.60 8.61
C VAL A 244 -10.06 7.67 8.81
N LEU A 245 -9.92 6.70 7.91
CA LEU A 245 -8.83 5.71 8.06
C LEU A 245 -7.46 6.28 7.68
N GLY A 246 -7.45 7.40 6.96
CA GLY A 246 -6.21 8.12 6.69
C GLY A 246 -5.56 8.53 8.00
N PRO A 247 -6.26 9.37 8.79
CA PRO A 247 -5.79 9.71 10.13
C PRO A 247 -5.44 8.48 10.97
N LEU A 248 -6.19 7.38 10.85
CA LEU A 248 -5.88 6.20 11.65
C LEU A 248 -4.54 5.57 11.24
N SER A 249 -4.26 5.53 9.94
CA SER A 249 -2.98 5.05 9.43
C SER A 249 -1.79 5.93 9.89
N SER A 250 -1.98 7.24 9.90
CA SER A 250 -0.99 8.15 10.46
C SER A 250 -0.77 7.83 11.95
N PHE A 251 -1.85 7.59 12.69
CA PHE A 251 -1.74 7.23 14.11
C PHE A 251 -0.97 5.92 14.26
N GLY A 252 -1.18 4.99 13.33
CA GLY A 252 -0.39 3.77 13.25
C GLY A 252 1.11 4.08 13.16
N ALA A 253 1.50 4.96 12.24
CA ALA A 253 2.90 5.36 12.14
C ALA A 253 3.44 5.95 13.45
N THR A 254 2.62 6.75 14.14
CA THR A 254 2.99 7.32 15.43
C THR A 254 3.26 6.25 16.48
N VAL A 255 2.34 5.31 16.60
CA VAL A 255 2.48 4.23 17.56
C VAL A 255 3.75 3.45 17.26
N HIS A 256 3.96 3.12 15.99
CA HIS A 256 5.12 2.34 15.57
C HIS A 256 6.45 3.04 15.95
N LYS A 257 6.53 4.36 15.75
CA LYS A 257 7.74 5.09 16.07
C LYS A 257 8.01 5.13 17.57
N ILE A 258 6.97 5.42 18.34
CA ILE A 258 7.09 5.49 19.78
C ILE A 258 7.57 4.16 20.33
N ALA A 259 6.92 3.09 19.90
CA ALA A 259 7.24 1.76 20.41
C ALA A 259 8.59 1.27 19.91
N THR A 260 8.97 1.67 18.70
CA THR A 260 10.28 1.32 18.18
C THR A 260 11.33 2.03 19.06
N ASP A 261 11.11 3.31 19.37
CA ASP A 261 12.03 4.06 20.24
C ASP A 261 12.24 3.38 21.59
N ILE A 262 11.15 2.96 22.23
CA ILE A 262 11.24 2.31 23.53
C ILE A 262 11.94 0.95 23.41
N ARG A 263 11.68 0.22 22.32
CA ARG A 263 12.38 -1.04 22.08
C ARG A 263 13.91 -0.84 21.95
N LEU A 264 14.33 0.29 21.37
CA LEU A 264 15.77 0.58 21.30
C LEU A 264 16.30 0.94 22.68
N LEU A 265 15.58 1.82 23.37
CA LEU A 265 15.95 2.25 24.70
C LEU A 265 15.99 1.07 25.68
N ALA A 266 15.12 0.08 25.48
CA ALA A 266 15.10 -1.12 26.33
C ALA A 266 16.34 -1.96 26.09
N ASN A 267 16.78 -2.04 24.85
CA ASN A 267 18.03 -2.76 24.56
C ASN A 267 19.20 -2.08 25.29
N LEU A 268 19.13 -0.75 25.36
CA LEU A 268 20.17 0.04 26.01
C LEU A 268 20.02 0.04 27.55
N LYS A 269 18.98 -0.64 28.02
CA LYS A 269 18.68 -0.79 29.46
C LYS A 269 18.39 0.56 30.14
N GLU A 270 17.99 1.54 29.36
CA GLU A 270 17.71 2.89 29.85
C GLU A 270 16.24 3.11 30.22
N ILE A 271 15.35 2.69 29.33
CA ILE A 271 13.92 2.74 29.57
C ILE A 271 13.36 1.36 29.34
N GLU A 272 12.42 0.93 30.19
CA GLU A 272 11.80 -0.39 30.07
C GLU A 272 10.30 -0.29 30.27
N GLU A 273 9.56 -1.30 29.81
CA GLU A 273 8.12 -1.34 30.04
C GLU A 273 7.81 -1.62 31.51
N PRO A 274 6.65 -1.15 32.00
CA PRO A 274 6.21 -1.40 33.39
C PRO A 274 6.25 -2.89 33.78
N PHE A 275 6.42 -3.17 35.07
CA PHE A 275 6.50 -4.55 35.59
C PHE A 275 5.17 -5.27 35.61
N ALA A 286 13.73 -9.66 37.54
CA ALA A 286 14.32 -10.31 36.37
C ALA A 286 15.25 -9.37 35.63
N TYR A 287 16.49 -9.81 35.41
CA TYR A 287 17.49 -8.99 34.76
C TYR A 287 17.16 -8.71 33.28
N LYS A 288 16.85 -9.76 32.53
CA LYS A 288 16.51 -9.59 31.13
C LYS A 288 15.00 -9.52 30.95
N ARG A 289 14.55 -8.48 30.25
CA ARG A 289 13.13 -8.27 29.99
C ARG A 289 12.91 -7.90 28.51
N ASN A 290 11.87 -8.45 27.91
CA ASN A 290 11.51 -8.12 26.53
C ASN A 290 10.42 -7.06 26.48
N PRO A 291 10.60 -6.04 25.62
CA PRO A 291 9.53 -5.05 25.52
C PRO A 291 8.34 -5.58 24.70
N MET A 292 7.61 -6.54 25.29
CA MET A 292 6.58 -7.29 24.58
C MET A 292 5.37 -6.47 24.14
N ARG A 293 4.96 -5.51 24.98
CA ARG A 293 3.86 -4.64 24.61
C ARG A 293 4.23 -3.78 23.41
N CYS A 294 5.44 -3.22 23.44
CA CYS A 294 5.93 -2.39 22.35
C CYS A 294 6.00 -3.19 21.06
N GLU A 295 6.41 -4.45 21.16
CA GLU A 295 6.52 -5.29 19.98
C GLU A 295 5.13 -5.58 19.42
N ARG A 296 4.16 -5.83 20.29
CA ARG A 296 2.79 -6.03 19.84
C ARG A 296 2.24 -4.73 19.23
N ALA A 297 2.53 -3.60 19.86
CA ALA A 297 2.09 -2.30 19.38
C ALA A 297 2.56 -2.09 17.94
N CYS A 298 3.85 -2.32 17.69
CA CYS A 298 4.39 -2.15 16.34
C CYS A 298 3.69 -3.06 15.33
N SER A 299 3.52 -4.32 15.73
CA SER A 299 2.93 -5.33 14.87
C SER A 299 1.55 -4.92 14.36
N LEU A 300 0.70 -4.42 15.26
CA LEU A 300 -0.66 -4.07 14.87
C LEU A 300 -0.75 -2.67 14.24
N ALA A 301 0.15 -1.77 14.65
CA ALA A 301 0.24 -0.44 14.04
C ALA A 301 0.51 -0.58 12.54
N ARG A 302 1.30 -1.58 12.19
CA ARG A 302 1.66 -1.87 10.81
C ARG A 302 0.39 -2.23 10.04
N HIS A 303 -0.51 -2.98 10.68
CA HIS A 303 -1.77 -3.39 10.00
C HIS A 303 -2.60 -2.17 9.69
N LEU A 304 -2.66 -1.26 10.66
CA LEU A 304 -3.41 -0.02 10.55
C LEU A 304 -2.87 0.83 9.40
N MET A 305 -1.57 0.74 9.18
CA MET A 305 -0.90 1.49 8.13
C MET A 305 -1.25 0.92 6.77
N ALA A 306 -1.35 -0.40 6.68
CA ALA A 306 -1.56 -1.05 5.39
C ALA A 306 -3.04 -1.03 4.96
N ILE A 307 -3.94 -1.12 5.93
CA ILE A 307 -5.35 -1.36 5.62
C ILE A 307 -6.01 -0.11 4.99
N TYR A 308 -5.43 1.06 5.22
CA TYR A 308 -5.94 2.32 4.64
C TYR A 308 -6.05 2.26 3.12
N GLN A 309 -5.12 1.55 2.49
CA GLN A 309 -5.09 1.47 1.03
C GLN A 309 -6.41 0.94 0.47
N ASN A 310 -7.08 0.06 1.23
CA ASN A 310 -8.41 -0.44 0.87
C ASN A 310 -9.40 0.67 0.56
N THR A 311 -9.40 1.69 1.43
CA THR A 311 -10.35 2.78 1.28
C THR A 311 -10.02 3.64 0.04
N LEU A 312 -8.73 3.93 -0.19
CA LEU A 312 -8.35 4.62 -1.41
C LEU A 312 -8.82 3.86 -2.63
N MET A 313 -8.51 2.56 -2.69
CA MET A 313 -8.86 1.79 -3.86
C MET A 313 -10.39 1.71 -4.02
N THR A 314 -11.10 1.44 -2.92
CA THR A 314 -12.56 1.41 -2.95
C THR A 314 -13.17 2.71 -3.51
N SER A 315 -12.74 3.85 -2.97
CA SER A 315 -13.29 5.13 -3.39
C SER A 315 -13.00 5.44 -4.86
N SER A 316 -11.82 5.02 -5.33
CA SER A 316 -11.33 5.38 -6.65
C SER A 316 -12.10 4.71 -7.79
N VAL A 317 -12.81 3.63 -7.48
CA VAL A 317 -13.53 2.89 -8.53
C VAL A 317 -15.01 2.63 -8.18
N GLN A 318 -15.57 3.48 -7.32
CA GLN A 318 -17.02 3.56 -7.15
C GLN A 318 -17.65 4.23 -8.38
N TRP A 319 -18.29 3.44 -9.22
CA TRP A 319 -18.86 3.97 -10.47
C TRP A 319 -20.20 4.67 -10.25
N LEU A 320 -20.26 5.96 -10.61
CA LEU A 320 -21.52 6.69 -10.73
C LEU A 320 -22.29 6.68 -9.40
N GLU A 321 -23.56 6.24 -9.37
CA GLU A 321 -24.34 6.41 -8.14
C GLU A 321 -24.06 5.38 -7.06
N ARG A 322 -23.31 4.33 -7.43
CA ARG A 322 -22.73 3.33 -6.53
C ARG A 322 -22.48 2.00 -7.22
N THR A 323 -21.37 1.35 -6.88
CA THR A 323 -21.18 -0.06 -7.26
C THR A 323 -21.05 -0.88 -5.97
N LEU A 324 -21.49 -2.14 -6.00
CA LEU A 324 -21.51 -2.92 -4.76
C LEU A 324 -20.15 -3.54 -4.39
N ASP A 325 -19.08 -3.14 -5.07
CA ASP A 325 -17.76 -3.70 -4.72
C ASP A 325 -17.16 -2.96 -3.53
N ASP A 326 -17.94 -2.10 -2.88
CA ASP A 326 -17.53 -1.50 -1.62
C ASP A 326 -17.89 -2.39 -0.43
N SER A 327 -18.94 -3.19 -0.58
CA SER A 327 -19.60 -3.82 0.57
C SER A 327 -18.78 -4.84 1.37
N ALA A 328 -18.28 -5.88 0.73
CA ALA A 328 -17.55 -6.93 1.45
C ALA A 328 -16.25 -6.35 2.02
N ASN A 329 -15.57 -5.52 1.25
CA ASN A 329 -14.32 -4.93 1.73
C ASN A 329 -14.57 -4.11 3.01
N ARG A 330 -15.61 -3.29 3.01
CA ARG A 330 -15.86 -2.43 4.16
C ARG A 330 -16.26 -3.21 5.43
N ARG A 331 -16.90 -4.38 5.27
CA ARG A 331 -17.24 -5.21 6.42
C ARG A 331 -15.98 -5.72 7.13
N VAL A 332 -14.86 -5.71 6.41
CA VAL A 332 -13.57 -6.12 6.98
C VAL A 332 -12.79 -4.89 7.42
N THR A 333 -12.58 -3.98 6.48
CA THR A 333 -11.68 -2.86 6.67
C THR A 333 -12.12 -1.89 7.78
N ILE A 334 -13.39 -1.53 7.84
CA ILE A 334 -13.78 -0.54 8.84
C ILE A 334 -13.70 -1.09 10.30
N PRO A 335 -14.34 -2.25 10.61
CA PRO A 335 -14.18 -2.77 11.97
C PRO A 335 -12.75 -3.09 12.37
N GLU A 336 -11.97 -3.67 11.46
CA GLU A 336 -10.59 -4.02 11.81
C GLU A 336 -9.74 -2.80 12.11
N ALA A 337 -9.94 -1.73 11.37
CA ALA A 337 -9.18 -0.51 11.63
C ALA A 337 -9.48 0.00 13.03
N PHE A 338 -10.76 -0.01 13.41
CA PHE A 338 -11.14 0.58 14.70
C PHE A 338 -10.76 -0.35 15.86
N LEU A 339 -10.87 -1.65 15.65
CA LEU A 339 -10.45 -2.62 16.65
C LEU A 339 -8.94 -2.55 16.88
N THR A 340 -8.21 -2.45 15.78
CA THR A 340 -6.76 -2.38 15.84
C THR A 340 -6.36 -1.10 16.57
N ALA A 341 -6.91 0.04 16.14
CA ALA A 341 -6.64 1.32 16.80
C ALA A 341 -6.95 1.26 18.29
N ASP A 342 -8.03 0.59 18.63
CA ASP A 342 -8.46 0.47 20.02
C ASP A 342 -7.48 -0.41 20.82
N ILE A 343 -7.04 -1.53 20.25
CA ILE A 343 -6.03 -2.36 20.88
C ILE A 343 -4.71 -1.59 21.08
N LEU A 344 -4.31 -0.78 20.10
CA LEU A 344 -3.10 0.03 20.23
C LEU A 344 -3.17 1.01 21.40
N LEU A 345 -4.31 1.69 21.53
CA LEU A 345 -4.48 2.68 22.59
C LEU A 345 -4.47 2.04 23.97
N THR A 346 -5.12 0.88 24.07
CA THR A 346 -5.11 0.09 25.31
C THR A 346 -3.69 -0.31 25.66
N THR A 347 -2.94 -0.77 24.64
CA THR A 347 -1.55 -1.18 24.82
C THR A 347 -0.67 0.00 25.23
N LEU A 348 -0.80 1.12 24.52
CA LEU A 348 -0.05 2.33 24.88
C LEU A 348 -0.41 2.83 26.28
N GLN A 349 -1.68 2.67 26.67
CA GLN A 349 -2.13 3.02 28.02
C GLN A 349 -1.38 2.18 29.07
N ASN A 350 -1.23 0.90 28.80
CA ASN A 350 -0.49 0.03 29.69
C ASN A 350 1.01 0.36 29.74
N ILE A 351 1.55 0.73 28.60
CA ILE A 351 2.96 1.08 28.50
C ILE A 351 3.26 2.39 29.24
N SER A 352 2.40 3.39 29.05
CA SER A 352 2.72 4.72 29.54
C SER A 352 2.48 4.86 31.04
N GLU A 353 1.81 3.90 31.65
CA GLU A 353 1.58 3.97 33.09
C GLU A 353 2.68 3.24 33.86
N GLY A 354 3.78 3.93 34.09
CA GLY A 354 4.85 3.36 34.87
C GLY A 354 6.02 2.87 34.03
N LEU A 355 6.41 3.65 33.03
CA LEU A 355 7.66 3.41 32.32
C LEU A 355 8.80 3.33 33.33
N VAL A 356 9.67 2.32 33.17
CA VAL A 356 10.79 2.15 34.08
C VAL A 356 12.07 2.79 33.53
N VAL A 357 12.63 3.72 34.32
CA VAL A 357 13.85 4.45 33.95
C VAL A 357 15.05 4.04 34.82
N TYR A 358 16.21 3.86 34.21
CA TYR A 358 17.42 3.56 34.96
C TYR A 358 18.47 4.67 34.85
N PRO A 359 18.38 5.69 35.71
CA PRO A 359 19.28 6.85 35.70
C PRO A 359 20.75 6.49 35.76
N ARG A 360 21.10 5.40 36.43
CA ARG A 360 22.52 5.03 36.55
C ARG A 360 23.05 4.39 35.25
N VAL A 361 22.18 3.70 34.50
CA VAL A 361 22.55 3.18 33.18
C VAL A 361 22.71 4.32 32.18
N ILE A 362 21.72 5.21 32.18
CA ILE A 362 21.75 6.42 31.38
C ILE A 362 23.02 7.22 31.71
N GLY A 363 23.33 7.35 32.99
CA GLY A 363 24.46 8.14 33.44
C GLY A 363 25.78 7.53 33.01
N ARG A 364 25.83 6.21 33.05
CA ARG A 364 27.03 5.49 32.61
C ARG A 364 27.30 5.73 31.13
N ARG A 365 26.26 5.63 30.31
CA ARG A 365 26.42 5.79 28.87
C ARG A 365 26.89 7.21 28.57
N ILE A 366 26.31 8.19 29.26
CA ILE A 366 26.74 9.58 29.11
C ILE A 366 28.25 9.72 29.45
N SER A 367 28.68 9.10 30.53
CA SER A 367 30.10 9.20 30.90
C SER A 367 31.01 8.56 29.85
N GLN A 368 30.50 7.58 29.12
CA GLN A 368 31.31 6.90 28.09
C GLN A 368 31.33 7.67 26.76
N GLU A 369 30.38 8.56 26.54
CA GLU A 369 30.25 9.19 25.23
C GLU A 369 30.46 10.68 25.28
N LEU A 370 29.98 11.33 26.34
CA LEU A 370 30.09 12.79 26.44
C LEU A 370 31.53 13.35 26.33
N PRO A 371 32.54 12.66 26.90
CA PRO A 371 33.85 13.31 26.80
C PRO A 371 34.30 13.56 25.35
N PHE A 372 33.98 12.65 24.43
CA PHE A 372 34.31 12.87 23.02
C PHE A 372 33.60 14.09 22.45
N MET A 373 32.53 14.53 23.11
CA MET A 373 31.74 15.67 22.65
C MET A 373 31.99 16.92 23.47
N ALA A 374 32.87 16.82 24.47
CA ALA A 374 33.15 17.96 25.35
C ALA A 374 34.51 18.59 25.07
N THR A 375 35.12 18.25 23.94
CA THR A 375 36.49 18.67 23.69
C THR A 375 36.61 20.18 23.46
N GLU A 376 35.56 20.80 22.96
CA GLU A 376 35.56 22.26 22.78
C GLU A 376 35.41 23.00 24.11
N ASN A 377 34.67 22.43 25.06
CA ASN A 377 34.57 23.01 26.39
C ASN A 377 35.95 23.02 27.10
N ILE A 378 36.71 21.94 26.90
CA ILE A 378 38.05 21.86 27.46
C ILE A 378 38.94 22.94 26.84
N ILE A 379 38.90 23.09 25.52
CA ILE A 379 39.68 24.13 24.85
C ILE A 379 39.34 25.51 25.39
N MET A 380 38.05 25.82 25.48
CA MET A 380 37.59 27.10 26.01
C MET A 380 38.12 27.36 27.43
N ALA A 381 38.11 26.32 28.26
CA ALA A 381 38.58 26.44 29.64
C ALA A 381 40.08 26.76 29.68
N ILE A 382 40.87 26.01 28.90
CA ILE A 382 42.30 26.26 28.78
C ILE A 382 42.58 27.68 28.29
N VAL A 383 41.89 28.11 27.25
CA VAL A 383 42.12 29.43 26.67
C VAL A 383 41.79 30.52 27.69
N LYS A 384 40.68 30.38 28.40
CA LYS A 384 40.31 31.37 29.41
C LYS A 384 41.33 31.49 30.53
N ALA A 385 42.01 30.38 30.85
CA ALA A 385 43.05 30.41 31.88
C ALA A 385 44.40 30.84 31.28
N GLY A 386 44.37 31.35 30.05
CA GLY A 386 45.55 31.92 29.43
C GLY A 386 46.30 31.01 28.48
N GLY A 387 45.64 29.94 28.01
CA GLY A 387 46.27 28.99 27.11
C GLY A 387 46.07 29.28 25.63
N ASP A 388 46.64 28.42 24.79
CA ASP A 388 46.55 28.57 23.35
C ASP A 388 45.61 27.54 22.73
N ARG A 389 44.65 28.03 21.94
CA ARG A 389 43.61 27.19 21.34
C ARG A 389 44.18 26.09 20.45
N GLN A 390 45.02 26.46 19.51
CA GLN A 390 45.57 25.49 18.57
C GLN A 390 46.42 24.43 19.29
N GLU A 391 47.12 24.84 20.34
CA GLU A 391 47.91 23.90 21.12
C GLU A 391 47.01 22.92 21.87
N CYS A 392 45.98 23.46 22.50
CA CYS A 392 45.04 22.63 23.26
C CYS A 392 44.25 21.72 22.32
N HIS A 393 43.84 22.25 21.18
CA HIS A 393 43.05 21.47 20.22
C HIS A 393 43.82 20.23 19.76
N GLU A 394 45.10 20.42 19.44
CA GLU A 394 45.97 19.32 19.03
C GLU A 394 46.21 18.32 20.17
N LYS A 395 46.38 18.80 21.39
CA LYS A 395 46.66 17.89 22.50
C LYS A 395 45.43 17.03 22.80
N ILE A 396 44.27 17.68 22.89
CA ILE A 396 43.04 16.96 23.18
C ILE A 396 42.66 16.02 22.03
N ARG A 397 43.05 16.37 20.80
CA ARG A 397 42.80 15.50 19.64
C ARG A 397 43.60 14.19 19.70
N VAL A 398 44.86 14.28 20.12
CA VAL A 398 45.71 13.12 20.29
C VAL A 398 45.16 12.17 21.35
N LEU A 399 44.79 12.73 22.49
CA LEU A 399 44.22 11.97 23.60
C LEU A 399 42.87 11.33 23.22
N SER A 400 42.06 12.06 22.45
CA SER A 400 40.77 11.55 21.97
C SER A 400 40.96 10.33 21.08
N HIS A 401 41.87 10.41 20.11
CA HIS A 401 42.22 9.25 19.27
C HIS A 401 42.63 8.05 20.11
N GLN A 402 43.49 8.27 21.10
CA GLN A 402 43.95 7.18 21.96
C GLN A 402 42.81 6.53 22.73
N ALA A 403 41.96 7.35 23.34
CA ALA A 403 40.79 6.86 24.04
C ALA A 403 39.83 6.13 23.08
N GLY A 404 39.66 6.66 21.88
CA GLY A 404 38.82 6.02 20.87
C GLY A 404 39.30 4.61 20.54
N ALA A 405 40.63 4.47 20.41
CA ALA A 405 41.21 3.16 20.14
C ALA A 405 41.04 2.18 21.31
N VAL A 406 41.07 2.68 22.55
CA VAL A 406 40.88 1.78 23.69
C VAL A 406 39.46 1.22 23.68
N VAL A 407 38.49 2.10 23.42
CA VAL A 407 37.10 1.66 23.29
C VAL A 407 36.95 0.64 22.17
N LYS A 408 37.31 1.04 20.94
CA LYS A 408 36.97 0.20 19.78
C LYS A 408 37.91 -0.96 19.58
N GLU A 409 39.22 -0.72 19.70
CA GLU A 409 40.19 -1.74 19.35
C GLU A 409 40.59 -2.60 20.54
N GLU A 410 40.39 -2.10 21.76
CA GLU A 410 40.70 -2.88 22.96
C GLU A 410 39.47 -3.29 23.74
N GLY A 411 38.31 -2.77 23.34
CA GLY A 411 37.06 -3.05 24.03
C GLY A 411 37.09 -2.64 25.50
N GLY A 412 37.77 -1.53 25.78
CA GLY A 412 37.86 -1.03 27.14
C GLY A 412 36.89 0.11 27.35
N GLU A 413 37.00 0.76 28.49
CA GLU A 413 36.19 1.94 28.80
C GLU A 413 36.81 3.20 28.21
N ASN A 414 36.06 4.28 28.17
CA ASN A 414 36.56 5.56 27.70
C ASN A 414 37.44 6.21 28.77
N ASP A 415 38.73 6.33 28.49
CA ASP A 415 39.67 6.86 29.50
C ASP A 415 40.14 8.26 29.16
N LEU A 416 39.40 8.95 28.29
CA LEU A 416 39.81 10.28 27.84
C LEU A 416 39.96 11.25 29.01
N ILE A 417 39.01 11.22 29.94
CA ILE A 417 39.07 12.13 31.07
C ILE A 417 40.24 11.78 32.00
N ASP A 418 40.56 10.50 32.10
CA ASP A 418 41.71 10.06 32.90
C ASP A 418 42.98 10.60 32.29
N ARG A 419 43.08 10.50 30.98
CA ARG A 419 44.25 10.99 30.26
C ARG A 419 44.44 12.49 30.47
N VAL A 420 43.34 13.22 30.50
CA VAL A 420 43.41 14.65 30.77
C VAL A 420 43.88 14.87 32.22
N LYS A 421 43.32 14.11 33.15
CA LYS A 421 43.63 14.25 34.58
C LYS A 421 45.09 13.92 34.88
N ASN A 422 45.69 13.06 34.05
CA ASN A 422 47.09 12.70 34.19
C ASN A 422 48.08 13.56 33.41
N ASP A 423 47.57 14.44 32.55
CA ASP A 423 48.44 15.30 31.73
C ASP A 423 48.57 16.69 32.33
N GLU A 424 49.77 17.01 32.81
CA GLU A 424 50.05 18.28 33.49
C GLU A 424 49.73 19.49 32.63
N TYR A 425 49.69 19.32 31.31
CA TYR A 425 49.28 20.40 30.43
C TYR A 425 47.92 20.95 30.84
N PHE A 426 47.07 20.08 31.42
CA PHE A 426 45.71 20.47 31.72
C PHE A 426 45.53 20.95 33.17
N LYS A 427 46.66 21.08 33.88
CA LYS A 427 46.68 21.61 35.24
C LYS A 427 45.80 22.85 35.47
N PRO A 428 45.79 23.81 34.51
CA PRO A 428 44.92 24.96 34.79
C PRO A 428 43.42 24.65 34.84
N ILE A 429 43.00 23.46 34.41
CA ILE A 429 41.57 23.16 34.45
C ILE A 429 41.21 21.92 35.27
N TRP A 430 42.19 21.30 35.91
CA TRP A 430 41.90 20.13 36.76
C TRP A 430 40.85 20.43 37.81
N GLY A 431 40.91 21.64 38.37
CA GLY A 431 40.02 22.02 39.44
C GLY A 431 38.57 22.10 39.00
N GLN A 432 38.35 22.51 37.75
CA GLN A 432 36.99 22.72 37.27
C GLN A 432 36.48 21.58 36.39
N LEU A 433 37.30 20.54 36.22
CA LEU A 433 36.98 19.48 35.26
C LEU A 433 35.64 18.80 35.52
N ASP A 434 35.32 18.50 36.77
CA ASP A 434 34.06 17.81 37.07
C ASP A 434 32.85 18.70 36.79
N ALA A 435 33.01 20.00 37.00
CA ALA A 435 31.95 20.94 36.64
C ALA A 435 31.87 21.06 35.11
N LEU A 436 33.02 21.01 34.46
CA LEU A 436 33.13 21.16 33.01
C LEU A 436 32.44 20.00 32.27
N LEU A 437 32.37 18.84 32.91
CA LEU A 437 31.75 17.69 32.28
C LEU A 437 30.43 17.32 32.95
N ASP A 438 29.81 18.29 33.60
CA ASP A 438 28.52 18.08 34.26
C ASP A 438 27.44 17.97 33.17
N PRO A 439 26.88 16.76 32.99
CA PRO A 439 25.93 16.53 31.88
C PRO A 439 24.76 17.51 31.89
N ARG A 440 24.37 18.01 33.07
CA ARG A 440 23.26 18.94 33.16
C ARG A 440 23.52 20.24 32.41
N THR A 441 24.79 20.60 32.20
CA THR A 441 25.11 21.80 31.43
C THR A 441 25.15 21.58 29.92
N PHE A 442 24.95 20.34 29.47
CA PHE A 442 25.04 20.01 28.04
C PHE A 442 23.69 19.81 27.34
N VAL A 443 22.59 19.94 28.07
CA VAL A 443 21.26 19.60 27.54
C VAL A 443 20.53 20.77 26.88
N GLY A 444 21.26 21.86 26.63
CA GLY A 444 20.66 23.03 26.00
C GLY A 444 19.44 23.49 26.76
N ARG A 445 18.36 23.76 26.03
CA ARG A 445 17.10 24.18 26.62
C ARG A 445 16.08 23.04 26.82
N ALA A 446 16.51 21.80 26.72
CA ALA A 446 15.59 20.67 26.80
C ALA A 446 14.58 20.73 27.96
N PRO A 447 15.02 21.10 29.19
CA PRO A 447 14.04 21.15 30.28
C PRO A 447 13.01 22.27 30.12
N GLU A 448 13.46 23.44 29.67
CA GLU A 448 12.59 24.57 29.44
C GLU A 448 11.59 24.30 28.31
N GLN A 449 12.04 23.53 27.32
CA GLN A 449 11.21 23.20 26.16
C GLN A 449 10.06 22.33 26.60
N VAL A 450 10.34 21.40 27.52
CA VAL A 450 9.30 20.55 28.09
C VAL A 450 8.24 21.40 28.78
N ASP A 451 8.70 22.29 29.66
CA ASP A 451 7.82 23.18 30.40
C ASP A 451 6.87 23.95 29.49
N GLY A 452 7.43 24.62 28.48
CA GLY A 452 6.63 25.41 27.58
C GLY A 452 5.62 24.57 26.81
N PHE A 453 6.06 23.39 26.38
CA PHE A 453 5.22 22.48 25.60
C PHE A 453 4.03 21.97 26.40
N LEU A 454 4.28 21.54 27.63
CA LEU A 454 3.22 21.02 28.48
C LEU A 454 2.20 22.10 28.77
N LYS A 455 2.68 23.31 29.08
CA LYS A 455 1.79 24.40 29.40
C LYS A 455 1.07 24.95 28.18
N GLU A 456 1.78 25.14 27.07
CA GLU A 456 1.18 25.84 25.93
C GLU A 456 0.44 24.93 24.95
N TRP A 457 0.78 23.64 24.89
CA TRP A 457 0.18 22.75 23.91
C TRP A 457 -0.58 21.57 24.52
N VAL A 458 0.05 20.86 25.44
CA VAL A 458 -0.56 19.63 25.97
C VAL A 458 -1.80 19.93 26.80
N GLU A 459 -1.67 20.79 27.80
CA GLU A 459 -2.80 21.06 28.70
C GLU A 459 -4.04 21.66 27.98
N PRO A 460 -3.84 22.63 27.07
CA PRO A 460 -5.03 23.06 26.32
C PRO A 460 -5.67 21.93 25.51
N ALA A 461 -4.86 21.05 24.93
CA ALA A 461 -5.36 19.93 24.15
C ALA A 461 -6.13 18.94 25.03
N LEU A 462 -5.66 18.73 26.24
CA LEU A 462 -6.29 17.78 27.15
C LEU A 462 -7.52 18.38 27.85
N LYS A 463 -7.69 19.70 27.78
CA LYS A 463 -8.76 20.38 28.51
C LYS A 463 -10.19 19.82 28.27
N PRO A 464 -10.54 19.45 27.02
CA PRO A 464 -11.91 18.92 26.92
C PRO A 464 -12.10 17.50 27.46
N TYR A 465 -11.03 16.86 27.93
CA TYR A 465 -11.11 15.52 28.49
C TYR A 465 -10.84 15.51 29.99
N GLU A 466 -10.96 16.67 30.61
CA GLU A 466 -10.60 16.86 32.02
C GLU A 466 -11.36 15.92 32.95
N GLU A 467 -12.60 15.63 32.61
CA GLU A 467 -13.38 14.64 33.37
C GLU A 467 -12.93 13.22 33.00
N ALA A 468 -11.80 12.83 33.59
CA ALA A 468 -11.20 11.53 33.31
C ALA A 468 -10.30 11.13 34.48
N LEU A 469 -10.90 10.47 35.47
CA LEU A 469 -10.18 9.99 36.64
C LEU A 469 -10.51 8.53 36.93
N MET B 1 19.34 13.44 -23.39
CA MET B 1 18.73 12.31 -24.09
C MET B 1 19.38 10.97 -23.74
N ASP B 2 20.46 11.01 -22.96
CA ASP B 2 21.16 9.78 -22.60
C ASP B 2 20.88 9.37 -21.16
N SER B 3 20.01 10.11 -20.49
CA SER B 3 19.57 9.73 -19.15
C SER B 3 18.06 9.88 -18.97
N TYR B 4 17.53 9.14 -18.02
CA TYR B 4 16.13 9.20 -17.66
C TYR B 4 15.75 10.55 -17.09
N GLN B 5 14.69 11.14 -17.62
CA GLN B 5 14.07 12.33 -17.04
C GLN B 5 12.67 11.96 -16.58
N THR B 6 12.31 12.37 -15.37
CA THR B 6 10.98 12.06 -14.87
C THR B 6 9.93 12.82 -15.68
N PRO B 7 8.85 12.12 -16.09
CA PRO B 7 7.74 12.75 -16.82
C PRO B 7 7.04 13.83 -15.99
N LEU B 8 7.19 13.77 -14.67
CA LEU B 8 6.48 14.65 -13.75
C LEU B 8 6.93 16.13 -13.73
N SER B 9 8.12 16.42 -14.25
CA SER B 9 8.51 17.83 -14.42
C SER B 9 8.69 18.15 -15.90
N SER B 10 8.68 17.11 -16.72
CA SER B 10 8.79 17.22 -18.17
C SER B 10 7.42 17.11 -18.85
N ALA B 13 3.20 19.05 -17.03
CA ALA B 13 3.72 19.61 -15.79
C ALA B 13 3.75 21.13 -15.82
N SER B 14 3.49 21.77 -14.68
CA SER B 14 3.50 23.22 -14.64
C SER B 14 4.88 23.69 -14.24
N LYS B 15 5.28 24.79 -14.88
CA LYS B 15 6.55 25.44 -14.62
C LYS B 15 6.66 25.81 -13.16
N GLU B 16 5.56 26.26 -12.59
CA GLU B 16 5.60 26.84 -11.25
C GLU B 16 5.95 25.80 -10.20
N MET B 17 5.28 24.65 -10.24
CA MET B 17 5.54 23.60 -9.27
C MET B 17 6.91 22.96 -9.52
N SER B 18 7.28 22.81 -10.79
CA SER B 18 8.59 22.24 -11.12
C SER B 18 9.72 23.13 -10.61
N LYS B 19 9.56 24.45 -10.80
CA LYS B 19 10.52 25.42 -10.31
C LYS B 19 10.64 25.40 -8.78
N LEU B 20 9.52 25.31 -8.09
CA LEU B 20 9.52 25.29 -6.62
C LEU B 20 10.46 24.18 -6.08
N PHE B 21 10.51 23.04 -6.76
CA PHE B 21 11.38 21.97 -6.29
C PHE B 21 12.66 21.87 -7.10
N SER B 22 13.03 22.93 -7.79
CA SER B 22 14.29 22.96 -8.51
C SER B 22 15.45 23.23 -7.56
N SER B 23 16.66 22.83 -7.96
CA SER B 23 17.85 23.11 -7.17
C SER B 23 18.08 24.62 -6.98
N GLY B 24 17.85 25.39 -8.04
CA GLY B 24 17.96 26.84 -7.95
C GLY B 24 17.08 27.43 -6.86
N ALA B 25 15.87 26.90 -6.74
CA ALA B 25 14.93 27.39 -5.72
C ALA B 25 15.35 26.92 -4.34
N ARG B 26 15.94 25.74 -4.28
CA ARG B 26 16.36 25.20 -3.01
C ARG B 26 17.50 26.06 -2.45
N PHE B 27 18.53 26.28 -3.25
CA PHE B 27 19.66 27.10 -2.81
C PHE B 27 19.29 28.58 -2.63
N GLY B 28 18.39 29.10 -3.47
CA GLY B 28 17.83 30.44 -3.26
C GLY B 28 17.08 30.62 -1.95
N THR B 29 16.34 29.59 -1.55
CA THR B 29 15.63 29.60 -0.27
C THR B 29 16.61 29.44 0.92
N TRP B 30 17.68 28.68 0.72
CA TRP B 30 18.73 28.59 1.74
C TRP B 30 19.28 29.99 2.04
N ARG B 31 19.50 30.77 0.99
CA ARG B 31 19.99 32.14 1.14
C ARG B 31 18.98 33.05 1.84
N LYS B 32 17.68 32.91 1.53
CA LYS B 32 16.66 33.68 2.23
C LYS B 32 16.66 33.31 3.71
N LEU B 33 16.89 32.04 3.98
CA LEU B 33 16.94 31.56 5.35
C LEU B 33 18.16 32.16 6.08
N TRP B 34 19.29 32.22 5.38
CA TRP B 34 20.50 32.83 5.96
C TRP B 34 20.29 34.34 6.20
N LEU B 35 19.65 35.00 5.26
CA LEU B 35 19.41 36.44 5.38
C LEU B 35 18.57 36.74 6.61
N ASN B 36 17.45 36.04 6.73
CA ASN B 36 16.51 36.26 7.80
C ASN B 36 17.07 35.81 9.17
N LEU B 37 17.89 34.77 9.19
CA LEU B 37 18.61 34.39 10.43
C LEU B 37 19.54 35.52 10.89
N ALA B 38 20.24 36.11 9.93
CA ALA B 38 21.13 37.24 10.21
C ALA B 38 20.34 38.47 10.67
N ILE B 39 19.28 38.82 9.94
CA ILE B 39 18.42 39.94 10.34
C ILE B 39 17.93 39.79 11.77
N ALA B 40 17.46 38.59 12.11
CA ALA B 40 16.93 38.34 13.44
C ALA B 40 18.03 38.35 14.51
N GLU B 41 19.15 37.70 14.21
CA GLU B 41 20.29 37.72 15.11
C GLU B 41 20.81 39.15 15.33
N LYS B 42 20.80 39.95 14.27
CA LYS B 42 21.24 41.34 14.36
C LYS B 42 20.31 42.16 15.25
N GLU B 43 19.00 41.96 15.11
CA GLU B 43 18.02 42.60 15.96
C GLU B 43 18.22 42.22 17.42
N LEU B 44 18.69 41.00 17.64
CA LEU B 44 18.88 40.47 19.00
C LEU B 44 20.27 40.77 19.52
N GLY B 45 21.02 41.59 18.78
CA GLY B 45 22.21 42.20 19.31
C GLY B 45 23.55 41.58 18.94
N LEU B 46 23.56 40.63 18.02
CA LEU B 46 24.84 40.03 17.63
C LEU B 46 25.58 40.92 16.63
N ALA B 47 26.87 40.64 16.45
CA ALA B 47 27.73 41.49 15.64
C ALA B 47 27.58 41.17 14.15
N ILE B 48 26.61 41.81 13.54
CA ILE B 48 26.35 41.61 12.13
C ILE B 48 26.20 42.98 11.51
N SER B 49 27.07 43.28 10.55
CA SER B 49 27.14 44.61 9.98
C SER B 49 25.95 44.94 9.08
N ASP B 50 25.67 46.22 8.94
CA ASP B 50 24.67 46.67 7.96
C ASP B 50 25.01 46.14 6.58
N ALA B 51 26.29 46.17 6.22
CA ALA B 51 26.70 45.75 4.88
C ALA B 51 26.47 44.25 4.64
N ALA B 52 26.64 43.45 5.68
CA ALA B 52 26.40 42.02 5.61
C ALA B 52 24.95 41.77 5.18
N ILE B 53 24.01 42.46 5.84
CA ILE B 53 22.59 42.38 5.48
C ILE B 53 22.32 42.86 4.05
N GLU B 54 22.85 44.03 3.69
CA GLU B 54 22.67 44.59 2.36
C GLU B 54 23.18 43.70 1.25
N GLN B 55 24.33 43.08 1.47
CA GLN B 55 24.94 42.28 0.41
C GLN B 55 24.22 40.94 0.24
N MET B 56 23.62 40.45 1.31
CA MET B 56 22.84 39.22 1.24
C MET B 56 21.52 39.50 0.53
N LYS B 57 20.84 40.58 0.95
CA LYS B 57 19.60 41.03 0.31
C LYS B 57 19.68 41.05 -1.20
N ALA B 58 20.78 41.60 -1.74
CA ALA B 58 20.94 41.74 -3.18
C ALA B 58 21.40 40.45 -3.86
N ASN B 59 21.63 39.38 -3.10
CA ASN B 59 22.19 38.17 -3.69
C ASN B 59 21.46 36.87 -3.39
N LEU B 60 20.12 36.93 -3.32
CA LEU B 60 19.33 35.77 -2.94
C LEU B 60 19.19 34.71 -4.05
N GLU B 61 19.45 35.10 -5.29
CA GLU B 61 19.30 34.19 -6.44
C GLU B 61 20.64 33.73 -6.99
N LEU B 62 20.78 32.44 -7.26
CA LEU B 62 22.01 31.92 -7.88
C LEU B 62 21.94 31.97 -9.40
N ASP B 63 23.10 32.01 -10.07
CA ASP B 63 23.14 31.86 -11.52
C ASP B 63 23.95 30.60 -11.86
N GLU B 64 24.16 30.33 -13.14
CA GLU B 64 24.93 29.15 -13.58
C GLU B 64 26.35 29.16 -13.01
N ALA B 65 26.94 30.36 -12.94
CA ALA B 65 28.32 30.50 -12.48
C ALA B 65 28.47 30.18 -10.99
N GLN B 66 27.58 30.73 -10.16
CA GLN B 66 27.61 30.44 -8.73
C GLN B 66 27.28 28.98 -8.46
N MET B 67 26.43 28.40 -9.31
CA MET B 67 26.08 26.99 -9.21
C MET B 67 27.29 26.10 -9.45
N LYS B 68 28.16 26.50 -10.37
CA LYS B 68 29.36 25.72 -10.64
C LYS B 68 30.41 25.91 -9.55
N VAL B 69 30.55 27.15 -9.05
CA VAL B 69 31.41 27.41 -7.90
C VAL B 69 31.02 26.52 -6.72
N ALA B 70 29.71 26.48 -6.45
CA ALA B 70 29.18 25.64 -5.38
C ALA B 70 29.49 24.17 -5.64
N ALA B 71 29.34 23.77 -6.90
CA ALA B 71 29.52 22.38 -7.30
C ALA B 71 30.96 21.91 -7.11
N GLU B 72 31.91 22.73 -7.54
CA GLU B 72 33.31 22.38 -7.37
C GLU B 72 33.68 22.34 -5.89
N GLU B 73 33.16 23.30 -5.12
CA GLU B 73 33.44 23.40 -3.70
C GLU B 73 32.98 22.17 -2.89
N GLU B 74 31.97 21.44 -3.39
CA GLU B 74 31.43 20.28 -2.68
C GLU B 74 32.49 19.18 -2.42
N LYS B 75 33.50 19.11 -3.27
CA LYS B 75 34.62 18.21 -3.04
C LYS B 75 35.93 18.99 -2.85
N HIS B 79 29.97 18.30 1.54
CA HIS B 79 28.92 19.02 2.27
C HIS B 79 28.31 20.16 1.45
N ASP B 80 27.09 19.97 0.97
CA ASP B 80 26.47 20.97 0.09
C ASP B 80 26.07 22.25 0.83
N VAL B 81 25.66 22.13 2.09
CA VAL B 81 25.34 23.32 2.87
C VAL B 81 26.57 24.22 3.01
N MET B 82 27.69 23.65 3.46
CA MET B 82 28.90 24.45 3.66
C MET B 82 29.37 25.03 2.34
N ALA B 83 29.24 24.24 1.27
CA ALA B 83 29.62 24.67 -0.06
C ALA B 83 28.82 25.89 -0.47
N HIS B 84 27.58 25.97 0.00
CA HIS B 84 26.72 27.09 -0.36
C HIS B 84 26.86 28.27 0.58
N VAL B 85 27.23 28.00 1.84
CA VAL B 85 27.71 29.05 2.74
C VAL B 85 28.88 29.77 2.08
N HIS B 86 29.81 28.98 1.56
CA HIS B 86 31.00 29.51 0.89
C HIS B 86 30.66 30.32 -0.35
N THR B 87 29.83 29.74 -1.21
CA THR B 87 29.46 30.40 -2.45
C THR B 87 28.72 31.70 -2.17
N PHE B 88 27.82 31.68 -1.19
CA PHE B 88 27.08 32.88 -0.80
C PHE B 88 28.07 33.96 -0.40
N GLY B 89 29.12 33.56 0.33
CA GLY B 89 30.12 34.48 0.81
C GLY B 89 30.94 35.11 -0.29
N THR B 90 31.03 34.44 -1.43
CA THR B 90 31.83 34.95 -2.54
C THR B 90 31.17 36.16 -3.20
N VAL B 91 29.83 36.24 -3.18
CA VAL B 91 29.14 37.37 -3.78
C VAL B 91 28.69 38.41 -2.75
N ALA B 92 28.64 37.98 -1.49
CA ALA B 92 28.32 38.90 -0.39
C ALA B 92 29.44 38.85 0.66
N PRO B 93 30.66 39.29 0.26
CA PRO B 93 31.84 39.04 1.10
C PRO B 93 31.75 39.66 2.50
N GLU B 94 31.01 40.75 2.68
CA GLU B 94 30.83 41.32 4.01
C GLU B 94 30.03 40.40 4.96
N ALA B 95 29.32 39.42 4.42
CA ALA B 95 28.50 38.55 5.25
C ALA B 95 29.18 37.20 5.42
N ALA B 96 30.33 37.04 4.77
CA ALA B 96 31.02 35.76 4.75
C ALA B 96 31.26 35.21 6.16
N GLY B 97 31.56 36.10 7.10
CA GLY B 97 31.88 35.67 8.45
C GLY B 97 30.68 35.30 9.30
N ILE B 98 29.47 35.67 8.89
CA ILE B 98 28.34 35.48 9.77
C ILE B 98 27.19 34.66 9.13
N ILE B 99 27.33 34.31 7.86
CA ILE B 99 26.38 33.40 7.23
C ILE B 99 26.33 32.09 8.05
N HIS B 100 25.11 31.63 8.38
CA HIS B 100 24.90 30.37 9.11
C HIS B 100 25.34 30.40 10.59
N LEU B 101 25.64 31.60 11.12
CA LEU B 101 26.12 31.76 12.50
C LEU B 101 25.21 31.10 13.56
N GLY B 102 25.76 30.13 14.27
CA GLY B 102 25.04 29.44 15.32
C GLY B 102 24.15 28.30 14.87
N ALA B 103 23.91 28.18 13.56
CA ALA B 103 22.96 27.19 13.04
C ALA B 103 23.61 25.87 12.69
N THR B 104 22.79 24.82 12.64
CA THR B 104 23.21 23.55 12.08
C THR B 104 22.60 23.43 10.68
N SER B 105 23.03 22.42 9.93
CA SER B 105 22.65 22.30 8.53
C SER B 105 21.13 22.25 8.31
N CYS B 106 20.41 21.62 9.23
CA CYS B 106 18.97 21.50 9.09
C CYS B 106 18.22 22.84 9.22
N TYR B 107 18.87 23.86 9.78
CA TYR B 107 18.24 25.16 9.80
C TYR B 107 17.90 25.64 8.38
N VAL B 108 18.69 25.26 7.37
CA VAL B 108 18.34 25.64 6.00
C VAL B 108 17.72 24.48 5.22
N THR B 109 18.24 23.26 5.33
CA THR B 109 17.70 22.16 4.52
C THR B 109 16.28 21.79 4.95
N ASP B 110 16.01 21.81 6.24
CA ASP B 110 14.74 21.30 6.77
C ASP B 110 13.65 22.37 6.75
N ASN B 111 14.03 23.63 6.99
CA ASN B 111 13.07 24.74 6.90
C ASN B 111 12.67 25.04 5.47
N ALA B 112 13.60 24.84 4.54
CA ALA B 112 13.30 24.99 3.13
C ALA B 112 12.17 24.00 2.76
N ASP B 113 12.22 22.79 3.31
CA ASP B 113 11.23 21.76 3.00
C ASP B 113 9.85 22.15 3.50
N LEU B 114 9.77 22.67 4.71
CA LEU B 114 8.53 23.22 5.24
C LEU B 114 8.01 24.35 4.35
N ILE B 115 8.92 25.21 3.90
CA ILE B 115 8.54 26.29 3.00
C ILE B 115 7.95 25.75 1.70
N PHE B 116 8.50 24.66 1.20
CA PHE B 116 8.01 24.09 -0.06
C PHE B 116 6.68 23.33 0.12
N LEU B 117 6.48 22.73 1.29
CA LEU B 117 5.19 22.14 1.62
C LEU B 117 4.11 23.21 1.60
N ARG B 118 4.40 24.31 2.28
CA ARG B 118 3.46 25.40 2.48
C ARG B 118 3.21 26.10 1.14
N ASP B 119 4.28 26.47 0.44
CA ASP B 119 4.17 27.11 -0.86
C ASP B 119 3.60 26.13 -1.90
N GLY B 120 4.00 24.87 -1.81
CA GLY B 120 3.41 23.84 -2.67
C GLY B 120 1.90 23.76 -2.54
N LEU B 121 1.40 23.77 -1.31
CA LEU B 121 -0.05 23.73 -1.09
C LEU B 121 -0.70 25.04 -1.57
N ASP B 122 0.01 26.15 -1.43
CA ASP B 122 -0.51 27.42 -1.89
C ASP B 122 -0.60 27.51 -3.41
N ILE B 123 0.15 26.66 -4.11
CA ILE B 123 0.00 26.54 -5.55
C ILE B 123 -1.23 25.67 -5.91
N LEU B 124 -1.40 24.55 -5.21
CA LEU B 124 -2.50 23.64 -5.51
C LEU B 124 -3.88 24.23 -5.22
N LEU B 125 -4.00 24.95 -4.10
CA LEU B 125 -5.31 25.34 -3.57
C LEU B 125 -6.16 26.24 -4.49
N PRO B 126 -5.56 27.34 -5.04
CA PRO B 126 -6.34 28.09 -6.03
C PRO B 126 -6.75 27.25 -7.24
N LYS B 127 -5.91 26.30 -7.64
CA LYS B 127 -6.21 25.49 -8.80
C LYS B 127 -7.38 24.55 -8.50
N LEU B 128 -7.43 24.04 -7.28
CA LEU B 128 -8.53 23.16 -6.87
C LEU B 128 -9.82 23.98 -6.81
N ALA B 129 -9.71 25.20 -6.28
CA ALA B 129 -10.86 26.11 -6.24
C ALA B 129 -11.36 26.37 -7.66
N THR B 130 -10.44 26.50 -8.61
CA THR B 130 -10.86 26.73 -9.99
C THR B 130 -11.64 25.54 -10.54
N VAL B 131 -11.14 24.33 -10.31
CA VAL B 131 -11.81 23.13 -10.78
C VAL B 131 -13.23 23.02 -10.20
N ILE B 132 -13.37 23.23 -8.91
CA ILE B 132 -14.68 23.24 -8.27
C ILE B 132 -15.63 24.27 -8.89
N SER B 133 -15.11 25.48 -9.13
CA SER B 133 -15.91 26.55 -9.71
C SER B 133 -16.44 26.20 -11.12
N ARG B 134 -15.60 25.58 -11.93
CA ARG B 134 -15.99 25.17 -13.28
C ARG B 134 -17.01 24.02 -13.26
N LEU B 135 -16.82 23.07 -12.35
CA LEU B 135 -17.78 21.98 -12.24
C LEU B 135 -19.09 22.48 -11.67
N ALA B 136 -19.02 23.48 -10.79
CA ALA B 136 -20.21 24.07 -10.19
C ALA B 136 -21.02 24.77 -11.27
N ASN B 137 -20.34 25.40 -12.22
CA ASN B 137 -20.99 26.04 -13.36
C ASN B 137 -21.68 25.02 -14.24
N PHE B 138 -20.96 23.92 -14.50
CA PHE B 138 -21.51 22.79 -15.26
C PHE B 138 -22.73 22.21 -14.59
N ALA B 139 -22.66 22.06 -13.26
CA ALA B 139 -23.74 21.45 -12.48
C ALA B 139 -25.02 22.29 -12.58
N LYS B 140 -24.87 23.60 -12.53
CA LYS B 140 -26.01 24.52 -12.64
C LYS B 140 -26.60 24.48 -14.05
N GLN B 141 -25.73 24.60 -15.04
CA GLN B 141 -26.13 24.53 -16.44
C GLN B 141 -27.02 23.33 -16.74
N TYR B 142 -26.62 22.15 -16.25
CA TYR B 142 -27.30 20.90 -16.61
C TYR B 142 -28.04 20.32 -15.42
N ARG B 143 -28.33 21.18 -14.46
CA ARG B 143 -29.12 20.89 -13.26
C ARG B 143 -30.34 20.04 -13.54
N ASP B 144 -31.03 20.35 -14.63
CA ASP B 144 -32.36 19.83 -14.89
C ASP B 144 -32.41 18.67 -15.88
N LEU B 145 -31.33 18.43 -16.61
CA LEU B 145 -31.35 17.41 -17.68
C LEU B 145 -31.44 15.99 -17.09
N PRO B 146 -32.58 15.31 -17.26
CA PRO B 146 -32.68 13.97 -16.65
C PRO B 146 -31.65 13.04 -17.28
N THR B 147 -31.12 12.09 -16.51
CA THR B 147 -30.17 11.16 -17.06
C THR B 147 -30.35 9.82 -16.34
N LEU B 148 -30.10 8.71 -17.04
CA LEU B 148 -30.28 7.39 -16.43
C LEU B 148 -29.38 7.27 -15.21
N GLY B 149 -29.97 6.86 -14.09
CA GLY B 149 -29.17 6.56 -12.90
C GLY B 149 -28.45 5.25 -13.11
N PHE B 150 -27.33 5.05 -12.42
CA PHE B 150 -26.60 3.78 -12.48
C PHE B 150 -26.12 3.33 -11.09
N THR B 151 -26.64 2.18 -10.66
CA THR B 151 -26.10 1.47 -9.49
C THR B 151 -25.74 0.06 -9.95
N HIS B 152 -24.57 -0.43 -9.53
CA HIS B 152 -23.97 -1.65 -10.08
C HIS B 152 -23.65 -1.46 -11.57
N PHE B 153 -23.60 -0.22 -12.02
CA PHE B 153 -23.55 0.13 -13.44
C PHE B 153 -24.72 -0.50 -14.20
N GLN B 154 -25.87 -0.58 -13.55
CA GLN B 154 -27.12 -1.03 -14.16
C GLN B 154 -28.17 0.07 -14.05
N PRO B 155 -29.14 0.13 -14.99
CA PRO B 155 -30.19 1.17 -14.97
C PRO B 155 -30.84 1.36 -13.59
N ALA B 156 -30.96 2.60 -13.15
CA ALA B 156 -31.55 2.90 -11.86
C ALA B 156 -32.33 4.19 -11.94
N GLN B 157 -33.06 4.52 -10.87
CA GLN B 157 -33.91 5.70 -10.83
C GLN B 157 -33.20 6.96 -11.32
N LEU B 158 -33.90 7.72 -12.16
CA LEU B 158 -33.26 8.82 -12.88
C LEU B 158 -32.65 9.84 -11.96
N THR B 159 -31.52 10.39 -12.37
CA THR B 159 -30.96 11.52 -11.66
C THR B 159 -30.91 12.65 -12.70
N THR B 160 -30.10 13.67 -12.51
CA THR B 160 -29.83 14.62 -13.59
C THR B 160 -28.33 14.73 -13.78
N VAL B 161 -27.92 15.22 -14.95
CA VAL B 161 -26.51 15.38 -15.29
C VAL B 161 -25.81 16.29 -14.26
N GLY B 162 -26.45 17.41 -13.92
CA GLY B 162 -25.96 18.32 -12.91
C GLY B 162 -25.88 17.72 -11.50
N LYS B 163 -26.92 16.99 -11.08
CA LYS B 163 -26.91 16.36 -9.76
C LYS B 163 -25.73 15.43 -9.60
N ARG B 164 -25.45 14.67 -10.65
CA ARG B 164 -24.32 13.75 -10.65
C ARG B 164 -23.00 14.52 -10.53
N ALA B 165 -22.91 15.65 -11.22
CA ALA B 165 -21.72 16.49 -11.14
C ALA B 165 -21.49 16.98 -9.69
N THR B 166 -22.58 17.19 -8.94
CA THR B 166 -22.42 17.63 -7.55
C THR B 166 -21.80 16.56 -6.66
N LEU B 167 -21.88 15.29 -7.06
CA LEU B 167 -21.19 14.24 -6.31
C LEU B 167 -19.70 14.46 -6.46
N TRP B 168 -19.29 14.68 -7.71
CA TRP B 168 -17.89 14.97 -8.00
C TRP B 168 -17.42 16.19 -7.21
N ILE B 169 -18.20 17.26 -7.29
CA ILE B 169 -17.90 18.51 -6.58
C ILE B 169 -17.76 18.31 -5.07
N GLN B 170 -18.68 17.56 -4.47
CA GLN B 170 -18.64 17.33 -3.02
C GLN B 170 -17.31 16.72 -2.57
N GLU B 171 -16.80 15.74 -3.31
CA GLU B 171 -15.54 15.13 -2.92
C GLU B 171 -14.42 16.17 -2.98
N LEU B 172 -14.38 16.95 -4.05
CA LEU B 172 -13.35 17.99 -4.21
C LEU B 172 -13.44 19.05 -3.12
N LEU B 173 -14.65 19.32 -2.63
CA LEU B 173 -14.85 20.25 -1.52
C LEU B 173 -14.17 19.72 -0.26
N TRP B 174 -14.21 18.40 -0.07
CA TRP B 174 -13.53 17.80 1.08
C TRP B 174 -12.03 17.88 0.90
N ASP B 175 -11.56 17.78 -0.34
CA ASP B 175 -10.14 17.96 -0.62
C ASP B 175 -9.71 19.37 -0.29
N LEU B 176 -10.53 20.34 -0.69
CA LEU B 176 -10.25 21.75 -0.44
C LEU B 176 -10.16 21.95 1.07
N ARG B 177 -11.10 21.35 1.78
CA ARG B 177 -11.08 21.36 3.25
C ARG B 177 -9.80 20.73 3.80
N ASN B 178 -9.48 19.51 3.37
CA ASN B 178 -8.32 18.78 3.92
C ASN B 178 -6.96 19.44 3.63
N LEU B 179 -6.81 19.95 2.41
CA LEU B 179 -5.55 20.52 1.95
C LEU B 179 -5.36 21.91 2.54
N GLN B 180 -6.45 22.63 2.74
CA GLN B 180 -6.36 23.92 3.41
C GLN B 180 -5.93 23.72 4.87
N ARG B 181 -6.47 22.68 5.50
CA ARG B 181 -6.05 22.32 6.87
C ARG B 181 -4.58 21.95 6.95
N ALA B 182 -4.15 21.07 6.06
CA ALA B 182 -2.77 20.59 6.02
C ALA B 182 -1.80 21.76 5.88
N ARG B 183 -2.17 22.71 5.02
CA ARG B 183 -1.42 23.93 4.84
C ARG B 183 -1.40 24.79 6.11
N ASP B 184 -2.58 25.06 6.65
CA ASP B 184 -2.71 25.92 7.80
C ASP B 184 -2.09 25.31 9.05
N ASP B 185 -1.99 23.99 9.10
CA ASP B 185 -1.44 23.29 10.26
C ASP B 185 0.10 23.39 10.30
N LEU B 186 0.74 23.79 9.21
CA LEU B 186 2.21 23.72 9.16
C LEU B 186 2.87 24.76 10.04
N GLY B 187 3.81 24.32 10.86
CA GLY B 187 4.65 25.23 11.63
C GLY B 187 6.04 25.35 11.03
N PHE B 188 6.92 26.05 11.73
CA PHE B 188 8.29 26.29 11.26
C PHE B 188 9.26 25.60 12.22
N ARG B 189 10.22 24.83 11.69
CA ARG B 189 11.27 24.27 12.55
C ARG B 189 12.07 25.39 13.25
N GLY B 190 12.40 26.43 12.49
CA GLY B 190 13.20 27.53 13.01
C GLY B 190 14.55 27.06 13.50
N VAL B 191 14.98 27.54 14.65
CA VAL B 191 16.33 27.25 15.16
C VAL B 191 16.28 26.27 16.35
N LYS B 192 16.84 25.08 16.12
CA LYS B 192 16.65 23.98 17.04
C LYS B 192 17.94 23.23 17.35
N GLY B 193 18.96 23.39 16.51
CA GLY B 193 20.20 22.69 16.71
C GLY B 193 20.18 21.22 16.33
N THR B 194 21.24 20.52 16.68
CA THR B 194 21.52 19.17 16.20
C THR B 194 20.56 18.09 16.71
N THR B 195 20.07 18.24 17.94
CA THR B 195 19.17 17.25 18.49
C THR B 195 17.90 17.92 18.98
N GLY B 196 17.75 19.20 18.66
CA GLY B 196 16.55 19.94 19.03
C GLY B 196 16.58 20.72 20.34
N THR B 197 17.74 20.76 21.01
CA THR B 197 17.83 21.33 22.36
C THR B 197 18.26 22.78 22.35
N GLN B 198 18.61 23.29 21.17
CA GLN B 198 19.04 24.68 21.00
C GLN B 198 20.31 24.99 21.83
N ALA B 199 21.11 23.96 22.10
CA ALA B 199 22.32 24.11 22.92
C ALA B 199 23.24 25.18 22.34
N SER B 200 23.51 25.05 21.05
CA SER B 200 24.41 25.97 20.36
C SER B 200 23.91 27.41 20.40
N PHE B 201 22.62 27.61 20.16
CA PHE B 201 22.08 28.97 20.19
C PHE B 201 22.02 29.54 21.61
N LEU B 202 21.74 28.68 22.59
CA LEU B 202 21.75 29.11 23.99
C LEU B 202 23.13 29.67 24.37
N ALA B 203 24.19 28.95 23.99
CA ALA B 203 25.57 29.39 24.21
C ALA B 203 25.92 30.66 23.43
N LEU B 204 25.43 30.77 22.19
CA LEU B 204 25.70 31.94 21.37
C LEU B 204 25.14 33.21 22.02
N PHE B 205 24.03 33.07 22.73
CA PHE B 205 23.40 34.20 23.41
C PHE B 205 23.76 34.19 24.89
N ASP B 206 24.90 33.57 25.20
CA ASP B 206 25.42 33.53 26.57
C ASP B 206 24.37 33.14 27.61
N GLY B 207 23.67 32.04 27.37
CA GLY B 207 22.73 31.48 28.33
C GLY B 207 21.41 32.21 28.46
N ASP B 208 21.19 33.22 27.62
CA ASP B 208 19.94 33.98 27.62
C ASP B 208 18.82 33.24 26.87
N HIS B 209 17.95 32.56 27.61
CA HIS B 209 16.84 31.80 27.03
C HIS B 209 15.87 32.66 26.22
N ALA B 210 15.59 33.86 26.70
CA ALA B 210 14.59 34.70 26.06
C ALA B 210 15.00 35.08 24.64
N LYS B 211 16.30 35.27 24.43
CA LYS B 211 16.82 35.60 23.11
C LYS B 211 16.69 34.41 22.15
N VAL B 212 16.86 33.21 22.67
CA VAL B 212 16.71 32.01 21.86
C VAL B 212 15.26 31.88 21.40
N GLU B 213 14.33 32.10 22.31
CA GLU B 213 12.90 32.03 22.00
C GLU B 213 12.50 33.12 21.02
N ALA B 214 13.10 34.29 21.19
CA ALA B 214 12.83 35.42 20.29
C ALA B 214 13.36 35.12 18.89
N LEU B 215 14.54 34.52 18.82
CA LEU B 215 15.12 34.15 17.54
C LEU B 215 14.21 33.15 16.78
N ASP B 216 13.78 32.10 17.45
CA ASP B 216 12.90 31.08 16.87
C ASP B 216 11.58 31.70 16.36
N LYS B 217 10.97 32.55 17.18
CA LYS B 217 9.71 33.16 16.79
C LYS B 217 9.92 34.16 15.66
N ARG B 218 11.06 34.84 15.66
CA ARG B 218 11.31 35.85 14.64
C ARG B 218 11.55 35.24 13.26
N VAL B 219 12.37 34.20 13.16
CA VAL B 219 12.64 33.58 11.87
C VAL B 219 11.34 32.95 11.35
N THR B 220 10.51 32.46 12.28
CA THR B 220 9.18 31.94 11.96
C THR B 220 8.31 33.03 11.34
N GLU B 221 8.31 34.20 11.98
CA GLU B 221 7.51 35.32 11.54
C GLU B 221 7.97 35.84 10.18
N LEU B 222 9.28 35.83 9.96
CA LEU B 222 9.83 36.32 8.71
C LEU B 222 9.48 35.44 7.51
N PHE B 223 9.05 34.19 7.76
CA PHE B 223 8.64 33.32 6.66
C PHE B 223 7.13 33.06 6.67
N GLY B 224 6.42 33.83 7.47
CA GLY B 224 4.96 33.83 7.46
C GLY B 224 4.33 32.57 8.01
N PHE B 225 5.04 31.85 8.87
CA PHE B 225 4.45 30.68 9.54
C PHE B 225 3.76 31.10 10.84
N PRO B 226 2.73 30.35 11.25
CA PRO B 226 1.93 30.77 12.41
C PRO B 226 2.60 30.49 13.76
N TYR B 227 3.55 29.55 13.81
CA TYR B 227 4.25 29.24 15.06
C TYR B 227 5.51 28.45 14.72
N ALA B 228 6.48 28.48 15.64
CA ALA B 228 7.63 27.58 15.57
C ALA B 228 7.31 26.30 16.32
N TYR B 229 7.73 25.16 15.80
CA TYR B 229 7.41 23.90 16.47
C TYR B 229 8.00 23.92 17.87
N PRO B 230 7.16 23.70 18.90
CA PRO B 230 7.56 23.75 20.31
C PRO B 230 8.58 22.69 20.72
N VAL B 231 8.49 21.49 20.14
CA VAL B 231 9.46 20.44 20.45
C VAL B 231 9.84 19.64 19.21
N THR B 232 11.14 19.53 18.96
CA THR B 232 11.66 18.72 17.88
C THR B 232 12.89 17.95 18.31
N GLY B 233 13.28 16.99 17.49
CA GLY B 233 14.63 16.46 17.50
C GLY B 233 15.40 17.32 16.51
N GLN B 234 16.20 16.69 15.67
CA GLN B 234 17.00 17.43 14.69
C GLN B 234 16.12 18.13 13.65
N THR B 235 15.01 17.51 13.27
CA THR B 235 14.14 18.05 12.21
C THR B 235 12.67 18.07 12.61
N TYR B 236 11.83 18.70 11.79
CA TYR B 236 10.39 18.58 12.03
C TYR B 236 10.00 17.11 11.94
N SER B 237 9.05 16.70 12.77
CA SER B 237 8.57 15.31 12.75
C SER B 237 8.16 14.85 11.36
N ARG B 238 8.60 13.66 10.95
CA ARG B 238 8.26 13.17 9.62
C ARG B 238 6.79 12.74 9.54
N LYS B 239 6.08 12.80 10.66
CA LYS B 239 4.64 12.53 10.64
C LYS B 239 3.93 13.61 9.83
N ILE B 240 4.51 14.81 9.83
CA ILE B 240 3.93 15.92 9.08
C ILE B 240 3.85 15.60 7.58
N ASP B 241 4.88 14.96 7.04
CA ASP B 241 4.85 14.55 5.64
C ASP B 241 3.64 13.65 5.39
N ALA B 242 3.35 12.75 6.33
CA ALA B 242 2.20 11.86 6.19
C ALA B 242 0.89 12.64 6.27
N ASP B 243 0.83 13.63 7.15
CA ASP B 243 -0.41 14.38 7.34
C ASP B 243 -0.66 15.36 6.18
N VAL B 244 0.33 15.51 5.31
CA VAL B 244 0.15 16.29 4.09
C VAL B 244 -0.14 15.37 2.92
N LEU B 245 0.64 14.30 2.77
CA LEU B 245 0.44 13.40 1.62
C LEU B 245 -0.75 12.48 1.82
N GLY B 246 -1.24 12.39 3.06
CA GLY B 246 -2.46 11.67 3.35
C GLY B 246 -3.64 12.29 2.59
N PRO B 247 -3.93 13.58 2.88
CA PRO B 247 -4.90 14.34 2.08
C PRO B 247 -4.63 14.28 0.58
N LEU B 248 -3.37 14.38 0.15
CA LEU B 248 -3.09 14.28 -1.29
C LEU B 248 -3.51 12.92 -1.87
N SER B 249 -3.33 11.84 -1.10
CA SER B 249 -3.69 10.51 -1.58
C SER B 249 -5.20 10.35 -1.67
N SER B 250 -5.92 10.97 -0.74
CA SER B 250 -7.37 10.98 -0.76
C SER B 250 -7.87 11.77 -1.99
N PHE B 251 -7.24 12.91 -2.27
CA PHE B 251 -7.51 13.72 -3.45
C PHE B 251 -7.34 12.85 -4.69
N GLY B 252 -6.28 12.05 -4.71
CA GLY B 252 -6.05 11.13 -5.82
C GLY B 252 -7.21 10.17 -6.06
N ALA B 253 -7.72 9.56 -4.99
CA ALA B 253 -8.89 8.68 -5.12
C ALA B 253 -10.08 9.44 -5.70
N THR B 254 -10.23 10.70 -5.29
CA THR B 254 -11.30 11.53 -5.82
C THR B 254 -11.16 11.78 -7.32
N VAL B 255 -9.96 12.12 -7.75
CA VAL B 255 -9.70 12.38 -9.16
C VAL B 255 -9.98 11.12 -9.96
N HIS B 256 -9.48 10.01 -9.44
CA HIS B 256 -9.67 8.71 -10.09
C HIS B 256 -11.16 8.35 -10.28
N LYS B 257 -11.97 8.63 -9.25
CA LYS B 257 -13.39 8.33 -9.34
C LYS B 257 -14.11 9.23 -10.36
N ILE B 258 -13.80 10.53 -10.34
CA ILE B 258 -14.41 11.47 -11.27
C ILE B 258 -14.06 11.09 -12.71
N ALA B 259 -12.77 10.87 -12.97
CA ALA B 259 -12.31 10.54 -14.31
C ALA B 259 -12.79 9.16 -14.79
N THR B 260 -12.90 8.20 -13.86
CA THR B 260 -13.45 6.88 -14.20
C THR B 260 -14.93 7.05 -14.64
N ASP B 261 -15.69 7.84 -13.88
CA ASP B 261 -17.09 8.11 -14.20
C ASP B 261 -17.25 8.69 -15.60
N ILE B 262 -16.41 9.65 -15.94
CA ILE B 262 -16.51 10.31 -17.23
C ILE B 262 -16.13 9.34 -18.35
N ARG B 263 -15.18 8.45 -18.09
CA ARG B 263 -14.79 7.45 -19.09
C ARG B 263 -15.95 6.48 -19.36
N LEU B 264 -16.74 6.17 -18.33
CA LEU B 264 -17.92 5.32 -18.53
C LEU B 264 -18.97 6.05 -19.35
N LEU B 265 -19.23 7.29 -18.97
CA LEU B 265 -20.21 8.12 -19.66
C LEU B 265 -19.75 8.40 -21.09
N ALA B 266 -18.44 8.46 -21.31
CA ALA B 266 -17.94 8.68 -22.66
C ALA B 266 -18.19 7.43 -23.51
N ASN B 267 -18.08 6.25 -22.90
CA ASN B 267 -18.42 5.03 -23.62
C ASN B 267 -19.89 5.04 -24.02
N LEU B 268 -20.73 5.57 -23.15
CA LEU B 268 -22.17 5.63 -23.38
C LEU B 268 -22.57 6.77 -24.33
N LYS B 269 -21.57 7.55 -24.76
CA LYS B 269 -21.74 8.73 -25.62
C LYS B 269 -22.66 9.77 -25.00
N GLU B 270 -22.71 9.79 -23.67
CA GLU B 270 -23.51 10.78 -22.96
C GLU B 270 -22.69 12.04 -22.61
N ILE B 271 -21.46 11.85 -22.12
CA ILE B 271 -20.60 12.96 -21.75
C ILE B 271 -19.23 12.72 -22.36
N GLU B 272 -18.66 13.74 -23.01
CA GLU B 272 -17.30 13.62 -23.53
C GLU B 272 -16.38 14.74 -23.03
N GLU B 273 -15.07 14.54 -23.19
CA GLU B 273 -14.08 15.57 -22.89
C GLU B 273 -14.24 16.74 -23.86
N PRO B 274 -13.84 17.96 -23.46
CA PRO B 274 -13.94 19.11 -24.38
C PRO B 274 -13.15 18.92 -25.66
N PHE B 275 -13.66 19.49 -26.74
CA PHE B 275 -12.93 19.49 -28.01
C PHE B 275 -11.67 20.35 -27.92
N MET B 285 -16.23 17.11 -37.16
CA MET B 285 -15.86 16.54 -35.87
C MET B 285 -15.84 15.01 -35.89
N ALA B 286 -14.89 14.43 -35.15
CA ALA B 286 -14.71 12.98 -35.11
C ALA B 286 -15.84 12.25 -34.40
N TYR B 287 -16.33 11.16 -34.99
CA TYR B 287 -17.33 10.32 -34.34
C TYR B 287 -16.77 9.62 -33.10
N LYS B 288 -15.61 9.01 -33.25
CA LYS B 288 -15.02 8.25 -32.14
C LYS B 288 -13.95 9.08 -31.43
N ARG B 289 -14.14 9.33 -30.14
CA ARG B 289 -13.22 10.12 -29.33
C ARG B 289 -12.86 9.32 -28.09
N ASN B 290 -11.59 9.40 -27.70
CA ASN B 290 -11.08 8.77 -26.50
C ASN B 290 -10.98 9.79 -25.36
N PRO B 291 -11.41 9.38 -24.16
CA PRO B 291 -11.27 10.30 -23.03
C PRO B 291 -9.84 10.25 -22.48
N MET B 292 -8.92 10.81 -23.25
CA MET B 292 -7.50 10.68 -22.94
C MET B 292 -7.08 11.44 -21.70
N ARG B 293 -7.66 12.62 -21.46
CA ARG B 293 -7.27 13.39 -20.28
C ARG B 293 -7.68 12.65 -19.03
N CYS B 294 -8.89 12.08 -19.06
CA CYS B 294 -9.41 11.30 -17.94
C CYS B 294 -8.56 10.08 -17.70
N GLU B 295 -8.05 9.49 -18.78
CA GLU B 295 -7.24 8.30 -18.63
C GLU B 295 -5.90 8.68 -18.03
N ARG B 296 -5.31 9.77 -18.50
CA ARG B 296 -4.09 10.29 -17.88
C ARG B 296 -4.30 10.63 -16.41
N ALA B 297 -5.41 11.28 -16.09
CA ALA B 297 -5.74 11.63 -14.71
C ALA B 297 -5.79 10.38 -13.83
N CYS B 298 -6.52 9.36 -14.27
CA CYS B 298 -6.55 8.10 -13.53
C CYS B 298 -5.15 7.53 -13.30
N SER B 299 -4.37 7.50 -14.37
CA SER B 299 -3.00 6.98 -14.31
C SER B 299 -2.15 7.65 -13.22
N LEU B 300 -2.20 8.97 -13.16
CA LEU B 300 -1.36 9.70 -12.22
C LEU B 300 -2.01 9.81 -10.84
N ALA B 301 -3.33 9.79 -10.79
CA ALA B 301 -4.02 9.83 -9.50
C ALA B 301 -3.62 8.59 -8.67
N ARG B 302 -3.48 7.46 -9.37
CA ARG B 302 -3.03 6.19 -8.81
C ARG B 302 -1.65 6.32 -8.15
N HIS B 303 -0.74 7.04 -8.81
CA HIS B 303 0.59 7.23 -8.26
C HIS B 303 0.51 7.94 -6.91
N LEU B 304 -0.36 8.95 -6.86
CA LEU B 304 -0.57 9.73 -5.66
C LEU B 304 -1.13 8.87 -4.54
N MET B 305 -1.92 7.85 -4.88
CA MET B 305 -2.47 6.93 -3.87
C MET B 305 -1.39 5.98 -3.36
N ALA B 306 -0.48 5.58 -4.24
CA ALA B 306 0.54 4.61 -3.89
C ALA B 306 1.63 5.25 -3.06
N ILE B 307 1.92 6.50 -3.37
CA ILE B 307 3.18 7.11 -2.90
C ILE B 307 3.08 7.51 -1.42
N TYR B 308 1.87 7.67 -0.93
CA TYR B 308 1.62 7.98 0.48
C TYR B 308 2.25 6.98 1.44
N GLN B 309 2.29 5.71 1.05
CA GLN B 309 2.79 4.66 1.91
C GLN B 309 4.26 4.91 2.29
N ASN B 310 4.99 5.64 1.44
CA ASN B 310 6.38 6.05 1.77
C ASN B 310 6.44 6.86 3.07
N THR B 311 5.52 7.79 3.23
CA THR B 311 5.55 8.69 4.36
C THR B 311 5.19 7.94 5.66
N LEU B 312 4.26 6.99 5.57
CA LEU B 312 3.92 6.20 6.75
C LEU B 312 5.10 5.34 7.16
N MET B 313 5.70 4.65 6.21
CA MET B 313 6.86 3.82 6.54
C MET B 313 8.04 4.63 7.08
N THR B 314 8.37 5.74 6.44
CA THR B 314 9.45 6.61 6.90
C THR B 314 9.23 7.05 8.33
N SER B 315 8.06 7.62 8.58
CA SER B 315 7.73 8.09 9.92
C SER B 315 7.71 6.95 10.95
N SER B 316 7.27 5.76 10.53
CA SER B 316 7.14 4.63 11.45
CA SER B 316 7.15 4.63 11.45
C SER B 316 8.48 4.16 12.01
N VAL B 317 9.58 4.45 11.30
CA VAL B 317 10.90 3.96 11.71
C VAL B 317 11.97 5.05 11.85
N GLN B 318 11.54 6.28 12.15
CA GLN B 318 12.47 7.33 12.52
C GLN B 318 12.94 7.10 13.95
N TRP B 319 14.21 6.72 14.15
CA TRP B 319 14.67 6.36 15.49
C TRP B 319 15.09 7.60 16.26
N LEU B 320 14.48 7.75 17.44
CA LEU B 320 14.89 8.74 18.43
C LEU B 320 14.98 10.14 17.81
N GLU B 321 16.13 10.84 17.90
CA GLU B 321 16.15 12.25 17.51
C GLU B 321 16.31 12.52 16.01
N ARG B 322 16.63 11.48 15.25
CA ARG B 322 16.50 11.40 13.78
C ARG B 322 17.39 10.30 13.20
N THR B 323 16.90 9.54 12.23
CA THR B 323 17.80 8.72 11.43
C THR B 323 17.77 9.23 9.98
N LEU B 324 18.88 9.06 9.26
CA LEU B 324 19.00 9.70 7.96
C LEU B 324 18.42 8.87 6.83
N ASP B 325 17.69 7.81 7.17
CA ASP B 325 16.98 7.00 6.18
C ASP B 325 15.71 7.69 5.68
N ASP B 326 15.52 8.95 6.07
CA ASP B 326 14.37 9.71 5.55
C ASP B 326 14.74 10.49 4.28
N SER B 327 16.02 10.79 4.13
CA SER B 327 16.45 11.83 3.20
C SER B 327 16.27 11.51 1.70
N ALA B 328 16.88 10.42 1.22
CA ALA B 328 16.74 10.09 -0.21
C ALA B 328 15.28 9.86 -0.58
N ASN B 329 14.54 9.17 0.28
CA ASN B 329 13.12 8.93 0.01
C ASN B 329 12.33 10.21 -0.15
N ARG B 330 12.48 11.13 0.80
CA ARG B 330 11.72 12.38 0.74
C ARG B 330 12.07 13.23 -0.50
N ARG B 331 13.30 13.10 -1.03
CA ARG B 331 13.70 13.89 -2.20
C ARG B 331 12.97 13.41 -3.44
N VAL B 332 12.50 12.17 -3.41
CA VAL B 332 11.67 11.63 -4.47
C VAL B 332 10.20 11.86 -4.16
N THR B 333 9.79 11.39 -2.99
CA THR B 333 8.38 11.30 -2.63
C THR B 333 7.66 12.66 -2.55
N ILE B 334 8.24 13.62 -1.84
CA ILE B 334 7.56 14.90 -1.66
C ILE B 334 7.42 15.72 -2.97
N PRO B 335 8.53 15.93 -3.75
CA PRO B 335 8.31 16.66 -5.00
C PRO B 335 7.37 15.93 -5.98
N GLU B 336 7.51 14.61 -6.09
CA GLU B 336 6.66 13.87 -7.01
C GLU B 336 5.18 13.92 -6.62
N ALA B 337 4.89 13.87 -5.33
CA ALA B 337 3.50 14.04 -4.89
C ALA B 337 2.94 15.40 -5.32
N PHE B 338 3.70 16.48 -5.13
CA PHE B 338 3.18 17.79 -5.47
C PHE B 338 3.12 18.02 -6.98
N LEU B 339 4.12 17.51 -7.71
CA LEU B 339 4.13 17.61 -9.16
C LEU B 339 2.95 16.84 -9.74
N THR B 340 2.72 15.64 -9.22
CA THR B 340 1.59 14.83 -9.65
C THR B 340 0.27 15.54 -9.37
N ALA B 341 0.09 16.02 -8.14
CA ALA B 341 -1.14 16.70 -7.76
C ALA B 341 -1.43 17.92 -8.64
N ASP B 342 -0.36 18.66 -8.94
CA ASP B 342 -0.45 19.84 -9.79
C ASP B 342 -0.90 19.49 -11.21
N ILE B 343 -0.30 18.43 -11.76
CA ILE B 343 -0.66 17.94 -13.08
C ILE B 343 -2.12 17.49 -13.09
N LEU B 344 -2.56 16.82 -12.02
CA LEU B 344 -3.94 16.39 -11.92
C LEU B 344 -4.90 17.59 -11.93
N LEU B 345 -4.58 18.64 -11.18
CA LEU B 345 -5.47 19.81 -11.17
C LEU B 345 -5.50 20.53 -12.54
N THR B 346 -4.36 20.58 -13.22
CA THR B 346 -4.33 21.19 -14.54
C THR B 346 -5.18 20.38 -15.51
N THR B 347 -5.04 19.06 -15.46
CA THR B 347 -5.83 18.15 -16.27
C THR B 347 -7.34 18.28 -15.98
N LEU B 348 -7.69 18.31 -14.70
CA LEU B 348 -9.08 18.47 -14.29
C LEU B 348 -9.66 19.83 -14.71
N GLN B 349 -8.85 20.88 -14.62
CA GLN B 349 -9.24 22.20 -15.13
C GLN B 349 -9.58 22.14 -16.63
N ASN B 350 -8.73 21.45 -17.38
CA ASN B 350 -8.91 21.31 -18.83
C ASN B 350 -10.16 20.49 -19.17
N ILE B 351 -10.42 19.45 -18.37
CA ILE B 351 -11.58 18.61 -18.58
C ILE B 351 -12.87 19.35 -18.24
N SER B 352 -12.86 20.09 -17.13
CA SER B 352 -14.08 20.71 -16.61
C SER B 352 -14.45 21.97 -17.37
N GLU B 353 -13.53 22.39 -18.23
CA GLU B 353 -13.73 23.54 -19.11
C GLU B 353 -14.42 23.12 -20.41
N GLY B 354 -15.73 22.93 -20.35
CA GLY B 354 -16.47 22.55 -21.54
C GLY B 354 -16.68 21.06 -21.79
N LEU B 355 -17.03 20.31 -20.75
CA LEU B 355 -17.52 18.94 -20.93
C LEU B 355 -18.62 18.96 -21.98
N VAL B 356 -18.58 18.00 -22.89
CA VAL B 356 -19.54 17.91 -23.97
C VAL B 356 -20.67 16.96 -23.57
N VAL B 357 -21.90 17.46 -23.62
CA VAL B 357 -23.07 16.67 -23.23
C VAL B 357 -23.94 16.38 -24.45
N TYR B 358 -24.46 15.17 -24.54
CA TYR B 358 -25.38 14.82 -25.64
C TYR B 358 -26.77 14.43 -25.13
N PRO B 359 -27.65 15.44 -24.96
CA PRO B 359 -28.99 15.27 -24.39
C PRO B 359 -29.85 14.25 -25.16
N ARG B 360 -29.63 14.12 -26.47
CA ARG B 360 -30.47 13.25 -27.29
C ARG B 360 -30.00 11.80 -27.14
N VAL B 361 -28.72 11.60 -26.84
CA VAL B 361 -28.23 10.27 -26.53
C VAL B 361 -28.77 9.86 -25.15
N ILE B 362 -28.56 10.78 -24.21
CA ILE B 362 -29.08 10.65 -22.84
C ILE B 362 -30.58 10.37 -22.85
N GLY B 363 -31.33 11.14 -23.66
CA GLY B 363 -32.78 10.98 -23.78
C GLY B 363 -33.18 9.65 -24.38
N ARG B 364 -32.48 9.25 -25.44
CA ARG B 364 -32.72 7.95 -26.04
C ARG B 364 -32.51 6.78 -25.04
N ARG B 365 -31.39 6.81 -24.30
CA ARG B 365 -31.12 5.75 -23.34
C ARG B 365 -32.26 5.66 -22.32
N ILE B 366 -32.71 6.81 -21.84
CA ILE B 366 -33.84 6.85 -20.91
C ILE B 366 -35.12 6.28 -21.53
N SER B 367 -35.43 6.66 -22.77
CA SER B 367 -36.63 6.16 -23.43
C SER B 367 -36.57 4.63 -23.52
N GLN B 368 -35.37 4.09 -23.68
CA GLN B 368 -35.22 2.63 -23.76
C GLN B 368 -35.24 1.92 -22.41
N GLU B 369 -34.87 2.61 -21.33
CA GLU B 369 -34.76 1.93 -20.04
C GLU B 369 -35.90 2.25 -19.07
N LEU B 370 -36.45 3.46 -19.17
CA LEU B 370 -37.43 3.92 -18.19
C LEU B 370 -38.74 3.09 -18.10
N PRO B 371 -39.21 2.50 -19.23
CA PRO B 371 -40.45 1.73 -19.04
C PRO B 371 -40.35 0.59 -18.01
N PHE B 372 -39.20 -0.08 -17.94
CA PHE B 372 -39.02 -1.16 -16.98
C PHE B 372 -39.07 -0.62 -15.56
N MET B 373 -38.81 0.68 -15.43
CA MET B 373 -38.80 1.32 -14.12
C MET B 373 -40.09 2.09 -13.82
N ALA B 374 -41.03 2.10 -14.77
CA ALA B 374 -42.27 2.86 -14.61
C ALA B 374 -43.47 2.01 -14.18
N THR B 375 -43.25 0.72 -13.92
CA THR B 375 -44.37 -0.20 -13.71
C THR B 375 -45.12 0.05 -12.39
N GLU B 376 -44.40 0.57 -11.39
CA GLU B 376 -45.08 1.01 -10.18
C GLU B 376 -46.04 2.15 -10.46
N ASN B 377 -45.61 3.12 -11.28
CA ASN B 377 -46.47 4.19 -11.75
C ASN B 377 -47.74 3.66 -12.43
N ILE B 378 -47.57 2.60 -13.21
CA ILE B 378 -48.69 1.97 -13.92
C ILE B 378 -49.60 1.23 -12.95
N ILE B 379 -49.01 0.48 -12.03
CA ILE B 379 -49.76 -0.19 -10.97
C ILE B 379 -50.60 0.81 -10.18
N MET B 380 -50.02 1.95 -9.81
CA MET B 380 -50.76 2.96 -9.05
C MET B 380 -51.89 3.58 -9.86
N ALA B 381 -51.65 3.81 -11.15
CA ALA B 381 -52.66 4.41 -12.00
C ALA B 381 -53.86 3.47 -12.18
N ILE B 382 -53.60 2.18 -12.07
CA ILE B 382 -54.64 1.17 -12.19
C ILE B 382 -55.45 1.06 -10.89
N VAL B 383 -54.76 0.92 -9.76
CA VAL B 383 -55.39 0.84 -8.44
C VAL B 383 -56.36 2.01 -8.23
N LYS B 384 -55.92 3.19 -8.64
CA LYS B 384 -56.73 4.40 -8.53
C LYS B 384 -57.91 4.36 -9.49
N ALA B 385 -57.73 3.70 -10.63
CA ALA B 385 -58.81 3.57 -11.61
C ALA B 385 -59.74 2.39 -11.27
N GLY B 386 -59.55 1.80 -10.09
CA GLY B 386 -60.44 0.76 -9.62
C GLY B 386 -59.84 -0.63 -9.55
N GLY B 387 -58.73 -0.85 -10.25
CA GLY B 387 -58.11 -2.16 -10.31
C GLY B 387 -57.52 -2.65 -9.00
N ASP B 388 -57.08 -3.90 -9.01
CA ASP B 388 -56.47 -4.51 -7.83
C ASP B 388 -54.94 -4.42 -7.94
N ARG B 389 -54.29 -4.14 -6.82
CA ARG B 389 -52.86 -3.93 -6.82
C ARG B 389 -52.09 -5.21 -7.10
N GLN B 390 -52.40 -6.27 -6.35
CA GLN B 390 -51.71 -7.55 -6.49
C GLN B 390 -51.87 -8.13 -7.89
N GLU B 391 -53.05 -7.93 -8.47
CA GLU B 391 -53.34 -8.43 -9.80
C GLU B 391 -52.52 -7.70 -10.85
N CYS B 392 -52.49 -6.38 -10.75
CA CYS B 392 -51.81 -5.55 -11.73
C CYS B 392 -50.31 -5.81 -11.71
N HIS B 393 -49.77 -5.95 -10.49
CA HIS B 393 -48.35 -6.20 -10.30
C HIS B 393 -47.92 -7.50 -10.98
N GLU B 394 -48.77 -8.51 -10.94
CA GLU B 394 -48.45 -9.78 -11.57
C GLU B 394 -48.50 -9.63 -13.08
N LYS B 395 -49.55 -9.02 -13.59
CA LYS B 395 -49.75 -8.86 -15.02
C LYS B 395 -48.69 -7.97 -15.68
N ILE B 396 -48.26 -6.91 -14.98
CA ILE B 396 -47.29 -6.01 -15.58
C ILE B 396 -45.90 -6.64 -15.48
N ARG B 397 -45.69 -7.43 -14.43
CA ARG B 397 -44.46 -8.20 -14.24
C ARG B 397 -44.24 -9.20 -15.38
N VAL B 398 -45.32 -9.83 -15.81
CA VAL B 398 -45.28 -10.73 -16.97
C VAL B 398 -44.87 -10.01 -18.25
N LEU B 399 -45.47 -8.84 -18.51
CA LEU B 399 -45.16 -8.09 -19.72
C LEU B 399 -43.70 -7.57 -19.71
N SER B 400 -43.25 -7.16 -18.53
CA SER B 400 -41.87 -6.72 -18.34
C SER B 400 -40.90 -7.84 -18.71
N HIS B 401 -41.19 -9.05 -18.23
CA HIS B 401 -40.37 -10.23 -18.54
C HIS B 401 -40.29 -10.46 -20.05
N GLN B 402 -41.41 -10.26 -20.72
CA GLN B 402 -41.48 -10.47 -22.16
C GLN B 402 -40.72 -9.41 -22.94
N ALA B 403 -40.94 -8.15 -22.60
CA ALA B 403 -40.25 -7.07 -23.29
C ALA B 403 -38.73 -7.14 -23.07
N GLY B 404 -38.32 -7.64 -21.91
CA GLY B 404 -36.90 -7.80 -21.62
C GLY B 404 -36.26 -8.84 -22.50
N ALA B 405 -37.01 -9.89 -22.80
CA ALA B 405 -36.54 -10.98 -23.67
C ALA B 405 -36.35 -10.48 -25.09
N VAL B 406 -37.21 -9.56 -25.53
CA VAL B 406 -37.05 -8.95 -26.85
C VAL B 406 -35.75 -8.16 -26.88
N VAL B 407 -35.46 -7.42 -25.81
CA VAL B 407 -34.24 -6.63 -25.76
C VAL B 407 -33.01 -7.56 -25.81
N LYS B 408 -33.01 -8.57 -24.93
CA LYS B 408 -31.83 -9.41 -24.78
C LYS B 408 -31.75 -10.60 -25.76
N GLU B 409 -32.83 -11.36 -25.91
CA GLU B 409 -32.76 -12.57 -26.74
C GLU B 409 -32.89 -12.26 -28.23
N GLU B 410 -33.58 -11.18 -28.58
CA GLU B 410 -33.72 -10.81 -29.99
C GLU B 410 -32.89 -9.60 -30.40
N GLY B 411 -32.27 -8.92 -29.43
CA GLY B 411 -31.48 -7.74 -29.73
C GLY B 411 -32.33 -6.62 -30.33
N GLY B 412 -33.62 -6.64 -29.99
CA GLY B 412 -34.53 -5.66 -30.52
C GLY B 412 -34.72 -4.52 -29.54
N GLU B 413 -35.63 -3.61 -29.86
CA GLU B 413 -35.95 -2.51 -28.96
C GLU B 413 -37.02 -2.93 -27.96
N ASN B 414 -36.96 -2.28 -26.81
CA ASN B 414 -37.96 -2.42 -25.77
C ASN B 414 -39.39 -2.17 -26.30
N ASP B 415 -40.31 -3.11 -26.07
CA ASP B 415 -41.70 -2.96 -26.51
C ASP B 415 -42.69 -3.05 -25.35
N LEU B 416 -42.22 -2.77 -24.12
CA LEU B 416 -43.06 -2.85 -22.93
C LEU B 416 -44.34 -2.01 -23.06
N ILE B 417 -44.22 -0.76 -23.46
CA ILE B 417 -45.38 0.12 -23.47
C ILE B 417 -46.40 -0.35 -24.53
N ASP B 418 -45.92 -0.91 -25.63
CA ASP B 418 -46.81 -1.49 -26.64
C ASP B 418 -47.61 -2.66 -26.07
N ARG B 419 -46.95 -3.49 -25.27
CA ARG B 419 -47.64 -4.61 -24.62
C ARG B 419 -48.72 -4.11 -23.66
N VAL B 420 -48.47 -2.97 -23.03
CA VAL B 420 -49.46 -2.36 -22.14
C VAL B 420 -50.67 -1.80 -22.94
N LYS B 421 -50.39 -1.27 -24.14
CA LYS B 421 -51.42 -0.70 -24.99
C LYS B 421 -52.29 -1.75 -25.70
N ASN B 422 -51.75 -2.94 -25.91
CA ASN B 422 -52.49 -4.01 -26.61
C ASN B 422 -53.04 -5.04 -25.64
N ASP B 423 -52.99 -4.72 -24.35
CA ASP B 423 -53.57 -5.57 -23.31
C ASP B 423 -54.75 -4.81 -22.72
N GLU B 424 -55.96 -5.30 -22.99
CA GLU B 424 -57.19 -4.60 -22.67
C GLU B 424 -57.29 -4.25 -21.18
N TYR B 425 -56.66 -5.07 -20.34
CA TYR B 425 -56.66 -4.85 -18.89
C TYR B 425 -56.17 -3.46 -18.49
N PHE B 426 -55.27 -2.88 -19.29
CA PHE B 426 -54.67 -1.59 -18.95
C PHE B 426 -55.38 -0.42 -19.63
N LYS B 427 -56.50 -0.70 -20.27
CA LYS B 427 -57.30 0.32 -20.96
C LYS B 427 -57.77 1.49 -20.10
N PRO B 428 -58.06 1.26 -18.80
CA PRO B 428 -58.36 2.45 -18.00
C PRO B 428 -57.21 3.46 -17.86
N ILE B 429 -56.00 3.11 -18.29
CA ILE B 429 -54.89 4.06 -18.14
C ILE B 429 -54.13 4.37 -19.44
N TRP B 430 -54.64 3.89 -20.58
CA TRP B 430 -53.98 4.15 -21.88
C TRP B 430 -53.81 5.64 -22.18
N GLY B 431 -54.73 6.43 -21.66
CA GLY B 431 -54.72 7.86 -21.93
C GLY B 431 -53.69 8.60 -21.11
N GLN B 432 -53.31 8.02 -19.97
CA GLN B 432 -52.32 8.60 -19.07
C GLN B 432 -50.88 8.18 -19.38
N LEU B 433 -50.68 7.33 -20.39
CA LEU B 433 -49.40 6.67 -20.58
C LEU B 433 -48.28 7.66 -20.86
N ASP B 434 -48.55 8.65 -21.70
CA ASP B 434 -47.55 9.67 -22.01
C ASP B 434 -47.12 10.42 -20.75
N ALA B 435 -48.09 10.73 -19.89
CA ALA B 435 -47.79 11.43 -18.65
C ALA B 435 -47.07 10.51 -17.67
N LEU B 436 -47.51 9.25 -17.60
CA LEU B 436 -46.93 8.29 -16.69
C LEU B 436 -45.46 7.99 -17.03
N LEU B 437 -45.10 8.18 -18.29
CA LEU B 437 -43.77 7.84 -18.78
C LEU B 437 -42.90 9.07 -19.04
N ASP B 438 -43.37 10.23 -18.56
CA ASP B 438 -42.62 11.47 -18.69
C ASP B 438 -41.37 11.47 -17.75
N PRO B 439 -40.15 11.42 -18.33
CA PRO B 439 -38.90 11.29 -17.53
C PRO B 439 -38.79 12.34 -16.44
N ARG B 440 -39.28 13.54 -16.73
CA ARG B 440 -39.16 14.66 -15.82
C ARG B 440 -39.86 14.39 -14.47
N THR B 441 -40.84 13.48 -14.45
CA THR B 441 -41.52 13.18 -13.21
C THR B 441 -40.78 12.12 -12.38
N PHE B 442 -39.63 11.65 -12.87
CA PHE B 442 -38.93 10.54 -12.21
C PHE B 442 -37.66 10.99 -11.48
N VAL B 443 -37.29 12.26 -11.63
CA VAL B 443 -36.01 12.75 -11.12
C VAL B 443 -36.06 13.17 -9.65
N GLY B 444 -37.15 12.86 -8.95
CA GLY B 444 -37.29 13.23 -7.56
C GLY B 444 -36.89 14.68 -7.32
N ARG B 445 -35.94 14.90 -6.41
CA ARG B 445 -35.51 16.24 -6.00
C ARG B 445 -34.13 16.65 -6.56
N ALA B 446 -33.62 15.93 -7.55
CA ALA B 446 -32.26 16.18 -8.04
C ALA B 446 -32.00 17.66 -8.40
N PRO B 447 -32.90 18.29 -9.18
CA PRO B 447 -32.59 19.69 -9.52
C PRO B 447 -32.57 20.59 -8.27
N GLU B 448 -33.51 20.37 -7.34
CA GLU B 448 -33.53 21.15 -6.10
C GLU B 448 -32.30 20.87 -5.24
N GLN B 449 -31.83 19.63 -5.24
CA GLN B 449 -30.62 19.29 -4.50
C GLN B 449 -29.43 20.06 -5.04
N VAL B 450 -29.43 20.27 -6.37
CA VAL B 450 -28.36 21.05 -6.99
C VAL B 450 -28.39 22.52 -6.56
N ASP B 451 -29.54 23.19 -6.73
CA ASP B 451 -29.66 24.60 -6.35
C ASP B 451 -29.21 24.81 -4.92
N GLY B 452 -29.70 23.93 -4.04
CA GLY B 452 -29.42 24.03 -2.62
C GLY B 452 -27.94 23.81 -2.29
N PHE B 453 -27.35 22.76 -2.87
CA PHE B 453 -25.94 22.46 -2.66
C PHE B 453 -25.03 23.60 -3.07
N LEU B 454 -25.25 24.13 -4.27
CA LEU B 454 -24.46 25.25 -4.78
C LEU B 454 -24.56 26.50 -3.88
N LYS B 455 -25.77 26.81 -3.43
CA LYS B 455 -25.99 28.00 -2.60
C LYS B 455 -25.42 27.85 -1.19
N GLU B 456 -25.65 26.69 -0.57
CA GLU B 456 -25.33 26.51 0.84
C GLU B 456 -23.93 25.98 1.09
N TRP B 457 -23.39 25.21 0.16
CA TRP B 457 -22.08 24.62 0.39
C TRP B 457 -21.00 25.11 -0.56
N VAL B 458 -21.28 25.17 -1.86
CA VAL B 458 -20.22 25.47 -2.80
C VAL B 458 -19.82 26.95 -2.77
N GLU B 459 -20.80 27.85 -2.84
CA GLU B 459 -20.50 29.28 -2.88
C GLU B 459 -19.76 29.76 -1.62
N PRO B 460 -20.21 29.34 -0.41
CA PRO B 460 -19.39 29.66 0.77
C PRO B 460 -17.96 29.09 0.74
N ALA B 461 -17.79 27.88 0.24
CA ALA B 461 -16.45 27.29 0.19
C ALA B 461 -15.53 28.05 -0.77
N LEU B 462 -16.09 28.57 -1.85
CA LEU B 462 -15.29 29.27 -2.85
C LEU B 462 -15.06 30.74 -2.52
N LYS B 463 -15.86 31.29 -1.61
CA LYS B 463 -15.81 32.72 -1.32
C LYS B 463 -14.39 33.25 -1.06
N PRO B 464 -13.58 32.57 -0.20
CA PRO B 464 -12.24 33.11 0.03
C PRO B 464 -11.33 33.16 -1.21
N TYR B 465 -11.59 32.31 -2.20
CA TYR B 465 -10.72 32.25 -3.38
C TYR B 465 -11.27 33.10 -4.52
N GLU B 466 -12.27 33.91 -4.20
CA GLU B 466 -13.01 34.74 -5.17
C GLU B 466 -12.17 35.67 -6.06
N GLU B 467 -11.06 36.19 -5.53
CA GLU B 467 -10.22 37.13 -6.28
C GLU B 467 -9.33 36.46 -7.32
N ALA B 468 -9.16 35.15 -7.22
CA ALA B 468 -8.31 34.41 -8.16
C ALA B 468 -9.11 33.73 -9.27
N MET C 1 -22.77 -13.09 19.03
CA MET C 1 -23.42 -11.96 18.36
C MET C 1 -23.21 -10.65 19.16
N ASP C 2 -22.42 -10.73 20.23
CA ASP C 2 -22.05 -9.55 21.02
C ASP C 2 -20.60 -9.10 20.75
N SER C 3 -19.92 -9.79 19.85
CA SER C 3 -18.57 -9.41 19.44
C SER C 3 -18.40 -9.56 17.94
N TYR C 4 -17.57 -8.70 17.35
CA TYR C 4 -17.29 -8.77 15.92
C TYR C 4 -16.71 -10.13 15.52
N GLN C 5 -17.29 -10.72 14.48
CA GLN C 5 -16.78 -11.93 13.88
C GLN C 5 -16.34 -11.55 12.48
N THR C 6 -15.17 -12.03 12.04
CA THR C 6 -14.75 -11.66 10.69
C THR C 6 -15.62 -12.36 9.65
N PRO C 7 -16.04 -11.62 8.61
CA PRO C 7 -16.86 -12.23 7.57
C PRO C 7 -16.03 -13.13 6.66
N LEU C 8 -14.70 -13.11 6.79
CA LEU C 8 -13.85 -13.96 5.96
C LEU C 8 -13.87 -15.46 6.34
N SER C 9 -14.38 -15.80 7.52
CA SER C 9 -14.52 -17.22 7.88
C SER C 9 -15.99 -17.63 8.08
N SER C 10 -16.87 -16.65 8.28
CA SER C 10 -18.30 -16.90 8.41
C SER C 10 -19.03 -16.82 7.06
N ALA C 13 -16.76 -18.38 2.27
CA ALA C 13 -15.55 -19.06 2.71
C ALA C 13 -15.78 -20.56 2.82
N SER C 14 -14.81 -21.33 2.37
CA SER C 14 -14.94 -22.78 2.49
C SER C 14 -14.70 -23.17 3.92
N LYS C 15 -15.35 -24.25 4.34
CA LYS C 15 -15.14 -24.83 5.64
C LYS C 15 -13.67 -25.21 5.81
N GLU C 16 -13.08 -25.70 4.73
CA GLU C 16 -11.75 -26.28 4.77
C GLU C 16 -10.69 -25.25 5.10
N MET C 17 -10.70 -24.12 4.40
CA MET C 17 -9.67 -23.11 4.63
C MET C 17 -9.86 -22.49 6.01
N SER C 18 -11.10 -22.33 6.43
CA SER C 18 -11.40 -21.78 7.74
C SER C 18 -10.93 -22.72 8.86
N LYS C 19 -11.05 -24.02 8.60
CA LYS C 19 -10.65 -25.02 9.58
C LYS C 19 -9.14 -25.07 9.64
N LEU C 20 -8.47 -24.91 8.50
CA LEU C 20 -7.01 -24.94 8.47
C LEU C 20 -6.40 -23.92 9.42
N PHE C 21 -7.02 -22.76 9.54
CA PHE C 21 -6.49 -21.70 10.40
C PHE C 21 -7.24 -21.56 11.71
N SER C 22 -7.99 -22.59 12.07
CA SER C 22 -8.72 -22.61 13.35
C SER C 22 -7.78 -22.94 14.51
N SER C 23 -8.16 -22.53 15.71
CA SER C 23 -7.36 -22.82 16.91
C SER C 23 -7.22 -24.33 17.10
N GLY C 24 -8.29 -25.07 16.81
CA GLY C 24 -8.26 -26.51 16.91
C GLY C 24 -7.19 -27.12 16.02
N ALA C 25 -7.12 -26.62 14.79
CA ALA C 25 -6.11 -27.09 13.86
C ALA C 25 -4.70 -26.65 14.30
N ARG C 26 -4.59 -25.46 14.90
CA ARG C 26 -3.27 -24.98 15.29
C ARG C 26 -2.66 -25.87 16.38
N PHE C 27 -3.42 -26.09 17.44
CA PHE C 27 -2.91 -26.82 18.59
C PHE C 27 -2.78 -28.31 18.26
N GLY C 28 -3.69 -28.81 17.43
CA GLY C 28 -3.58 -30.18 16.93
C GLY C 28 -2.29 -30.35 16.15
N THR C 29 -1.93 -29.34 15.37
CA THR C 29 -0.72 -29.41 14.54
C THR C 29 0.52 -29.34 15.42
N TRP C 30 0.47 -28.56 16.49
CA TRP C 30 1.55 -28.54 17.46
C TRP C 30 1.79 -29.96 18.01
N ARG C 31 0.71 -30.66 18.32
CA ARG C 31 0.83 -32.01 18.87
C ARG C 31 1.37 -32.99 17.83
N LYS C 32 1.02 -32.78 16.56
CA LYS C 32 1.61 -33.61 15.50
C LYS C 32 3.10 -33.35 15.43
N LEU C 33 3.47 -32.09 15.64
CA LEU C 33 4.88 -31.71 15.61
C LEU C 33 5.63 -32.35 16.78
N TRP C 34 5.01 -32.33 17.96
CA TRP C 34 5.60 -32.92 19.16
C TRP C 34 5.73 -34.44 19.02
N LEU C 35 4.68 -35.08 18.54
CA LEU C 35 4.72 -36.52 18.25
C LEU C 35 5.87 -36.88 17.33
N ASN C 36 6.04 -36.13 16.24
CA ASN C 36 7.06 -36.47 15.25
C ASN C 36 8.45 -36.10 15.70
N LEU C 37 8.55 -35.06 16.51
CA LEU C 37 9.80 -34.74 17.17
C LEU C 37 10.20 -35.93 18.05
N ALA C 38 9.24 -36.44 18.82
CA ALA C 38 9.50 -37.58 19.71
C ALA C 38 9.87 -38.82 18.91
N ILE C 39 9.14 -39.10 17.85
CA ILE C 39 9.44 -40.24 17.00
C ILE C 39 10.87 -40.15 16.46
N ALA C 40 11.25 -38.99 15.96
CA ALA C 40 12.55 -38.82 15.34
C ALA C 40 13.69 -38.82 16.37
N GLU C 41 13.42 -38.26 17.55
CA GLU C 41 14.40 -38.27 18.63
C GLU C 41 14.61 -39.70 19.15
N LYS C 42 13.51 -40.45 19.24
CA LYS C 42 13.56 -41.82 19.70
C LYS C 42 14.37 -42.67 18.73
N GLU C 43 14.21 -42.39 17.44
CA GLU C 43 14.96 -43.09 16.39
C GLU C 43 16.44 -42.82 16.50
N LEU C 44 16.79 -41.62 16.96
CA LEU C 44 18.19 -41.23 17.09
C LEU C 44 18.74 -41.58 18.47
N GLY C 45 17.98 -42.38 19.21
CA GLY C 45 18.48 -43.03 20.42
C GLY C 45 18.15 -42.40 21.75
N LEU C 46 17.25 -41.43 21.77
CA LEU C 46 16.93 -40.74 23.02
C LEU C 46 15.97 -41.59 23.87
N ALA C 47 15.86 -41.24 25.15
CA ALA C 47 15.13 -42.04 26.12
C ALA C 47 13.63 -41.78 26.07
N ILE C 48 12.97 -42.31 25.04
CA ILE C 48 11.55 -42.12 24.83
C ILE C 48 10.87 -43.47 24.66
N SER C 49 9.81 -43.71 25.42
CA SER C 49 9.18 -45.03 25.45
C SER C 49 8.18 -45.21 24.30
N ASP C 50 7.88 -46.47 23.99
CA ASP C 50 6.82 -46.75 23.04
C ASP C 50 5.49 -46.22 23.59
N ALA C 51 5.33 -46.32 24.91
CA ALA C 51 4.13 -45.84 25.57
C ALA C 51 3.90 -44.34 25.36
N ALA C 52 4.93 -43.55 25.59
CA ALA C 52 4.89 -42.11 25.33
C ALA C 52 4.43 -41.80 23.90
N ILE C 53 5.04 -42.49 22.93
CA ILE C 53 4.70 -42.33 21.52
C ILE C 53 3.23 -42.69 21.22
N GLU C 54 2.79 -43.84 21.72
CA GLU C 54 1.46 -44.33 21.39
C GLU C 54 0.35 -43.54 22.05
N GLN C 55 0.62 -42.98 23.23
CA GLN C 55 -0.36 -42.12 23.89
C GLN C 55 -0.54 -40.83 23.07
N MET C 56 0.56 -40.32 22.55
CA MET C 56 0.54 -39.10 21.76
C MET C 56 -0.26 -39.27 20.46
N LYS C 57 -0.01 -40.34 19.71
CA LYS C 57 -0.77 -40.64 18.49
C LYS C 57 -2.29 -40.66 18.68
N ALA C 58 -2.74 -40.98 19.90
CA ALA C 58 -4.16 -41.15 20.17
C ALA C 58 -4.79 -39.89 20.76
N ASN C 59 -3.98 -38.86 20.98
CA ASN C 59 -4.47 -37.60 21.53
C ASN C 59 -3.99 -36.37 20.76
N LEU C 60 -3.96 -36.47 19.44
CA LEU C 60 -3.55 -35.35 18.58
C LEU C 60 -4.62 -34.26 18.51
N GLU C 61 -5.87 -34.63 18.78
CA GLU C 61 -6.98 -33.70 18.67
C GLU C 61 -7.43 -33.19 20.03
N LEU C 62 -7.76 -31.92 20.11
CA LEU C 62 -8.21 -31.36 21.37
C LEU C 62 -9.73 -31.30 21.42
N ASP C 63 -10.25 -31.10 22.62
CA ASP C 63 -11.67 -30.83 22.81
C ASP C 63 -11.81 -29.60 23.68
N GLU C 64 -13.05 -29.16 23.89
CA GLU C 64 -13.33 -27.97 24.66
C GLU C 64 -12.76 -28.06 26.08
N ALA C 65 -12.75 -29.26 26.63
CA ALA C 65 -12.22 -29.48 27.98
C ALA C 65 -10.71 -29.21 28.01
N GLN C 66 -9.98 -29.89 27.13
CA GLN C 66 -8.53 -29.73 27.05
C GLN C 66 -8.17 -28.28 26.76
N MET C 67 -8.96 -27.65 25.89
CA MET C 67 -8.82 -26.22 25.62
C MET C 67 -8.88 -25.39 26.90
N LYS C 68 -9.90 -25.63 27.72
CA LYS C 68 -10.07 -24.88 28.96
C LYS C 68 -8.93 -25.18 29.93
N VAL C 69 -8.39 -26.40 29.87
CA VAL C 69 -7.21 -26.73 30.67
C VAL C 69 -6.03 -25.88 30.21
N ALA C 70 -5.90 -25.70 28.89
CA ALA C 70 -4.79 -24.92 28.35
C ALA C 70 -4.98 -23.42 28.62
N ALA C 71 -6.22 -22.98 28.67
CA ALA C 71 -6.53 -21.58 28.97
C ALA C 71 -6.20 -21.28 30.43
N GLU C 72 -6.45 -22.24 31.31
CA GLU C 72 -6.18 -22.09 32.74
C GLU C 72 -4.70 -22.32 33.05
N GLU C 73 -4.02 -23.05 32.18
CA GLU C 73 -2.60 -23.26 32.36
C GLU C 73 -1.84 -22.06 31.79
N GLU C 74 -2.45 -21.36 30.85
CA GLU C 74 -1.89 -20.12 30.34
C GLU C 74 -2.27 -18.97 31.26
N LYS C 75 -3.14 -19.25 32.22
CA LYS C 75 -3.48 -18.27 33.25
C LYS C 75 -2.28 -18.08 34.16
N LYS C 76 -1.74 -19.19 34.66
CA LYS C 76 -0.60 -19.18 35.56
C LYS C 76 0.65 -18.67 34.87
N ARG C 77 0.71 -18.86 33.56
CA ARG C 77 1.85 -18.40 32.76
C ARG C 77 1.50 -17.20 31.89
N ARG C 78 2.42 -16.89 30.98
CA ARG C 78 2.17 -15.90 29.94
C ARG C 78 2.65 -16.54 28.66
N HIS C 79 2.56 -17.87 28.62
CA HIS C 79 3.18 -18.67 27.57
C HIS C 79 2.23 -19.77 27.06
N ASP C 80 1.80 -19.63 25.81
CA ASP C 80 0.80 -20.55 25.26
C ASP C 80 1.36 -21.92 24.89
N VAL C 81 2.64 -21.97 24.46
CA VAL C 81 3.27 -23.23 24.09
C VAL C 81 3.41 -24.16 25.30
N MET C 82 3.93 -23.65 26.42
CA MET C 82 4.11 -24.47 27.61
C MET C 82 2.77 -24.89 28.20
N ALA C 83 1.75 -24.05 28.05
CA ALA C 83 0.40 -24.41 28.48
C ALA C 83 -0.10 -25.62 27.69
N HIS C 84 0.30 -25.70 26.42
CA HIS C 84 -0.10 -26.81 25.58
C HIS C 84 0.86 -27.99 25.70
N VAL C 85 2.10 -27.73 26.13
CA VAL C 85 2.98 -28.82 26.50
C VAL C 85 2.34 -29.53 27.69
N HIS C 86 1.96 -28.74 28.69
CA HIS C 86 1.32 -29.26 29.90
C HIS C 86 0.01 -29.99 29.58
N THR C 87 -0.89 -29.30 28.87
CA THR C 87 -2.18 -29.89 28.52
C THR C 87 -2.04 -31.20 27.74
N PHE C 88 -1.11 -31.23 26.78
CA PHE C 88 -0.81 -32.47 26.07
C PHE C 88 -0.40 -33.58 27.04
N GLY C 89 0.44 -33.22 28.01
CA GLY C 89 0.92 -34.16 29.01
C GLY C 89 -0.16 -34.75 29.90
N THR C 90 -1.20 -33.96 30.19
CA THR C 90 -2.30 -34.41 31.03
C THR C 90 -3.11 -35.53 30.37
N VAL C 91 -3.14 -35.57 29.03
CA VAL C 91 -3.86 -36.64 28.32
C VAL C 91 -2.92 -37.69 27.72
N ALA C 92 -1.62 -37.41 27.73
CA ALA C 92 -0.61 -38.41 27.41
C ALA C 92 0.44 -38.43 28.52
N PRO C 93 0.06 -39.01 29.68
CA PRO C 93 0.87 -38.96 30.91
C PRO C 93 2.27 -39.54 30.75
N GLU C 94 2.41 -40.54 29.88
CA GLU C 94 3.70 -41.19 29.66
C GLU C 94 4.68 -40.34 28.88
N ALA C 95 4.17 -39.40 28.09
CA ALA C 95 5.02 -38.56 27.25
C ALA C 95 5.27 -37.21 27.91
N ALA C 96 4.65 -37.00 29.06
CA ALA C 96 4.68 -35.71 29.76
C ALA C 96 6.11 -35.21 30.00
N GLY C 97 7.03 -36.16 30.16
CA GLY C 97 8.41 -35.82 30.43
C GLY C 97 9.21 -35.47 29.19
N ILE C 98 8.76 -35.94 28.01
CA ILE C 98 9.56 -35.81 26.80
C ILE C 98 8.95 -34.95 25.68
N ILE C 99 7.69 -34.55 25.83
CA ILE C 99 7.08 -33.58 24.92
C ILE C 99 7.92 -32.32 24.92
N HIS C 100 8.30 -31.85 23.72
CA HIS C 100 9.02 -30.59 23.50
C HIS C 100 10.50 -30.70 23.88
N LEU C 101 10.99 -31.93 23.99
CA LEU C 101 12.36 -32.20 24.42
C LEU C 101 13.42 -31.52 23.57
N GLY C 102 14.09 -30.53 24.15
CA GLY C 102 15.24 -29.91 23.52
C GLY C 102 14.85 -28.82 22.56
N ALA C 103 13.55 -28.61 22.39
CA ALA C 103 13.07 -27.67 21.40
C ALA C 103 12.78 -26.31 22.02
N THR C 104 12.59 -25.33 21.14
CA THR C 104 12.19 -23.99 21.55
C THR C 104 10.77 -23.74 21.01
N SER C 105 10.13 -22.67 21.47
CA SER C 105 8.75 -22.35 21.10
C SER C 105 8.45 -22.44 19.60
N CYS C 106 9.33 -21.84 18.79
CA CYS C 106 9.12 -21.78 17.35
C CYS C 106 9.18 -23.15 16.66
N TYR C 107 9.60 -24.19 17.38
CA TYR C 107 9.55 -25.52 16.78
C TYR C 107 8.08 -25.87 16.44
N VAL C 108 7.15 -25.45 17.29
CA VAL C 108 5.75 -25.72 16.98
C VAL C 108 5.09 -24.52 16.30
N THR C 109 5.29 -23.31 16.82
CA THR C 109 4.57 -22.14 16.28
C THR C 109 4.94 -21.87 14.83
N ASP C 110 6.23 -21.89 14.54
CA ASP C 110 6.73 -21.54 13.22
C ASP C 110 6.53 -22.65 12.19
N ASN C 111 6.82 -23.89 12.57
CA ASN C 111 6.67 -25.00 11.63
C ASN C 111 5.20 -25.18 11.28
N ALA C 112 4.32 -24.89 12.24
CA ALA C 112 2.89 -25.03 12.00
C ALA C 112 2.45 -24.03 10.92
N ASP C 113 2.90 -22.80 11.04
CA ASP C 113 2.62 -21.77 10.03
C ASP C 113 3.10 -22.18 8.64
N LEU C 114 4.31 -22.73 8.55
CA LEU C 114 4.80 -23.24 7.26
C LEU C 114 3.89 -24.35 6.73
N ILE C 115 3.50 -25.26 7.63
CA ILE C 115 2.56 -26.29 7.27
C ILE C 115 1.26 -25.69 6.71
N PHE C 116 0.79 -24.61 7.34
CA PHE C 116 -0.46 -23.97 6.93
C PHE C 116 -0.31 -23.17 5.62
N LEU C 117 0.86 -22.57 5.40
CA LEU C 117 1.18 -21.95 4.11
C LEU C 117 1.12 -22.97 2.97
N ARG C 118 1.78 -24.10 3.19
CA ARG C 118 1.92 -25.17 2.18
C ARG C 118 0.56 -25.82 1.93
N ASP C 119 -0.09 -26.26 3.01
CA ASP C 119 -1.40 -26.89 2.91
C ASP C 119 -2.46 -25.91 2.37
N GLY C 120 -2.33 -24.65 2.77
CA GLY C 120 -3.19 -23.59 2.29
C GLY C 120 -3.09 -23.42 0.77
N LEU C 121 -1.86 -23.37 0.27
CA LEU C 121 -1.66 -23.27 -1.17
C LEU C 121 -2.19 -24.52 -1.85
N ASP C 122 -2.10 -25.66 -1.17
CA ASP C 122 -2.62 -26.92 -1.67
C ASP C 122 -4.14 -26.92 -1.76
N ILE C 123 -4.80 -26.10 -0.95
CA ILE C 123 -6.24 -25.97 -1.06
C ILE C 123 -6.58 -25.05 -2.25
N LEU C 124 -5.82 -23.97 -2.42
CA LEU C 124 -6.08 -22.99 -3.48
C LEU C 124 -5.87 -23.53 -4.89
N LEU C 125 -4.77 -24.25 -5.08
CA LEU C 125 -4.30 -24.58 -6.43
C LEU C 125 -5.31 -25.39 -7.26
N PRO C 126 -5.88 -26.49 -6.71
CA PRO C 126 -6.88 -27.21 -7.51
C PRO C 126 -8.10 -26.36 -7.86
N LYS C 127 -8.52 -25.47 -6.96
CA LYS C 127 -9.65 -24.59 -7.25
C LYS C 127 -9.30 -23.60 -8.37
N LEU C 128 -8.07 -23.12 -8.38
CA LEU C 128 -7.59 -22.28 -9.47
C LEU C 128 -7.58 -23.06 -10.78
N ALA C 129 -7.12 -24.30 -10.74
CA ALA C 129 -7.14 -25.16 -11.92
C ALA C 129 -8.58 -25.35 -12.45
N THR C 130 -9.53 -25.47 -11.52
CA THR C 130 -10.94 -25.62 -11.89
C THR C 130 -11.50 -24.37 -12.57
N VAL C 131 -11.17 -23.19 -12.05
CA VAL C 131 -11.57 -21.95 -12.69
C VAL C 131 -11.04 -21.85 -14.11
N ILE C 132 -9.75 -22.13 -14.27
CA ILE C 132 -9.14 -22.11 -15.59
C ILE C 132 -9.85 -23.07 -16.56
N SER C 133 -10.17 -24.27 -16.09
CA SER C 133 -10.79 -25.28 -16.94
C SER C 133 -12.18 -24.81 -17.42
N ARG C 134 -12.95 -24.22 -16.52
CA ARG C 134 -14.29 -23.76 -16.88
C ARG C 134 -14.25 -22.61 -17.87
N LEU C 135 -13.38 -21.65 -17.64
CA LEU C 135 -13.20 -20.53 -18.55
C LEU C 135 -12.61 -21.01 -19.88
N ALA C 136 -11.78 -22.04 -19.85
CA ALA C 136 -11.25 -22.61 -21.08
C ALA C 136 -12.35 -23.24 -21.95
N ASN C 137 -13.28 -23.96 -21.33
CA ASN C 137 -14.41 -24.50 -22.08
C ASN C 137 -15.28 -23.38 -22.64
N PHE C 138 -15.49 -22.33 -21.84
CA PHE C 138 -16.20 -21.13 -22.29
C PHE C 138 -15.51 -20.50 -23.50
N ALA C 139 -14.19 -20.39 -23.44
CA ALA C 139 -13.40 -19.82 -24.53
C ALA C 139 -13.53 -20.64 -25.82
N LYS C 140 -13.56 -21.95 -25.67
CA LYS C 140 -13.71 -22.82 -26.83
C LYS C 140 -15.10 -22.69 -27.42
N GLN C 141 -16.12 -22.70 -26.56
CA GLN C 141 -17.50 -22.63 -27.04
C GLN C 141 -17.75 -21.35 -27.83
N TYR C 142 -17.13 -20.26 -27.40
CA TYR C 142 -17.38 -18.97 -28.01
C TYR C 142 -16.21 -18.46 -28.84
N ARG C 143 -15.38 -19.40 -29.33
CA ARG C 143 -14.13 -19.05 -30.01
C ARG C 143 -14.31 -18.10 -31.21
N ASP C 144 -15.42 -18.21 -31.93
CA ASP C 144 -15.60 -17.36 -33.10
C ASP C 144 -16.89 -16.57 -33.11
N LEU C 145 -17.42 -16.23 -31.92
CA LEU C 145 -18.53 -15.30 -31.86
C LEU C 145 -17.97 -13.89 -31.90
N PRO C 146 -18.13 -13.17 -33.02
CA PRO C 146 -17.58 -11.81 -33.08
C PRO C 146 -18.19 -10.93 -32.00
N THR C 147 -17.39 -10.02 -31.46
CA THR C 147 -17.86 -9.11 -30.43
C THR C 147 -17.04 -7.85 -30.58
N LEU C 148 -17.63 -6.70 -30.24
CA LEU C 148 -16.97 -5.42 -30.42
C LEU C 148 -15.75 -5.33 -29.51
N GLY C 149 -14.61 -5.00 -30.11
CA GLY C 149 -13.40 -4.78 -29.36
C GLY C 149 -13.47 -3.44 -28.63
N PHE C 150 -12.71 -3.31 -27.55
CA PHE C 150 -12.80 -2.12 -26.73
C PHE C 150 -11.43 -1.67 -26.23
N THR C 151 -10.93 -0.54 -26.75
CA THR C 151 -9.74 0.12 -26.23
C THR C 151 -10.17 1.53 -25.80
N HIS C 152 -9.67 2.00 -24.65
CA HIS C 152 -10.18 3.22 -23.99
C HIS C 152 -11.67 3.08 -23.63
N PHE C 153 -12.16 1.84 -23.58
CA PHE C 153 -13.58 1.53 -23.50
C PHE C 153 -14.37 2.25 -24.61
N GLN C 154 -13.73 2.35 -25.77
CA GLN C 154 -14.35 2.89 -26.98
C GLN C 154 -14.31 1.80 -28.05
N PRO C 155 -15.24 1.84 -29.02
CA PRO C 155 -15.27 0.81 -30.07
C PRO C 155 -13.93 0.65 -30.76
N ALA C 156 -13.54 -0.60 -31.00
CA ALA C 156 -12.28 -0.92 -31.64
C ALA C 156 -12.42 -2.21 -32.45
N GLN C 157 -11.38 -2.59 -33.17
CA GLN C 157 -11.42 -3.76 -34.06
C GLN C 157 -11.96 -5.00 -33.36
N LEU C 158 -12.84 -5.71 -34.07
CA LEU C 158 -13.58 -6.83 -33.51
C LEU C 158 -12.69 -7.91 -32.94
N THR C 159 -13.09 -8.47 -31.81
CA THR C 159 -12.44 -9.67 -31.34
C THR C 159 -13.54 -10.74 -31.29
N THR C 160 -13.33 -11.82 -30.54
CA THR C 160 -14.41 -12.77 -30.29
C THR C 160 -14.58 -12.97 -28.79
N VAL C 161 -15.77 -13.40 -28.40
CA VAL C 161 -16.07 -13.63 -26.99
C VAL C 161 -15.04 -14.60 -26.36
N GLY C 162 -14.63 -15.61 -27.11
CA GLY C 162 -13.71 -16.61 -26.61
C GLY C 162 -12.30 -16.09 -26.51
N LYS C 163 -11.90 -15.29 -27.49
CA LYS C 163 -10.58 -14.65 -27.49
C LYS C 163 -10.42 -13.74 -26.29
N ARG C 164 -11.45 -12.96 -25.99
CA ARG C 164 -11.40 -12.10 -24.81
C ARG C 164 -11.29 -12.94 -23.54
N ALA C 165 -11.95 -14.09 -23.50
CA ALA C 165 -11.87 -14.97 -22.34
C ALA C 165 -10.45 -15.51 -22.12
N THR C 166 -9.69 -15.68 -23.21
CA THR C 166 -8.34 -16.20 -23.06
C THR C 166 -7.40 -15.19 -22.40
N LEU C 167 -7.74 -13.90 -22.43
CA LEU C 167 -6.94 -12.87 -21.73
C LEU C 167 -7.07 -13.07 -20.24
N TRP C 168 -8.30 -13.33 -19.81
CA TRP C 168 -8.59 -13.67 -18.43
C TRP C 168 -7.84 -14.93 -18.01
N ILE C 169 -7.93 -15.96 -18.86
CA ILE C 169 -7.32 -17.24 -18.60
C ILE C 169 -5.81 -17.15 -18.51
N GLN C 170 -5.20 -16.39 -19.43
CA GLN C 170 -3.75 -16.22 -19.43
C GLN C 170 -3.25 -15.61 -18.11
N GLU C 171 -4.00 -14.65 -17.55
CA GLU C 171 -3.57 -14.05 -16.28
C GLU C 171 -3.68 -15.10 -15.18
N LEU C 172 -4.76 -15.89 -15.19
CA LEU C 172 -4.92 -16.95 -14.20
C LEU C 172 -3.85 -18.04 -14.32
N LEU C 173 -3.41 -18.29 -15.55
CA LEU C 173 -2.33 -19.25 -15.78
C LEU C 173 -1.05 -18.82 -15.06
N TRP C 174 -0.78 -17.52 -15.08
CA TRP C 174 0.42 -16.99 -14.43
C TRP C 174 0.28 -17.14 -12.92
N ASP C 175 -0.95 -16.99 -12.43
CA ASP C 175 -1.23 -17.24 -11.02
C ASP C 175 -0.99 -18.69 -10.64
N LEU C 176 -1.37 -19.58 -11.54
CA LEU C 176 -1.17 -21.01 -11.31
C LEU C 176 0.32 -21.25 -11.20
N ARG C 177 1.07 -20.71 -12.16
CA ARG C 177 2.54 -20.77 -12.17
C ARG C 177 3.16 -20.17 -10.91
N ASN C 178 2.78 -18.94 -10.58
CA ASN C 178 3.32 -18.24 -9.41
C ASN C 178 3.07 -19.00 -8.10
N LEU C 179 1.85 -19.48 -7.92
CA LEU C 179 1.44 -20.07 -6.65
C LEU C 179 1.98 -21.50 -6.49
N GLN C 180 2.17 -22.21 -7.60
CA GLN C 180 2.80 -23.52 -7.57
C GLN C 180 4.24 -23.38 -7.13
N ARG C 181 4.93 -22.37 -7.69
CA ARG C 181 6.30 -22.07 -7.31
C ARG C 181 6.40 -21.72 -5.84
N ALA C 182 5.54 -20.80 -5.42
CA ALA C 182 5.48 -20.38 -4.02
C ALA C 182 5.33 -21.59 -3.09
N ARG C 183 4.45 -22.51 -3.46
CA ARG C 183 4.22 -23.72 -2.69
C ARG C 183 5.45 -24.64 -2.71
N ASP C 184 5.95 -24.97 -3.90
CA ASP C 184 7.12 -25.85 -4.04
C ASP C 184 8.40 -25.24 -3.44
N ASP C 185 8.45 -23.91 -3.31
CA ASP C 185 9.65 -23.26 -2.76
C ASP C 185 9.79 -23.41 -1.25
N LEU C 186 8.68 -23.72 -0.57
CA LEU C 186 8.65 -23.75 0.88
C LEU C 186 9.48 -24.88 1.46
N GLY C 187 10.28 -24.56 2.47
CA GLY C 187 11.02 -25.56 3.22
C GLY C 187 10.51 -25.62 4.64
N PHE C 188 11.21 -26.37 5.47
CA PHE C 188 10.80 -26.58 6.86
C PHE C 188 11.80 -25.88 7.80
N ARG C 189 11.31 -25.15 8.79
CA ARG C 189 12.22 -24.61 9.80
C ARG C 189 12.93 -25.74 10.54
N GLY C 190 12.20 -26.81 10.82
CA GLY C 190 12.72 -27.95 11.56
C GLY C 190 13.18 -27.58 12.97
N VAL C 191 14.32 -28.15 13.36
CA VAL C 191 14.88 -27.92 14.70
C VAL C 191 16.07 -26.97 14.61
N LYS C 192 15.95 -25.80 15.25
CA LYS C 192 16.96 -24.76 15.09
C LYS C 192 17.38 -24.07 16.38
N GLY C 193 16.57 -24.19 17.42
CA GLY C 193 16.91 -23.56 18.69
C GLY C 193 16.57 -22.08 18.77
N THR C 194 16.94 -21.49 19.89
CA THR C 194 16.48 -20.15 20.26
C THR C 194 16.94 -19.04 19.32
N THR C 195 18.16 -19.15 18.81
CA THR C 195 18.68 -18.13 17.89
C THR C 195 19.14 -18.78 16.58
N GLY C 196 18.75 -20.03 16.38
CA GLY C 196 19.05 -20.73 15.14
C GLY C 196 20.35 -21.49 15.09
N THR C 197 21.05 -21.61 16.22
CA THR C 197 22.35 -22.29 16.22
C THR C 197 22.28 -23.76 16.60
N GLN C 198 21.08 -24.23 16.96
CA GLN C 198 20.85 -25.64 17.30
C GLN C 198 21.68 -26.10 18.50
N ALA C 199 21.97 -25.16 19.42
CA ALA C 199 22.84 -25.42 20.55
C ALA C 199 22.27 -26.45 21.50
N SER C 200 20.99 -26.31 21.87
CA SER C 200 20.37 -27.24 22.78
C SER C 200 20.31 -28.65 22.18
N PHE C 201 20.08 -28.75 20.87
CA PHE C 201 20.04 -30.09 20.27
C PHE C 201 21.44 -30.69 20.16
N LEU C 202 22.44 -29.85 19.90
CA LEU C 202 23.82 -30.34 19.88
C LEU C 202 24.17 -30.95 21.24
N ALA C 203 23.82 -30.24 22.31
CA ALA C 203 24.07 -30.71 23.67
C ALA C 203 23.22 -31.91 24.05
N LEU C 204 22.02 -31.98 23.50
CA LEU C 204 21.12 -33.09 23.79
C LEU C 204 21.67 -34.38 23.19
N PHE C 205 22.34 -34.25 22.05
CA PHE C 205 22.99 -35.39 21.41
C PHE C 205 24.48 -35.45 21.77
N ASP C 206 24.85 -34.79 22.86
CA ASP C 206 26.21 -34.89 23.41
C ASP C 206 27.29 -34.48 22.40
N GLY C 207 27.03 -33.43 21.62
CA GLY C 207 28.01 -32.94 20.67
C GLY C 207 28.05 -33.66 19.34
N ASP C 208 27.12 -34.56 19.10
CA ASP C 208 27.08 -35.30 17.83
C ASP C 208 26.36 -34.51 16.72
N HIS C 209 27.14 -33.82 15.88
CA HIS C 209 26.58 -32.97 14.82
C HIS C 209 25.67 -33.72 13.85
N ALA C 210 26.09 -34.91 13.43
CA ALA C 210 25.33 -35.69 12.46
C ALA C 210 23.94 -36.07 12.95
N LYS C 211 23.79 -36.29 14.25
CA LYS C 211 22.46 -36.57 14.82
C LYS C 211 21.57 -35.33 14.78
N VAL C 212 22.16 -34.16 15.01
CA VAL C 212 21.41 -32.91 14.91
C VAL C 212 20.88 -32.76 13.48
N GLU C 213 21.78 -32.89 12.50
CA GLU C 213 21.41 -32.81 11.09
C GLU C 213 20.35 -33.85 10.74
N ALA C 214 20.55 -35.09 11.18
CA ALA C 214 19.58 -36.16 10.93
C ALA C 214 18.21 -35.84 11.50
N LEU C 215 18.17 -35.19 12.66
CA LEU C 215 16.91 -34.82 13.28
C LEU C 215 16.17 -33.79 12.43
N ASP C 216 16.93 -32.82 11.92
CA ASP C 216 16.37 -31.78 11.08
C ASP C 216 15.76 -32.36 9.81
N LYS C 217 16.50 -33.26 9.14
CA LYS C 217 16.01 -33.88 7.92
C LYS C 217 14.79 -34.75 8.21
N ARG C 218 14.80 -35.44 9.34
CA ARG C 218 13.74 -36.40 9.64
C ARG C 218 12.41 -35.71 9.91
N VAL C 219 12.40 -34.64 10.71
CA VAL C 219 11.13 -33.96 10.99
C VAL C 219 10.60 -33.27 9.73
N THR C 220 11.52 -32.76 8.92
CA THR C 220 11.20 -32.20 7.60
C THR C 220 10.50 -33.27 6.74
N GLU C 221 11.10 -34.45 6.69
CA GLU C 221 10.58 -35.56 5.92
C GLU C 221 9.19 -35.98 6.41
N LEU C 222 9.02 -36.05 7.72
CA LEU C 222 7.75 -36.48 8.30
C LEU C 222 6.58 -35.54 7.94
N PHE C 223 6.88 -34.29 7.59
CA PHE C 223 5.80 -33.37 7.23
C PHE C 223 5.79 -33.05 5.73
N GLY C 224 6.51 -33.87 4.96
CA GLY C 224 6.43 -33.82 3.51
C GLY C 224 7.12 -32.64 2.84
N PHE C 225 8.00 -31.95 3.56
CA PHE C 225 8.70 -30.81 2.98
C PHE C 225 9.96 -31.28 2.25
N PRO C 226 10.38 -30.53 1.21
CA PRO C 226 11.51 -30.91 0.36
C PRO C 226 12.89 -30.70 0.99
N TYR C 227 12.98 -29.83 1.99
CA TYR C 227 14.24 -29.56 2.68
C TYR C 227 13.98 -28.79 3.95
N ALA C 228 14.97 -28.79 4.84
CA ALA C 228 14.97 -27.93 6.01
C ALA C 228 15.78 -26.68 5.69
N TYR C 229 15.33 -25.52 6.14
CA TYR C 229 16.06 -24.29 5.84
C TYR C 229 17.49 -24.43 6.36
N PRO C 230 18.48 -24.14 5.49
CA PRO C 230 19.89 -24.28 5.85
C PRO C 230 20.35 -23.32 6.95
N VAL C 231 19.90 -22.07 6.91
CA VAL C 231 20.31 -21.08 7.90
C VAL C 231 19.11 -20.27 8.39
N THR C 232 18.92 -20.22 9.69
CA THR C 232 17.88 -19.38 10.23
C THR C 232 18.35 -18.66 11.48
N GLY C 233 17.54 -17.69 11.92
CA GLY C 233 17.65 -17.16 13.26
C GLY C 233 16.67 -18.00 14.09
N GLN C 234 15.93 -17.34 14.98
CA GLN C 234 14.90 -18.06 15.73
C GLN C 234 13.80 -18.62 14.81
N THR C 235 13.43 -17.86 13.79
CA THR C 235 12.31 -18.20 12.90
C THR C 235 12.70 -18.44 11.45
N TYR C 236 11.78 -19.01 10.68
CA TYR C 236 11.97 -18.95 9.24
C TYR C 236 11.92 -17.46 8.84
N SER C 237 12.67 -17.09 7.81
CA SER C 237 12.72 -15.71 7.37
C SER C 237 11.34 -15.18 6.98
N ARG C 238 10.98 -14.00 7.48
CA ARG C 238 9.66 -13.43 7.22
C ARG C 238 9.55 -12.98 5.78
N LYS C 239 10.68 -12.95 5.06
CA LYS C 239 10.65 -12.72 3.62
C LYS C 239 9.78 -13.77 2.93
N ILE C 240 9.75 -14.98 3.48
CA ILE C 240 8.96 -16.08 2.92
C ILE C 240 7.48 -15.72 2.88
N ASP C 241 7.01 -15.04 3.92
CA ASP C 241 5.62 -14.55 3.96
C ASP C 241 5.36 -13.60 2.79
N ALA C 242 6.29 -12.69 2.54
CA ALA C 242 6.15 -11.75 1.42
C ALA C 242 6.15 -12.47 0.07
N ASP C 243 7.00 -13.47 -0.08
CA ASP C 243 7.10 -14.19 -1.35
C ASP C 243 5.92 -15.14 -1.57
N VAL C 244 5.06 -15.29 -0.58
CA VAL C 244 3.82 -16.03 -0.78
C VAL C 244 2.65 -15.08 -1.06
N LEU C 245 2.49 -14.06 -0.23
CA LEU C 245 1.39 -13.11 -0.39
C LEU C 245 1.59 -12.12 -1.54
N GLY C 246 2.84 -12.03 -2.03
CA GLY C 246 3.15 -11.28 -3.23
C GLY C 246 2.33 -11.83 -4.39
N PRO C 247 2.56 -13.11 -4.74
CA PRO C 247 1.73 -13.81 -5.72
C PRO C 247 0.23 -13.76 -5.41
N LEU C 248 -0.18 -13.83 -4.14
CA LEU C 248 -1.61 -13.75 -3.84
C LEU C 248 -2.16 -12.36 -4.16
N SER C 249 -1.34 -11.32 -3.93
CA SER C 249 -1.77 -9.94 -4.22
C SER C 249 -1.89 -9.77 -5.73
N SER C 250 -0.99 -10.41 -6.47
CA SER C 250 -1.04 -10.36 -7.91
C SER C 250 -2.27 -11.12 -8.42
N PHE C 251 -2.62 -12.21 -7.74
CA PHE C 251 -3.84 -12.97 -8.03
C PHE C 251 -5.08 -12.09 -7.81
N GLY C 252 -5.07 -11.34 -6.71
CA GLY C 252 -6.09 -10.33 -6.47
C GLY C 252 -6.30 -9.37 -7.66
N ALA C 253 -5.21 -8.82 -8.20
CA ALA C 253 -5.35 -7.92 -9.38
C ALA C 253 -6.00 -8.62 -10.57
N THR C 254 -5.63 -9.89 -10.80
CA THR C 254 -6.24 -10.70 -11.85
C THR C 254 -7.76 -10.80 -11.68
N VAL C 255 -8.20 -11.29 -10.53
CA VAL C 255 -9.63 -11.41 -10.25
C VAL C 255 -10.35 -10.06 -10.45
N HIS C 256 -9.75 -9.00 -9.92
CA HIS C 256 -10.36 -7.67 -10.00
C HIS C 256 -10.57 -7.25 -11.46
N LYS C 257 -9.59 -7.54 -12.31
CA LYS C 257 -9.67 -7.18 -13.72
C LYS C 257 -10.73 -8.02 -14.46
N ILE C 258 -10.72 -9.33 -14.24
CA ILE C 258 -11.72 -10.20 -14.85
C ILE C 258 -13.15 -9.80 -14.45
N ALA C 259 -13.35 -9.58 -13.16
CA ALA C 259 -14.66 -9.26 -12.66
C ALA C 259 -15.11 -7.85 -13.06
N THR C 260 -14.17 -6.91 -13.16
CA THR C 260 -14.51 -5.58 -13.67
C THR C 260 -14.96 -5.69 -15.14
N ASP C 261 -14.21 -6.46 -15.92
CA ASP C 261 -14.53 -6.70 -17.33
C ASP C 261 -15.95 -7.23 -17.47
N ILE C 262 -16.28 -8.26 -16.70
CA ILE C 262 -17.60 -8.85 -16.78
C ILE C 262 -18.66 -7.83 -16.36
N ARG C 263 -18.37 -7.01 -15.35
CA ARG C 263 -19.29 -5.95 -14.94
C ARG C 263 -19.57 -4.93 -16.06
N LEU C 264 -18.57 -4.62 -16.87
CA LEU C 264 -18.77 -3.72 -18.02
C LEU C 264 -19.66 -4.39 -19.09
N LEU C 265 -19.33 -5.61 -19.45
CA LEU C 265 -20.09 -6.37 -20.43
C LEU C 265 -21.55 -6.59 -20.00
N ALA C 266 -21.78 -6.68 -18.69
CA ALA C 266 -23.12 -6.84 -18.14
C ALA C 266 -23.94 -5.57 -18.30
N ASN C 267 -23.29 -4.43 -18.10
CA ASN C 267 -23.94 -3.17 -18.38
C ASN C 267 -24.36 -3.17 -19.86
N LEU C 268 -23.50 -3.69 -20.72
CA LEU C 268 -23.74 -3.72 -22.16
C LEU C 268 -24.78 -4.78 -22.56
N LYS C 269 -25.19 -5.61 -21.59
CA LYS C 269 -26.09 -6.76 -21.78
C LYS C 269 -25.51 -7.81 -22.74
N GLU C 270 -24.19 -7.90 -22.81
CA GLU C 270 -23.54 -8.89 -23.69
C GLU C 270 -23.18 -10.18 -22.95
N ILE C 271 -22.70 -10.05 -21.72
CA ILE C 271 -22.35 -11.19 -20.89
C ILE C 271 -22.92 -10.92 -19.51
N GLU C 272 -23.56 -11.91 -18.90
CA GLU C 272 -24.07 -11.79 -17.54
C GLU C 272 -23.68 -13.01 -16.69
N GLU C 273 -23.83 -12.89 -15.37
CA GLU C 273 -23.54 -13.98 -14.45
C GLU C 273 -24.55 -15.13 -14.62
N PRO C 274 -24.14 -16.36 -14.30
CA PRO C 274 -25.04 -17.52 -14.38
C PRO C 274 -26.35 -17.30 -13.63
N PHE C 275 -27.44 -17.83 -14.18
CA PHE C 275 -28.68 -17.83 -13.43
C PHE C 275 -28.47 -18.71 -12.21
N GLU C 276 -29.10 -18.31 -11.11
CA GLU C 276 -29.03 -19.04 -9.86
C GLU C 276 -30.34 -19.79 -9.64
N LYS C 277 -30.36 -21.04 -10.08
CA LYS C 277 -31.60 -21.81 -10.20
C LYS C 277 -32.11 -22.34 -8.87
N ASP C 278 -31.67 -21.76 -7.75
CA ASP C 278 -32.05 -22.27 -6.44
C ASP C 278 -32.26 -21.18 -5.37
N GLN C 279 -32.85 -20.05 -5.75
CA GLN C 279 -33.30 -19.05 -4.78
C GLN C 279 -34.58 -18.39 -5.29
N ILE C 280 -35.24 -17.62 -4.44
CA ILE C 280 -36.53 -16.99 -4.76
C ILE C 280 -36.41 -15.47 -4.90
N GLY C 281 -35.33 -14.92 -4.38
CA GLY C 281 -35.07 -13.49 -4.45
C GLY C 281 -35.17 -12.89 -5.84
N SER C 282 -34.70 -13.62 -6.84
CA SER C 282 -34.61 -13.10 -8.21
C SER C 282 -35.09 -14.10 -9.27
N SER C 283 -36.13 -13.73 -10.01
CA SER C 283 -36.54 -14.52 -11.18
C SER C 283 -35.43 -14.53 -12.22
N ALA C 284 -35.24 -15.67 -12.87
CA ALA C 284 -34.26 -15.76 -13.95
C ALA C 284 -34.78 -15.01 -15.17
N MET C 285 -36.04 -14.57 -15.09
CA MET C 285 -36.68 -13.79 -16.14
C MET C 285 -36.62 -12.28 -15.91
N ALA C 286 -36.13 -11.86 -14.75
CA ALA C 286 -35.95 -10.44 -14.47
C ALA C 286 -35.08 -9.78 -15.54
N TYR C 287 -35.58 -8.67 -16.08
CA TYR C 287 -34.88 -7.93 -17.12
C TYR C 287 -33.57 -7.32 -16.59
N LYS C 288 -33.61 -6.80 -15.38
CA LYS C 288 -32.43 -6.15 -14.83
C LYS C 288 -31.71 -7.07 -13.87
N ARG C 289 -30.45 -7.38 -14.18
CA ARG C 289 -29.65 -8.24 -13.32
C ARG C 289 -28.36 -7.53 -12.92
N ASN C 290 -28.02 -7.64 -11.64
CA ASN C 290 -26.78 -7.07 -11.14
C ASN C 290 -25.67 -8.10 -11.08
N PRO C 291 -24.46 -7.73 -11.51
CA PRO C 291 -23.38 -8.70 -11.42
C PRO C 291 -22.80 -8.70 -10.00
N MET C 292 -23.61 -9.18 -9.06
CA MET C 292 -23.28 -9.18 -7.64
C MET C 292 -22.02 -9.97 -7.28
N ARG C 293 -21.86 -11.14 -7.88
CA ARG C 293 -20.72 -11.99 -7.55
C ARG C 293 -19.42 -11.34 -8.02
N CYS C 294 -19.44 -10.77 -9.22
CA CYS C 294 -18.27 -10.03 -9.71
C CYS C 294 -17.96 -8.85 -8.81
N GLU C 295 -18.99 -8.18 -8.30
CA GLU C 295 -18.77 -7.02 -7.43
C GLU C 295 -18.17 -7.43 -6.08
N ARG C 296 -18.62 -8.59 -5.58
CA ARG C 296 -18.05 -9.15 -4.36
C ARG C 296 -16.60 -9.55 -4.59
N ALA C 297 -16.33 -10.17 -5.74
CA ALA C 297 -14.99 -10.61 -6.09
C ALA C 297 -14.02 -9.41 -6.11
N CYS C 298 -14.42 -8.34 -6.80
CA CYS C 298 -13.62 -7.10 -6.81
C CYS C 298 -13.37 -6.58 -5.40
N SER C 299 -14.42 -6.59 -4.57
CA SER C 299 -14.32 -6.04 -3.21
C SER C 299 -13.25 -6.76 -2.39
N LEU C 300 -13.24 -8.08 -2.50
CA LEU C 300 -12.34 -8.92 -1.71
C LEU C 300 -10.96 -9.04 -2.35
N ALA C 301 -10.90 -9.07 -3.68
CA ALA C 301 -9.63 -9.02 -4.39
C ALA C 301 -8.81 -7.79 -3.98
N ARG C 302 -9.49 -6.67 -3.76
CA ARG C 302 -8.86 -5.42 -3.32
C ARG C 302 -8.15 -5.62 -1.98
N HIS C 303 -8.81 -6.31 -1.06
CA HIS C 303 -8.25 -6.58 0.27
C HIS C 303 -6.96 -7.38 0.15
N LEU C 304 -6.98 -8.34 -0.76
CA LEU C 304 -5.83 -9.20 -1.00
C LEU C 304 -4.65 -8.41 -1.57
N MET C 305 -4.94 -7.39 -2.39
CA MET C 305 -3.89 -6.50 -2.89
C MET C 305 -3.32 -5.61 -1.79
N ALA C 306 -4.17 -5.17 -0.87
CA ALA C 306 -3.74 -4.25 0.19
C ALA C 306 -2.88 -4.94 1.27
N ILE C 307 -3.22 -6.17 1.63
CA ILE C 307 -2.62 -6.75 2.84
C ILE C 307 -1.18 -7.23 2.63
N TYR C 308 -0.80 -7.44 1.38
CA TYR C 308 0.57 -7.78 1.05
C TYR C 308 1.56 -6.79 1.69
N GLN C 309 1.16 -5.52 1.80
CA GLN C 309 2.09 -4.51 2.28
C GLN C 309 2.50 -4.81 3.73
N ASN C 310 1.64 -5.51 4.49
CA ASN C 310 2.00 -5.97 5.85
C ASN C 310 3.26 -6.83 5.91
N THR C 311 3.36 -7.79 4.99
CA THR C 311 4.51 -8.68 4.96
C THR C 311 5.78 -7.95 4.57
N LEU C 312 5.70 -6.98 3.65
CA LEU C 312 6.88 -6.21 3.27
C LEU C 312 7.36 -5.41 4.47
N MET C 313 6.44 -4.75 5.16
CA MET C 313 6.85 -3.94 6.29
C MET C 313 7.40 -4.81 7.44
N THR C 314 6.76 -5.97 7.69
CA THR C 314 7.23 -6.88 8.73
C THR C 314 8.66 -7.36 8.47
N SER C 315 8.86 -7.95 7.32
CA SER C 315 10.19 -8.41 6.91
C SER C 315 11.26 -7.32 6.98
N SER C 316 10.88 -6.11 6.56
CA SER C 316 11.83 -4.99 6.45
C SER C 316 12.40 -4.52 7.78
N VAL C 317 11.74 -4.84 8.89
CA VAL C 317 12.22 -4.40 10.21
C VAL C 317 12.26 -5.52 11.26
N GLN C 318 12.49 -6.74 10.77
CA GLN C 318 12.86 -7.85 11.63
C GLN C 318 14.32 -7.70 12.05
N TRP C 319 14.57 -7.24 13.28
CA TRP C 319 15.93 -6.98 13.73
C TRP C 319 16.68 -8.28 14.06
N LEU C 320 17.77 -8.52 13.34
CA LEU C 320 18.74 -9.54 13.71
C LEU C 320 18.08 -10.92 13.80
N GLU C 321 18.21 -11.63 14.91
CA GLU C 321 17.74 -13.04 14.96
C GLU C 321 16.24 -13.22 15.17
N ARG C 322 15.55 -12.16 15.58
CA ARG C 322 14.08 -12.01 15.55
C ARG C 322 13.60 -10.89 16.45
N THR C 323 12.59 -10.15 16.00
CA THR C 323 11.82 -9.35 16.93
C THR C 323 10.37 -9.82 16.89
N LEU C 324 9.68 -9.65 18.00
CA LEU C 324 8.37 -10.24 18.14
C LEU C 324 7.26 -9.33 17.59
N ASP C 325 7.64 -8.27 16.88
CA ASP C 325 6.66 -7.40 16.21
C ASP C 325 6.13 -8.05 14.93
N ASP C 326 6.49 -9.30 14.68
CA ASP C 326 5.91 -10.06 13.56
C ASP C 326 4.64 -10.84 13.96
N SER C 327 4.50 -11.12 15.25
CA SER C 327 3.57 -12.17 15.67
C SER C 327 2.10 -11.80 15.50
N ALA C 328 1.68 -10.69 16.09
CA ALA C 328 0.26 -10.32 16.06
C ALA C 328 -0.18 -10.02 14.62
N ASN C 329 0.71 -9.40 13.84
CA ASN C 329 0.39 -9.09 12.45
C ASN C 329 0.16 -10.37 11.64
N ARG C 330 1.05 -11.34 11.79
CA ARG C 330 0.95 -12.56 10.99
C ARG C 330 -0.30 -13.36 11.35
N ARG C 331 -0.79 -13.20 12.58
CA ARG C 331 -2.03 -13.89 13.02
C ARG C 331 -3.28 -13.34 12.32
N VAL C 332 -3.15 -12.15 11.74
CA VAL C 332 -4.22 -11.53 10.98
C VAL C 332 -3.97 -11.70 9.49
N THR C 333 -2.79 -11.28 9.07
CA THR C 333 -2.43 -11.19 7.67
C THR C 333 -2.43 -12.54 6.93
N ILE C 334 -1.78 -13.55 7.51
CA ILE C 334 -1.67 -14.83 6.81
C ILE C 334 -3.03 -15.55 6.66
N PRO C 335 -3.79 -15.74 7.76
CA PRO C 335 -5.10 -16.40 7.57
C PRO C 335 -6.04 -15.62 6.67
N GLU C 336 -6.10 -14.31 6.83
CA GLU C 336 -7.00 -13.51 6.00
C GLU C 336 -6.63 -13.55 4.50
N ALA C 337 -5.34 -13.55 4.19
CA ALA C 337 -4.97 -13.62 2.78
C ALA C 337 -5.47 -14.93 2.20
N PHE C 338 -5.33 -16.01 2.95
CA PHE C 338 -5.68 -17.33 2.44
C PHE C 338 -7.19 -17.52 2.41
N LEU C 339 -7.87 -17.06 3.46
CA LEU C 339 -9.33 -17.09 3.47
C LEU C 339 -9.89 -16.28 2.30
N THR C 340 -9.38 -15.06 2.12
CA THR C 340 -9.79 -14.21 1.00
C THR C 340 -9.57 -14.92 -0.35
N ALA C 341 -8.36 -15.42 -0.59
CA ALA C 341 -8.08 -16.08 -1.86
C ALA C 341 -9.03 -17.25 -2.11
N ASP C 342 -9.33 -17.99 -1.05
CA ASP C 342 -10.24 -19.13 -1.16
C ASP C 342 -11.66 -18.68 -1.56
N ILE C 343 -12.16 -17.61 -0.93
CA ILE C 343 -13.44 -17.05 -1.30
C ILE C 343 -13.45 -16.58 -2.75
N LEU C 344 -12.36 -15.94 -3.18
CA LEU C 344 -12.29 -15.46 -4.55
C LEU C 344 -12.38 -16.62 -5.53
N LEU C 345 -11.64 -17.68 -5.28
CA LEU C 345 -11.66 -18.84 -6.19
C LEU C 345 -13.04 -19.51 -6.20
N THR C 346 -13.70 -19.54 -5.04
CA THR C 346 -15.04 -20.12 -4.95
C THR C 346 -16.04 -19.27 -5.76
N THR C 347 -15.91 -17.96 -5.63
CA THR C 347 -16.79 -17.04 -6.32
C THR C 347 -16.56 -17.12 -7.82
N LEU C 348 -15.29 -17.19 -8.20
CA LEU C 348 -14.93 -17.24 -9.61
C LEU C 348 -15.40 -18.52 -10.27
N GLN C 349 -15.29 -19.63 -9.53
CA GLN C 349 -15.80 -20.91 -10.01
C GLN C 349 -17.28 -20.80 -10.34
N ASN C 350 -18.02 -20.22 -9.41
CA ASN C 350 -19.46 -20.08 -9.52
C ASN C 350 -19.82 -19.09 -10.64
N ILE C 351 -19.07 -18.00 -10.76
CA ILE C 351 -19.25 -17.08 -11.87
C ILE C 351 -19.00 -17.80 -13.21
N SER C 352 -18.00 -18.68 -13.24
CA SER C 352 -17.58 -19.26 -14.52
C SER C 352 -18.38 -20.50 -14.96
N GLU C 353 -19.30 -20.96 -14.11
CA GLU C 353 -20.18 -22.07 -14.46
C GLU C 353 -21.44 -21.58 -15.14
N GLY C 354 -21.41 -21.42 -16.45
CA GLY C 354 -22.63 -21.03 -17.16
C GLY C 354 -22.84 -19.54 -17.32
N LEU C 355 -21.78 -18.83 -17.68
CA LEU C 355 -21.89 -17.42 -18.05
C LEU C 355 -22.98 -17.25 -19.10
N VAL C 356 -23.77 -16.20 -18.97
CA VAL C 356 -24.84 -15.96 -19.90
C VAL C 356 -24.37 -15.04 -21.01
N VAL C 357 -24.53 -15.48 -22.25
CA VAL C 357 -24.12 -14.71 -23.43
C VAL C 357 -25.32 -14.34 -24.29
N TYR C 358 -25.37 -13.08 -24.74
CA TYR C 358 -26.48 -12.64 -25.57
C TYR C 358 -26.00 -12.24 -26.97
N PRO C 359 -25.93 -13.22 -27.87
CA PRO C 359 -25.35 -12.96 -29.20
C PRO C 359 -26.12 -11.92 -29.99
N ARG C 360 -27.42 -11.78 -29.75
CA ARG C 360 -28.20 -10.80 -30.52
C ARG C 360 -27.94 -9.39 -30.02
N VAL C 361 -27.64 -9.27 -28.72
CA VAL C 361 -27.21 -7.99 -28.18
C VAL C 361 -25.83 -7.63 -28.71
N ILE C 362 -24.93 -8.62 -28.73
CA ILE C 362 -23.58 -8.42 -29.26
C ILE C 362 -23.63 -8.02 -30.74
N GLY C 363 -24.47 -8.71 -31.51
CA GLY C 363 -24.56 -8.47 -32.93
C GLY C 363 -25.15 -7.11 -33.25
N ARG C 364 -26.16 -6.70 -32.51
CA ARG C 364 -26.73 -5.37 -32.67
C ARG C 364 -25.69 -4.26 -32.45
N ARG C 365 -24.87 -4.40 -31.40
CA ARG C 365 -23.83 -3.40 -31.10
C ARG C 365 -22.80 -3.37 -32.22
N ILE C 366 -22.42 -4.55 -32.70
CA ILE C 366 -21.50 -4.62 -33.84
C ILE C 366 -22.11 -3.90 -35.04
N SER C 367 -23.38 -4.13 -35.33
CA SER C 367 -23.96 -3.52 -36.51
C SER C 367 -24.03 -1.99 -36.35
N GLN C 368 -24.08 -1.50 -35.12
CA GLN C 368 -24.13 -0.06 -34.88
C GLN C 368 -22.75 0.60 -34.97
N GLU C 369 -21.70 -0.15 -34.66
CA GLU C 369 -20.37 0.46 -34.59
C GLU C 369 -19.49 0.13 -35.78
N LEU C 370 -19.61 -1.09 -36.31
CA LEU C 370 -18.72 -1.56 -37.36
C LEU C 370 -18.69 -0.69 -38.64
N PRO C 371 -19.83 -0.12 -39.07
CA PRO C 371 -19.72 0.66 -40.32
C PRO C 371 -18.72 1.81 -40.22
N PHE C 372 -18.58 2.44 -39.06
CA PHE C 372 -17.58 3.49 -38.89
C PHE C 372 -16.15 2.95 -39.00
N MET C 373 -15.99 1.63 -38.86
CA MET C 373 -14.66 1.02 -38.93
C MET C 373 -14.40 0.28 -40.23
N ALA C 374 -15.33 0.38 -41.17
CA ALA C 374 -15.21 -0.38 -42.41
C ALA C 374 -14.99 0.54 -43.59
N THR C 375 -14.50 1.74 -43.35
CA THR C 375 -14.48 2.71 -44.43
C THR C 375 -13.36 2.35 -45.42
N GLU C 376 -12.27 1.80 -44.92
CA GLU C 376 -11.20 1.35 -45.81
C GLU C 376 -11.64 0.19 -46.71
N ASN C 377 -12.44 -0.74 -46.18
CA ASN C 377 -13.02 -1.79 -47.01
C ASN C 377 -13.83 -1.18 -48.14
N ILE C 378 -14.64 -0.20 -47.80
CA ILE C 378 -15.48 0.47 -48.80
C ILE C 378 -14.63 1.18 -49.85
N ILE C 379 -13.52 1.79 -49.41
CA ILE C 379 -12.66 2.50 -50.34
C ILE C 379 -12.01 1.52 -51.32
N MET C 380 -11.47 0.42 -50.82
CA MET C 380 -10.86 -0.58 -51.70
C MET C 380 -11.86 -1.15 -52.71
N ALA C 381 -13.10 -1.34 -52.27
CA ALA C 381 -14.14 -1.82 -53.17
C ALA C 381 -14.39 -0.80 -54.29
N ILE C 382 -14.45 0.48 -53.93
CA ILE C 382 -14.73 1.51 -54.92
C ILE C 382 -13.56 1.65 -55.89
N VAL C 383 -12.34 1.58 -55.37
CA VAL C 383 -11.14 1.62 -56.19
C VAL C 383 -11.14 0.49 -57.22
N LYS C 384 -11.39 -0.73 -56.76
CA LYS C 384 -11.42 -1.90 -57.64
C LYS C 384 -12.48 -1.75 -58.75
N ALA C 385 -13.56 -1.05 -58.45
CA ALA C 385 -14.62 -0.83 -59.44
C ALA C 385 -14.32 0.37 -60.33
N GLY C 386 -13.08 0.86 -60.29
CA GLY C 386 -12.63 1.90 -61.20
C GLY C 386 -12.70 3.31 -60.63
N GLY C 387 -12.85 3.44 -59.31
CA GLY C 387 -12.93 4.74 -58.68
C GLY C 387 -11.62 5.26 -58.10
N ASP C 388 -11.65 6.49 -57.62
CA ASP C 388 -10.45 7.16 -57.10
C ASP C 388 -10.43 7.21 -55.58
N ARG C 389 -9.35 6.68 -54.99
CA ARG C 389 -9.22 6.57 -53.54
C ARG C 389 -9.43 7.89 -52.80
N GLN C 390 -8.79 8.95 -53.28
CA GLN C 390 -8.92 10.24 -52.62
C GLN C 390 -10.36 10.76 -52.64
N GLU C 391 -11.01 10.67 -53.80
CA GLU C 391 -12.39 11.08 -53.95
C GLU C 391 -13.33 10.23 -53.06
N CYS C 392 -13.13 8.92 -53.09
CA CYS C 392 -13.93 8.00 -52.27
C CYS C 392 -13.74 8.29 -50.78
N HIS C 393 -12.49 8.49 -50.39
CA HIS C 393 -12.18 8.82 -49.01
C HIS C 393 -12.99 10.04 -48.57
N GLU C 394 -13.01 11.06 -49.42
CA GLU C 394 -13.73 12.27 -49.10
C GLU C 394 -15.24 12.03 -49.03
N LYS C 395 -15.79 11.29 -49.99
CA LYS C 395 -17.23 10.99 -50.02
C LYS C 395 -17.69 10.22 -48.78
N ILE C 396 -16.93 9.19 -48.41
CA ILE C 396 -17.32 8.33 -47.30
C ILE C 396 -17.14 9.09 -45.98
N ARG C 397 -16.17 10.00 -45.93
CA ARG C 397 -15.99 10.84 -44.74
C ARG C 397 -17.24 11.71 -44.53
N VAL C 398 -17.77 12.27 -45.61
CA VAL C 398 -18.98 13.09 -45.50
C VAL C 398 -20.17 12.28 -44.95
N LEU C 399 -20.42 11.10 -45.52
CA LEU C 399 -21.55 10.29 -45.08
C LEU C 399 -21.37 9.83 -43.64
N SER C 400 -20.14 9.47 -43.31
CA SER C 400 -19.79 9.04 -41.95
C SER C 400 -20.08 10.16 -40.94
N HIS C 401 -19.75 11.39 -41.32
CA HIS C 401 -19.99 12.54 -40.44
C HIS C 401 -21.48 12.73 -40.23
N GLN C 402 -22.25 12.64 -41.32
CA GLN C 402 -23.71 12.69 -41.22
C GLN C 402 -24.26 11.60 -40.30
N ALA C 403 -23.77 10.36 -40.45
CA ALA C 403 -24.29 9.25 -39.64
C ALA C 403 -23.90 9.42 -38.17
N GLY C 404 -22.67 9.88 -37.94
CA GLY C 404 -22.21 10.16 -36.59
C GLY C 404 -23.07 11.21 -35.90
N ALA C 405 -23.49 12.23 -36.66
CA ALA C 405 -24.34 13.28 -36.10
C ALA C 405 -25.74 12.77 -35.79
N VAL C 406 -26.25 11.84 -36.60
CA VAL C 406 -27.54 11.24 -36.30
C VAL C 406 -27.44 10.49 -34.97
N VAL C 407 -26.37 9.70 -34.80
CA VAL C 407 -26.15 8.94 -33.57
C VAL C 407 -26.08 9.86 -32.35
N LYS C 408 -25.17 10.83 -32.37
CA LYS C 408 -24.92 11.64 -31.17
C LYS C 408 -25.84 12.86 -31.01
N GLU C 409 -26.14 13.57 -32.11
CA GLU C 409 -26.89 14.80 -31.99
C GLU C 409 -28.41 14.57 -32.07
N GLU C 410 -28.84 13.47 -32.67
CA GLU C 410 -30.27 13.19 -32.74
C GLU C 410 -30.64 11.97 -31.92
N GLY C 411 -29.66 11.29 -31.34
CA GLY C 411 -29.91 10.08 -30.60
C GLY C 411 -30.60 9.01 -31.44
N GLY C 412 -30.22 8.93 -32.71
CA GLY C 412 -30.79 7.92 -33.61
C GLY C 412 -29.88 6.72 -33.79
N GLU C 413 -30.26 5.84 -34.71
CA GLU C 413 -29.45 4.67 -35.03
C GLU C 413 -28.46 5.01 -36.11
N ASN C 414 -27.38 4.25 -36.19
CA ASN C 414 -26.38 4.44 -37.24
C ASN C 414 -26.99 4.11 -38.60
N ASP C 415 -27.11 5.12 -39.45
CA ASP C 415 -27.72 4.92 -40.75
C ASP C 415 -26.71 5.02 -41.90
N LEU C 416 -25.43 4.84 -41.59
CA LEU C 416 -24.37 5.02 -42.59
C LEU C 416 -24.50 4.11 -43.79
N ILE C 417 -24.82 2.84 -43.56
CA ILE C 417 -24.96 1.93 -44.69
C ILE C 417 -26.14 2.33 -45.59
N ASP C 418 -27.25 2.76 -44.98
CA ASP C 418 -28.37 3.32 -45.73
C ASP C 418 -27.93 4.51 -46.58
N ARG C 419 -27.11 5.38 -46.01
CA ARG C 419 -26.64 6.56 -46.73
C ARG C 419 -25.80 6.15 -47.93
N VAL C 420 -24.94 5.15 -47.74
CA VAL C 420 -24.11 4.64 -48.81
C VAL C 420 -24.98 4.08 -49.93
N LYS C 421 -25.96 3.25 -49.58
CA LYS C 421 -26.87 2.64 -50.54
C LYS C 421 -27.74 3.68 -51.29
N ASN C 422 -27.96 4.83 -50.66
CA ASN C 422 -28.80 5.87 -51.25
C ASN C 422 -27.98 6.91 -52.02
N ASP C 423 -26.66 6.75 -52.02
CA ASP C 423 -25.77 7.72 -52.68
C ASP C 423 -25.25 7.16 -54.00
N GLU C 424 -25.58 7.83 -55.10
CA GLU C 424 -25.23 7.38 -56.46
C GLU C 424 -23.75 7.06 -56.65
N TYR C 425 -22.87 7.78 -55.97
CA TYR C 425 -21.44 7.57 -56.10
C TYR C 425 -21.02 6.13 -55.77
N PHE C 426 -21.74 5.49 -54.85
CA PHE C 426 -21.37 4.15 -54.37
C PHE C 426 -22.10 3.04 -55.11
N LYS C 427 -22.83 3.42 -56.15
CA LYS C 427 -23.52 2.48 -57.04
C LYS C 427 -22.69 1.26 -57.46
N PRO C 428 -21.37 1.43 -57.73
CA PRO C 428 -20.63 0.22 -58.11
C PRO C 428 -20.53 -0.85 -57.01
N ILE C 429 -20.80 -0.50 -55.76
CA ILE C 429 -20.56 -1.49 -54.71
C ILE C 429 -21.78 -1.84 -53.87
N TRP C 430 -22.95 -1.32 -54.24
CA TRP C 430 -24.18 -1.48 -53.46
C TRP C 430 -24.44 -2.94 -53.03
N GLY C 431 -24.38 -3.86 -53.98
CA GLY C 431 -24.61 -5.27 -53.67
C GLY C 431 -23.51 -5.87 -52.81
N GLN C 432 -22.32 -5.29 -52.89
CA GLN C 432 -21.16 -5.85 -52.19
C GLN C 432 -21.19 -5.54 -50.70
N LEU C 433 -22.06 -4.63 -50.30
CA LEU C 433 -22.02 -4.06 -48.94
C LEU C 433 -22.23 -5.09 -47.83
N ASP C 434 -23.06 -6.11 -48.11
CA ASP C 434 -23.31 -7.13 -47.11
C ASP C 434 -22.05 -7.95 -46.82
N ALA C 435 -21.31 -8.32 -47.86
CA ALA C 435 -20.06 -9.04 -47.67
C ALA C 435 -18.99 -8.13 -47.06
N LEU C 436 -18.99 -6.87 -47.50
CA LEU C 436 -18.02 -5.90 -47.03
C LEU C 436 -18.13 -5.63 -45.53
N LEU C 437 -19.35 -5.77 -45.01
CA LEU C 437 -19.65 -5.43 -43.62
C LEU C 437 -19.91 -6.67 -42.76
N ASP C 438 -19.55 -7.82 -43.30
CA ASP C 438 -19.70 -9.10 -42.62
C ASP C 438 -18.72 -9.20 -41.43
N PRO C 439 -19.24 -9.16 -40.20
CA PRO C 439 -18.41 -9.14 -38.99
C PRO C 439 -17.39 -10.28 -38.90
N ARG C 440 -17.74 -11.47 -39.38
CA ARG C 440 -16.83 -12.62 -39.35
C ARG C 440 -15.52 -12.34 -40.07
N THR C 441 -15.56 -11.45 -41.05
CA THR C 441 -14.38 -11.14 -41.84
C THR C 441 -13.46 -10.15 -41.12
N PHE C 442 -13.90 -9.64 -39.97
CA PHE C 442 -13.16 -8.58 -39.29
C PHE C 442 -12.39 -9.03 -38.04
N VAL C 443 -12.54 -10.30 -37.64
CA VAL C 443 -12.01 -10.76 -36.37
C VAL C 443 -10.56 -11.23 -36.42
N GLY C 444 -9.87 -10.93 -37.51
CA GLY C 444 -8.48 -11.37 -37.68
C GLY C 444 -8.28 -12.85 -37.39
N ARG C 445 -7.24 -13.16 -36.62
CA ARG C 445 -6.96 -14.55 -36.24
C ARG C 445 -7.50 -14.96 -34.86
N ALA C 446 -8.48 -14.21 -34.33
CA ALA C 446 -8.99 -14.47 -32.99
C ALA C 446 -9.38 -15.93 -32.72
N PRO C 447 -10.15 -16.57 -33.63
CA PRO C 447 -10.54 -17.96 -33.34
C PRO C 447 -9.35 -18.92 -33.35
N GLU C 448 -8.42 -18.71 -34.27
CA GLU C 448 -7.20 -19.51 -34.35
C GLU C 448 -6.28 -19.28 -33.14
N GLN C 449 -6.27 -18.06 -32.62
CA GLN C 449 -5.48 -17.77 -31.43
C GLN C 449 -5.99 -18.52 -30.21
N VAL C 450 -7.32 -18.60 -30.07
CA VAL C 450 -7.96 -19.39 -29.01
C VAL C 450 -7.55 -20.86 -29.10
N ASP C 451 -7.75 -21.44 -30.29
CA ASP C 451 -7.36 -22.82 -30.57
C ASP C 451 -5.92 -23.13 -30.15
N GLY C 452 -4.99 -22.30 -30.60
CA GLY C 452 -3.57 -22.51 -30.30
C GLY C 452 -3.23 -22.30 -28.83
N PHE C 453 -3.88 -21.33 -28.20
CA PHE C 453 -3.66 -21.06 -26.78
C PHE C 453 -4.14 -22.22 -25.90
N LEU C 454 -5.31 -22.77 -26.25
CA LEU C 454 -5.88 -23.86 -25.47
C LEU C 454 -5.02 -25.12 -25.60
N LYS C 455 -4.57 -25.40 -26.82
CA LYS C 455 -3.78 -26.60 -27.10
C LYS C 455 -2.40 -26.58 -26.48
N GLU C 456 -1.67 -25.49 -26.72
CA GLU C 456 -0.25 -25.42 -26.36
C GLU C 456 0.04 -24.77 -25.00
N TRP C 457 -0.90 -24.03 -24.44
CA TRP C 457 -0.66 -23.47 -23.11
C TRP C 457 -1.57 -24.00 -22.01
N VAL C 458 -2.88 -24.01 -22.27
CA VAL C 458 -3.84 -24.32 -21.22
C VAL C 458 -3.87 -25.80 -20.85
N GLU C 459 -4.01 -26.67 -21.84
CA GLU C 459 -4.03 -28.10 -21.58
C GLU C 459 -2.75 -28.64 -20.90
N PRO C 460 -1.55 -28.19 -21.33
CA PRO C 460 -0.38 -28.61 -20.56
C PRO C 460 -0.42 -28.16 -19.10
N ALA C 461 -0.87 -26.93 -18.85
CA ALA C 461 -0.87 -26.40 -17.50
C ALA C 461 -1.89 -27.11 -16.61
N LEU C 462 -2.95 -27.62 -17.22
CA LEU C 462 -4.00 -28.30 -16.46
C LEU C 462 -3.72 -29.80 -16.29
N LYS C 463 -2.74 -30.30 -17.04
CA LYS C 463 -2.46 -31.73 -17.05
C LYS C 463 -2.19 -32.30 -15.65
N PRO C 464 -1.37 -31.62 -14.81
CA PRO C 464 -1.18 -32.24 -13.50
C PRO C 464 -2.40 -32.22 -12.58
N TYR C 465 -3.48 -31.55 -12.98
CA TYR C 465 -4.68 -31.53 -12.14
C TYR C 465 -5.79 -32.39 -12.70
N GLU C 466 -5.48 -33.17 -13.73
CA GLU C 466 -6.47 -33.96 -14.46
C GLU C 466 -7.37 -34.82 -13.55
N GLU C 467 -6.77 -35.44 -12.53
CA GLU C 467 -7.50 -36.37 -11.67
C GLU C 467 -8.35 -35.66 -10.62
N ALA C 468 -8.11 -34.37 -10.41
CA ALA C 468 -8.94 -33.57 -9.51
C ALA C 468 -10.08 -32.89 -10.25
N LEU C 469 -10.01 -32.87 -11.58
CA LEU C 469 -11.05 -32.23 -12.41
C LEU C 469 -12.06 -33.24 -12.95
N MET D 1 18.15 23.41 -13.78
CA MET D 1 18.35 24.35 -12.68
C MET D 1 17.04 25.00 -12.23
N ASP D 2 16.12 25.19 -13.17
CA ASP D 2 14.84 25.81 -12.87
C ASP D 2 13.72 24.78 -12.90
N SER D 3 14.07 23.50 -13.03
CA SER D 3 13.07 22.44 -13.02
C SER D 3 13.53 21.27 -12.16
N TYR D 4 12.56 20.56 -11.59
CA TYR D 4 12.85 19.42 -10.74
C TYR D 4 13.51 18.31 -11.53
N GLN D 5 14.62 17.80 -11.01
CA GLN D 5 15.28 16.64 -11.58
C GLN D 5 15.13 15.52 -10.57
N THR D 6 14.76 14.33 -11.03
CA THR D 6 14.68 13.19 -10.13
C THR D 6 16.09 12.82 -9.68
N PRO D 7 16.27 12.55 -8.37
CA PRO D 7 17.56 12.09 -7.86
C PRO D 7 17.87 10.67 -8.31
N LEU D 8 16.86 9.98 -8.81
CA LEU D 8 17.03 8.58 -9.15
C LEU D 8 17.92 8.37 -10.38
N SER D 9 18.14 9.42 -11.15
CA SER D 9 19.10 9.33 -12.26
C SER D 9 20.22 10.37 -12.12
N SER D 10 20.08 11.29 -11.17
CA SER D 10 21.12 12.28 -10.90
C SER D 10 21.57 12.24 -9.42
N SER D 14 23.09 5.18 -11.25
CA SER D 14 24.13 4.69 -12.16
C SER D 14 23.81 4.95 -13.62
N LYS D 15 24.87 5.04 -14.40
CA LYS D 15 24.81 5.48 -15.79
C LYS D 15 24.07 4.50 -16.70
N GLU D 16 24.39 3.22 -16.56
CA GLU D 16 23.88 2.23 -17.50
C GLU D 16 22.37 2.06 -17.42
N MET D 17 21.84 1.98 -16.20
CA MET D 17 20.40 1.85 -16.00
C MET D 17 19.68 3.15 -16.41
N SER D 18 20.31 4.29 -16.17
CA SER D 18 19.71 5.56 -16.54
C SER D 18 19.59 5.69 -18.06
N LYS D 19 20.62 5.25 -18.77
CA LYS D 19 20.63 5.24 -20.22
C LYS D 19 19.56 4.33 -20.81
N LEU D 20 19.42 3.14 -20.22
CA LEU D 20 18.45 2.16 -20.71
C LEU D 20 17.04 2.77 -20.82
N PHE D 21 16.69 3.64 -19.87
CA PHE D 21 15.38 4.27 -19.84
C PHE D 21 15.39 5.70 -20.36
N SER D 22 16.42 6.04 -21.14
CA SER D 22 16.52 7.36 -21.74
C SER D 22 15.73 7.42 -23.04
N SER D 23 15.32 8.63 -23.42
CA SER D 23 14.62 8.84 -24.68
C SER D 23 15.47 8.38 -25.87
N GLY D 24 16.77 8.62 -25.82
CA GLY D 24 17.68 8.15 -26.85
C GLY D 24 17.57 6.64 -27.04
N ALA D 25 17.65 5.91 -25.93
CA ALA D 25 17.53 4.45 -25.98
C ALA D 25 16.16 4.03 -26.46
N ARG D 26 15.11 4.74 -26.02
CA ARG D 26 13.75 4.39 -26.41
C ARG D 26 13.57 4.43 -27.94
N PHE D 27 13.90 5.56 -28.54
CA PHE D 27 13.74 5.76 -30.00
C PHE D 27 14.69 4.90 -30.83
N GLY D 28 15.91 4.70 -30.35
CA GLY D 28 16.82 3.78 -31.02
C GLY D 28 16.29 2.36 -31.00
N THR D 29 15.69 1.97 -29.89
CA THR D 29 15.08 0.65 -29.77
C THR D 29 13.88 0.51 -30.72
N TRP D 30 13.11 1.58 -30.87
CA TRP D 30 12.03 1.61 -31.88
C TRP D 30 12.60 1.29 -33.26
N ARG D 31 13.77 1.84 -33.56
CA ARG D 31 14.37 1.65 -34.87
C ARG D 31 14.90 0.23 -35.05
N LYS D 32 15.46 -0.35 -34.00
CA LYS D 32 15.82 -1.78 -34.03
C LYS D 32 14.58 -2.63 -34.28
N LEU D 33 13.48 -2.28 -33.63
CA LEU D 33 12.22 -3.02 -33.79
C LEU D 33 11.69 -2.92 -35.23
N TRP D 34 11.84 -1.74 -35.85
CA TRP D 34 11.46 -1.56 -37.25
C TRP D 34 12.41 -2.30 -38.20
N LEU D 35 13.70 -2.29 -37.89
CA LEU D 35 14.69 -3.03 -38.65
C LEU D 35 14.37 -4.52 -38.65
N ASN D 36 14.12 -5.08 -37.47
CA ASN D 36 13.86 -6.51 -37.39
C ASN D 36 12.49 -6.91 -37.94
N LEU D 37 11.51 -6.03 -37.83
CA LEU D 37 10.23 -6.25 -38.51
C LEU D 37 10.43 -6.34 -40.02
N ALA D 38 11.18 -5.39 -40.57
CA ALA D 38 11.50 -5.37 -42.00
C ALA D 38 12.27 -6.62 -42.43
N ILE D 39 13.35 -6.94 -41.71
CA ILE D 39 14.10 -8.17 -41.94
C ILE D 39 13.19 -9.40 -41.98
N ALA D 40 12.33 -9.55 -40.96
CA ALA D 40 11.45 -10.70 -40.88
C ALA D 40 10.43 -10.69 -42.01
N GLU D 41 9.83 -9.53 -42.28
CA GLU D 41 8.83 -9.44 -43.34
C GLU D 41 9.47 -9.75 -44.70
N LYS D 42 10.71 -9.30 -44.88
CA LYS D 42 11.44 -9.55 -46.12
C LYS D 42 11.67 -11.04 -46.31
N GLU D 43 11.99 -11.74 -45.24
CA GLU D 43 12.20 -13.19 -45.31
C GLU D 43 10.92 -13.91 -45.72
N LEU D 44 9.78 -13.34 -45.37
CA LEU D 44 8.49 -13.99 -45.63
C LEU D 44 7.90 -13.49 -46.94
N GLY D 45 8.72 -12.82 -47.74
CA GLY D 45 8.39 -12.53 -49.11
C GLY D 45 7.75 -11.20 -49.42
N LEU D 46 7.83 -10.25 -48.49
CA LEU D 46 7.29 -8.92 -48.77
C LEU D 46 8.31 -8.06 -49.56
N ALA D 47 7.80 -7.03 -50.24
CA ALA D 47 8.60 -6.23 -51.15
C ALA D 47 9.43 -5.19 -50.42
N ILE D 48 10.56 -5.66 -49.88
CA ILE D 48 11.45 -4.83 -49.10
C ILE D 48 12.85 -4.98 -49.66
N SER D 49 13.43 -3.88 -50.11
CA SER D 49 14.69 -3.91 -50.87
C SER D 49 15.89 -4.22 -49.99
N ASP D 50 16.94 -4.79 -50.58
CA ASP D 50 18.22 -4.93 -49.89
C ASP D 50 18.70 -3.57 -49.39
N ALA D 51 18.52 -2.56 -50.23
CA ALA D 51 18.95 -1.20 -49.90
C ALA D 51 18.23 -0.65 -48.67
N ALA D 52 16.94 -0.93 -48.55
CA ALA D 52 16.17 -0.51 -47.38
C ALA D 52 16.73 -1.09 -46.09
N ILE D 53 16.99 -2.40 -46.09
CA ILE D 53 17.57 -3.08 -44.94
C ILE D 53 18.91 -2.45 -44.56
N GLU D 54 19.78 -2.32 -45.55
CA GLU D 54 21.11 -1.73 -45.33
C GLU D 54 21.04 -0.34 -44.71
N GLN D 55 20.15 0.50 -45.22
CA GLN D 55 20.05 1.88 -44.76
C GLN D 55 19.55 1.93 -43.32
N MET D 56 18.58 1.08 -43.01
CA MET D 56 18.06 1.00 -41.65
C MET D 56 19.17 0.54 -40.69
N LYS D 57 19.91 -0.49 -41.10
CA LYS D 57 21.02 -1.00 -40.32
C LYS D 57 22.03 0.10 -39.96
N ALA D 58 22.23 1.03 -40.89
CA ALA D 58 23.20 2.11 -40.71
C ALA D 58 22.67 3.30 -39.92
N ASN D 59 21.37 3.33 -39.65
CA ASN D 59 20.78 4.52 -39.01
C ASN D 59 19.91 4.20 -37.81
N LEU D 60 20.43 3.34 -36.93
CA LEU D 60 19.68 2.90 -35.76
C LEU D 60 19.75 3.91 -34.61
N GLU D 61 20.72 4.80 -34.66
CA GLU D 61 20.92 5.73 -33.56
C GLU D 61 20.58 7.15 -33.95
N LEU D 62 19.93 7.86 -33.06
CA LEU D 62 19.56 9.24 -33.32
C LEU D 62 20.60 10.20 -32.74
N ASP D 63 20.63 11.41 -33.29
CA ASP D 63 21.41 12.50 -32.69
C ASP D 63 20.45 13.62 -32.31
N GLU D 64 20.98 14.77 -31.91
CA GLU D 64 20.14 15.90 -31.52
C GLU D 64 19.40 16.49 -32.70
N ALA D 65 19.99 16.39 -33.90
CA ALA D 65 19.35 16.88 -35.12
C ALA D 65 18.04 16.14 -35.38
N GLN D 66 18.14 14.81 -35.46
CA GLN D 66 16.97 13.96 -35.72
C GLN D 66 15.95 14.05 -34.60
N MET D 67 16.45 14.24 -33.38
CA MET D 67 15.59 14.32 -32.21
C MET D 67 14.60 15.50 -32.31
N LYS D 68 15.08 16.64 -32.79
CA LYS D 68 14.21 17.81 -32.97
C LYS D 68 13.29 17.61 -34.17
N VAL D 69 13.83 17.06 -35.26
CA VAL D 69 13.03 16.79 -36.45
C VAL D 69 11.83 15.93 -36.08
N ALA D 70 12.05 14.94 -35.22
CA ALA D 70 10.98 14.08 -34.74
C ALA D 70 10.01 14.90 -33.88
N ALA D 71 10.57 15.74 -33.01
CA ALA D 71 9.78 16.58 -32.12
C ALA D 71 9.03 17.68 -32.88
N GLU D 72 9.55 18.08 -34.03
CA GLU D 72 8.86 19.03 -34.88
C GLU D 72 7.53 18.45 -35.37
N GLU D 73 7.57 17.19 -35.81
CA GLU D 73 6.43 16.55 -36.45
C GLU D 73 5.31 16.15 -35.48
N GLU D 74 5.35 16.65 -34.25
CA GLU D 74 4.28 16.39 -33.30
C GLU D 74 3.42 17.63 -33.08
N HIS D 79 1.16 12.60 -32.34
CA HIS D 79 1.52 11.18 -32.37
C HIS D 79 3.03 10.97 -32.55
N ASP D 80 3.67 10.40 -31.54
CA ASP D 80 5.14 10.30 -31.54
C ASP D 80 5.69 9.13 -32.38
N VAL D 81 4.93 8.05 -32.51
CA VAL D 81 5.40 6.90 -33.30
C VAL D 81 5.48 7.25 -34.78
N MET D 82 4.41 7.82 -35.33
CA MET D 82 4.42 8.20 -36.74
C MET D 82 5.45 9.31 -37.02
N ALA D 83 5.67 10.17 -36.03
CA ALA D 83 6.72 11.19 -36.10
C ALA D 83 8.08 10.55 -36.31
N HIS D 84 8.31 9.42 -35.63
CA HIS D 84 9.60 8.74 -35.71
C HIS D 84 9.68 7.80 -36.89
N VAL D 85 8.53 7.32 -37.36
CA VAL D 85 8.48 6.58 -38.61
C VAL D 85 8.99 7.51 -39.72
N HIS D 86 8.46 8.73 -39.74
CA HIS D 86 8.84 9.74 -40.73
C HIS D 86 10.31 10.08 -40.64
N THR D 87 10.77 10.43 -39.43
CA THR D 87 12.16 10.80 -39.20
C THR D 87 13.13 9.70 -39.62
N PHE D 88 12.83 8.47 -39.25
CA PHE D 88 13.63 7.31 -39.66
C PHE D 88 13.71 7.28 -41.18
N GLY D 89 12.55 7.45 -41.82
CA GLY D 89 12.48 7.49 -43.28
C GLY D 89 13.29 8.60 -43.94
N THR D 90 13.44 9.73 -43.27
CA THR D 90 14.22 10.83 -43.85
C THR D 90 15.71 10.46 -43.94
N VAL D 91 16.20 9.69 -42.97
CA VAL D 91 17.62 9.33 -42.96
C VAL D 91 17.83 7.95 -43.55
N ALA D 92 16.75 7.26 -43.89
CA ALA D 92 16.85 6.00 -44.62
C ALA D 92 15.77 5.93 -45.72
N PRO D 93 15.93 6.75 -46.78
CA PRO D 93 14.93 6.95 -47.83
C PRO D 93 14.49 5.68 -48.54
N GLU D 94 15.42 4.75 -48.77
CA GLU D 94 15.07 3.48 -49.42
C GLU D 94 14.04 2.67 -48.62
N ALA D 95 13.94 2.94 -47.32
CA ALA D 95 13.05 2.20 -46.45
C ALA D 95 11.80 2.98 -46.11
N ALA D 96 11.74 4.24 -46.54
CA ALA D 96 10.66 5.16 -46.14
C ALA D 96 9.25 4.55 -46.22
N GLY D 97 8.95 3.84 -47.30
CA GLY D 97 7.63 3.27 -47.50
C GLY D 97 7.32 1.97 -46.74
N ILE D 98 8.33 1.33 -46.15
CA ILE D 98 8.10 0.01 -45.57
C ILE D 98 8.33 -0.06 -44.05
N ILE D 99 8.90 0.99 -43.47
CA ILE D 99 9.02 1.06 -42.02
C ILE D 99 7.59 0.99 -41.42
N HIS D 100 7.44 0.17 -40.36
CA HIS D 100 6.17 0.03 -39.63
C HIS D 100 5.08 -0.64 -40.47
N LEU D 101 5.48 -1.27 -41.57
CA LEU D 101 4.51 -1.91 -42.48
C LEU D 101 3.63 -2.97 -41.80
N GLY D 102 2.34 -2.69 -41.72
CA GLY D 102 1.38 -3.63 -41.20
C GLY D 102 1.16 -3.54 -39.69
N ALA D 103 2.08 -2.85 -39.02
CA ALA D 103 2.12 -2.80 -37.57
C ALA D 103 1.24 -1.70 -37.00
N THR D 104 0.94 -1.81 -35.72
CA THR D 104 0.28 -0.73 -35.00
C THR D 104 1.30 -0.13 -34.03
N SER D 105 0.97 1.00 -33.41
CA SER D 105 1.96 1.79 -32.68
C SER D 105 2.63 0.99 -31.55
N CYS D 106 1.85 0.13 -30.90
CA CYS D 106 2.38 -0.65 -29.79
C CYS D 106 3.41 -1.69 -30.21
N TYR D 107 3.51 -1.97 -31.51
CA TYR D 107 4.57 -2.86 -31.96
C TYR D 107 5.92 -2.33 -31.51
N VAL D 108 6.11 -1.00 -31.53
CA VAL D 108 7.36 -0.45 -31.03
C VAL D 108 7.29 0.01 -29.57
N THR D 109 6.20 0.65 -29.17
CA THR D 109 6.19 1.22 -27.81
C THR D 109 6.16 0.14 -26.75
N ASP D 110 5.38 -0.90 -26.99
CA ASP D 110 5.13 -1.93 -26.00
C ASP D 110 6.25 -2.97 -25.97
N ASN D 111 6.73 -3.37 -27.15
CA ASN D 111 7.84 -4.30 -27.22
C ASN D 111 9.12 -3.69 -26.65
N ALA D 112 9.30 -2.38 -26.83
CA ALA D 112 10.46 -1.70 -26.26
C ALA D 112 10.42 -1.79 -24.74
N ASP D 113 9.22 -1.71 -24.18
CA ASP D 113 9.07 -1.78 -22.73
C ASP D 113 9.47 -3.16 -22.23
N LEU D 114 9.09 -4.21 -22.97
CA LEU D 114 9.45 -5.59 -22.61
C LEU D 114 10.96 -5.75 -22.68
N ILE D 115 11.55 -5.25 -23.76
CA ILE D 115 13.00 -5.21 -23.89
C ILE D 115 13.68 -4.54 -22.68
N PHE D 116 13.13 -3.42 -22.21
CA PHE D 116 13.73 -2.70 -21.08
C PHE D 116 13.53 -3.47 -19.76
N LEU D 117 12.41 -4.18 -19.60
CA LEU D 117 12.25 -5.07 -18.44
C LEU D 117 13.33 -6.16 -18.44
N ARG D 118 13.53 -6.77 -19.59
CA ARG D 118 14.43 -7.90 -19.72
C ARG D 118 15.88 -7.46 -19.55
N ASP D 119 16.28 -6.45 -20.32
CA ASP D 119 17.62 -5.90 -20.19
C ASP D 119 17.85 -5.29 -18.81
N GLY D 120 16.83 -4.64 -18.25
CA GLY D 120 16.95 -4.02 -16.94
C GLY D 120 17.24 -5.05 -15.86
N LEU D 121 16.56 -6.19 -15.94
CA LEU D 121 16.81 -7.31 -15.03
C LEU D 121 18.22 -7.87 -15.25
N ASP D 122 18.65 -7.94 -16.51
CA ASP D 122 20.00 -8.41 -16.83
C ASP D 122 21.11 -7.47 -16.32
N ILE D 123 20.78 -6.21 -16.06
CA ILE D 123 21.72 -5.31 -15.42
C ILE D 123 21.78 -5.58 -13.90
N LEU D 124 20.62 -5.85 -13.30
CA LEU D 124 20.55 -6.06 -11.86
C LEU D 124 21.17 -7.39 -11.41
N LEU D 125 20.85 -8.45 -12.14
CA LEU D 125 21.19 -9.81 -11.70
C LEU D 125 22.69 -10.04 -11.37
N PRO D 126 23.62 -9.62 -12.26
CA PRO D 126 25.05 -9.78 -11.92
C PRO D 126 25.51 -8.91 -10.76
N LYS D 127 24.89 -7.75 -10.56
CA LYS D 127 25.21 -6.93 -9.41
C LYS D 127 24.72 -7.62 -8.13
N LEU D 128 23.58 -8.29 -8.22
CA LEU D 128 23.05 -9.05 -7.09
C LEU D 128 24.02 -10.18 -6.75
N ALA D 129 24.48 -10.90 -7.77
CA ALA D 129 25.41 -12.02 -7.58
C ALA D 129 26.73 -11.55 -6.95
N THR D 130 27.17 -10.34 -7.30
CA THR D 130 28.34 -9.73 -6.71
C THR D 130 28.17 -9.47 -5.20
N VAL D 131 27.07 -8.80 -4.83
CA VAL D 131 26.76 -8.57 -3.41
C VAL D 131 26.80 -9.89 -2.63
N ILE D 132 26.13 -10.91 -3.17
CA ILE D 132 26.05 -12.21 -2.52
C ILE D 132 27.45 -12.81 -2.34
N SER D 133 28.28 -12.66 -3.37
CA SER D 133 29.63 -13.20 -3.34
C SER D 133 30.48 -12.51 -2.27
N ARG D 134 30.45 -11.19 -2.21
CA ARG D 134 31.21 -10.46 -1.20
C ARG D 134 30.74 -10.77 0.22
N LEU D 135 29.44 -10.92 0.40
CA LEU D 135 28.93 -11.23 1.72
C LEU D 135 29.28 -12.66 2.11
N ALA D 136 29.39 -13.54 1.12
CA ALA D 136 29.75 -14.94 1.38
C ALA D 136 31.20 -15.03 1.88
N ASN D 137 32.09 -14.23 1.30
CA ASN D 137 33.48 -14.14 1.73
C ASN D 137 33.58 -13.63 3.15
N PHE D 138 32.79 -12.61 3.45
CA PHE D 138 32.70 -12.08 4.80
C PHE D 138 32.19 -13.18 5.74
N ALA D 139 31.18 -13.91 5.31
CA ALA D 139 30.61 -14.98 6.12
C ALA D 139 31.66 -16.06 6.40
N LYS D 140 32.42 -16.43 5.38
CA LYS D 140 33.45 -17.46 5.54
C LYS D 140 34.53 -16.99 6.51
N GLN D 141 35.00 -15.76 6.29
CA GLN D 141 36.02 -15.17 7.15
C GLN D 141 35.62 -15.16 8.62
N TYR D 142 34.38 -14.82 8.92
CA TYR D 142 33.96 -14.67 10.31
C TYR D 142 33.08 -15.80 10.79
N ARG D 143 33.24 -16.97 10.17
CA ARG D 143 32.38 -18.13 10.43
C ARG D 143 32.31 -18.56 11.89
N ASP D 144 33.40 -18.38 12.63
CA ASP D 144 33.43 -18.86 14.00
C ASP D 144 33.73 -17.76 15.01
N LEU D 145 33.53 -16.51 14.61
CA LEU D 145 33.70 -15.41 15.56
C LEU D 145 32.41 -15.26 16.34
N PRO D 146 32.43 -15.65 17.63
CA PRO D 146 31.21 -15.60 18.45
C PRO D 146 30.72 -14.17 18.61
N THR D 147 29.40 -14.00 18.64
CA THR D 147 28.83 -12.67 18.83
C THR D 147 27.51 -12.82 19.58
N LEU D 148 27.16 -11.82 20.39
CA LEU D 148 25.93 -11.87 21.17
C LEU D 148 24.70 -12.01 20.26
N GLY D 149 23.87 -13.02 20.52
CA GLY D 149 22.63 -13.20 19.80
C GLY D 149 21.62 -12.16 20.23
N PHE D 150 20.67 -11.84 19.35
CA PHE D 150 19.64 -10.85 19.67
C PHE D 150 18.23 -11.28 19.20
N THR D 151 17.36 -11.55 20.15
CA THR D 151 15.94 -11.71 19.88
C THR D 151 15.25 -10.65 20.75
N HIS D 152 14.19 -10.03 20.21
CA HIS D 152 13.57 -8.84 20.82
C HIS D 152 14.58 -7.67 20.93
N PHE D 153 15.68 -7.77 20.21
CA PHE D 153 16.87 -6.92 20.41
C PHE D 153 17.32 -6.97 21.89
N GLN D 154 17.21 -8.14 22.50
CA GLN D 154 17.69 -8.39 23.87
C GLN D 154 18.72 -9.52 23.80
N PRO D 155 19.67 -9.56 24.77
CA PRO D 155 20.74 -10.58 24.72
C PRO D 155 20.20 -11.99 24.55
N ALA D 156 20.77 -12.77 23.65
CA ALA D 156 20.30 -14.14 23.45
C ALA D 156 21.46 -15.06 23.13
N GLN D 157 21.19 -16.36 23.04
CA GLN D 157 22.23 -17.36 22.86
C GLN D 157 23.17 -16.96 21.73
N LEU D 158 24.48 -17.08 21.97
CA LEU D 158 25.49 -16.58 21.04
C LEU D 158 25.32 -17.17 19.64
N THR D 159 25.58 -16.36 18.63
CA THR D 159 25.72 -16.86 17.30
C THR D 159 27.15 -16.47 16.86
N THR D 160 27.43 -16.49 15.57
CA THR D 160 28.70 -15.97 15.10
C THR D 160 28.43 -14.88 14.10
N VAL D 161 29.39 -13.96 13.96
CA VAL D 161 29.27 -12.86 13.01
C VAL D 161 28.96 -13.40 11.62
N GLY D 162 29.65 -14.48 11.25
CA GLY D 162 29.46 -15.08 9.95
C GLY D 162 28.10 -15.74 9.80
N LYS D 163 27.60 -16.36 10.86
CA LYS D 163 26.31 -17.01 10.81
C LYS D 163 25.21 -15.97 10.57
N ARG D 164 25.35 -14.83 11.24
CA ARG D 164 24.38 -13.75 11.12
C ARG D 164 24.37 -13.24 9.68
N ALA D 165 25.55 -13.11 9.08
CA ALA D 165 25.64 -12.69 7.69
C ALA D 165 24.99 -13.66 6.70
N THR D 166 24.94 -14.95 7.05
CA THR D 166 24.28 -15.91 6.16
C THR D 166 22.75 -15.75 6.14
N LEU D 167 22.21 -15.13 7.18
CA LEU D 167 20.79 -14.80 7.18
C LEU D 167 20.56 -13.78 6.06
N TRP D 168 21.44 -12.79 6.00
CA TRP D 168 21.38 -11.74 4.98
C TRP D 168 21.51 -12.33 3.57
N ILE D 169 22.51 -13.20 3.40
CA ILE D 169 22.76 -13.86 2.13
C ILE D 169 21.55 -14.68 1.67
N GLN D 170 20.98 -15.48 2.57
CA GLN D 170 19.82 -16.31 2.24
C GLN D 170 18.66 -15.45 1.70
N GLU D 171 18.46 -14.26 2.25
CA GLU D 171 17.35 -13.44 1.78
C GLU D 171 17.69 -12.96 0.37
N LEU D 172 18.96 -12.66 0.13
CA LEU D 172 19.42 -12.25 -1.21
C LEU D 172 19.40 -13.41 -2.22
N LEU D 173 19.62 -14.65 -1.76
CA LEU D 173 19.52 -15.81 -2.65
C LEU D 173 18.10 -15.95 -3.20
N TRP D 174 17.10 -15.66 -2.37
CA TRP D 174 15.70 -15.71 -2.82
C TRP D 174 15.37 -14.58 -3.82
N ASP D 175 15.95 -13.41 -3.61
CA ASP D 175 15.84 -12.37 -4.64
C ASP D 175 16.50 -12.81 -5.94
N LEU D 176 17.66 -13.45 -5.83
CA LEU D 176 18.35 -13.92 -7.03
C LEU D 176 17.43 -14.89 -7.76
N ARG D 177 16.86 -15.82 -7.01
CA ARG D 177 15.88 -16.76 -7.52
C ARG D 177 14.63 -16.06 -8.11
N ASN D 178 14.04 -15.14 -7.37
CA ASN D 178 12.79 -14.52 -7.81
C ASN D 178 12.97 -13.67 -9.07
N LEU D 179 14.06 -12.92 -9.09
CA LEU D 179 14.35 -12.00 -10.20
C LEU D 179 14.85 -12.74 -11.45
N GLN D 180 15.57 -13.84 -11.26
CA GLN D 180 15.92 -14.70 -12.39
C GLN D 180 14.66 -15.25 -13.08
N ARG D 181 13.72 -15.75 -12.28
CA ARG D 181 12.44 -16.24 -12.79
C ARG D 181 11.69 -15.15 -13.55
N ALA D 182 11.63 -13.95 -12.95
CA ALA D 182 10.88 -12.85 -13.53
C ALA D 182 11.46 -12.51 -14.89
N ARG D 183 12.77 -12.62 -15.00
CA ARG D 183 13.46 -12.31 -16.25
C ARG D 183 13.14 -13.39 -17.27
N ASP D 184 13.34 -14.65 -16.88
CA ASP D 184 13.20 -15.77 -17.80
C ASP D 184 11.75 -16.00 -18.23
N ASP D 185 10.80 -15.55 -17.41
CA ASP D 185 9.38 -15.67 -17.71
C ASP D 185 8.89 -14.71 -18.82
N LEU D 186 9.67 -13.68 -19.12
CA LEU D 186 9.20 -12.65 -20.02
C LEU D 186 9.05 -13.18 -21.44
N GLY D 187 7.91 -12.91 -22.05
CA GLY D 187 7.72 -13.18 -23.46
C GLY D 187 7.80 -11.89 -24.26
N PHE D 188 7.51 -11.99 -25.56
CA PHE D 188 7.57 -10.83 -26.46
C PHE D 188 6.17 -10.57 -26.99
N ARG D 189 5.70 -9.34 -26.95
CA ARG D 189 4.39 -9.03 -27.53
C ARG D 189 4.40 -9.37 -29.03
N GLY D 190 5.46 -9.00 -29.72
CA GLY D 190 5.57 -9.31 -31.13
C GLY D 190 4.55 -8.52 -31.93
N VAL D 191 3.97 -9.15 -32.96
CA VAL D 191 3.02 -8.50 -33.85
C VAL D 191 1.57 -8.92 -33.56
N LYS D 192 0.75 -7.97 -33.14
CA LYS D 192 -0.57 -8.33 -32.58
C LYS D 192 -1.71 -7.44 -33.05
N GLY D 193 -1.40 -6.23 -33.50
CA GLY D 193 -2.44 -5.34 -33.97
C GLY D 193 -3.12 -4.55 -32.86
N THR D 194 -4.09 -3.74 -33.24
CA THR D 194 -4.77 -2.81 -32.34
C THR D 194 -5.52 -3.44 -31.16
N THR D 195 -6.14 -4.60 -31.36
CA THR D 195 -6.86 -5.30 -30.29
C THR D 195 -6.36 -6.73 -30.08
N GLY D 196 -5.20 -7.06 -30.65
CA GLY D 196 -4.59 -8.36 -30.44
C GLY D 196 -4.96 -9.46 -31.44
N THR D 197 -5.80 -9.15 -32.41
CA THR D 197 -6.31 -10.17 -33.34
C THR D 197 -5.43 -10.38 -34.58
N GLN D 198 -4.41 -9.54 -34.73
CA GLN D 198 -3.51 -9.59 -35.87
C GLN D 198 -4.25 -9.47 -37.22
N ALA D 199 -5.39 -8.75 -37.23
CA ALA D 199 -6.17 -8.60 -38.46
C ALA D 199 -5.36 -7.96 -39.58
N SER D 200 -4.67 -6.88 -39.25
CA SER D 200 -3.88 -6.14 -40.23
C SER D 200 -2.77 -7.01 -40.82
N PHE D 201 -2.05 -7.76 -39.98
CA PHE D 201 -1.00 -8.63 -40.50
C PHE D 201 -1.57 -9.83 -41.28
N LEU D 202 -2.75 -10.32 -40.89
CA LEU D 202 -3.39 -11.40 -41.65
C LEU D 202 -3.66 -10.95 -43.09
N ALA D 203 -4.06 -9.69 -43.25
CA ALA D 203 -4.43 -9.19 -44.56
C ALA D 203 -3.20 -8.79 -45.37
N LEU D 204 -2.15 -8.36 -44.66
CA LEU D 204 -0.88 -8.05 -45.29
C LEU D 204 -0.31 -9.28 -45.99
N PHE D 205 -0.48 -10.44 -45.35
CA PHE D 205 -0.04 -11.72 -45.91
C PHE D 205 -1.17 -12.44 -46.63
N ASP D 206 -2.14 -11.67 -47.11
CA ASP D 206 -3.26 -12.16 -47.91
C ASP D 206 -3.92 -13.42 -47.35
N GLY D 207 -4.13 -13.44 -46.05
CA GLY D 207 -4.88 -14.53 -45.44
C GLY D 207 -4.05 -15.72 -45.00
N ASP D 208 -2.73 -15.64 -45.19
CA ASP D 208 -1.83 -16.72 -44.80
C ASP D 208 -1.51 -16.69 -43.29
N HIS D 209 -2.21 -17.52 -42.52
CA HIS D 209 -2.03 -17.58 -41.07
C HIS D 209 -0.61 -17.95 -40.63
N ALA D 210 -0.02 -18.93 -41.32
CA ALA D 210 1.32 -19.42 -40.99
C ALA D 210 2.37 -18.35 -41.16
N LYS D 211 2.17 -17.47 -42.15
CA LYS D 211 3.10 -16.37 -42.35
C LYS D 211 3.05 -15.39 -41.19
N VAL D 212 1.85 -15.15 -40.67
CA VAL D 212 1.68 -14.26 -39.51
C VAL D 212 2.32 -14.91 -38.26
N GLU D 213 2.11 -16.20 -38.09
CA GLU D 213 2.69 -16.92 -36.95
C GLU D 213 4.22 -16.92 -37.02
N ALA D 214 4.75 -17.08 -38.22
CA ALA D 214 6.21 -17.07 -38.41
C ALA D 214 6.77 -15.67 -38.16
N LEU D 215 6.02 -14.66 -38.55
CA LEU D 215 6.44 -13.28 -38.32
C LEU D 215 6.50 -13.00 -36.82
N ASP D 216 5.47 -13.42 -36.10
CA ASP D 216 5.45 -13.28 -34.65
C ASP D 216 6.64 -14.00 -34.00
N LYS D 217 6.92 -15.22 -34.43
CA LYS D 217 8.05 -15.98 -33.87
C LYS D 217 9.41 -15.40 -34.23
N ARG D 218 9.51 -14.83 -35.42
CA ARG D 218 10.79 -14.33 -35.90
C ARG D 218 11.21 -13.05 -35.18
N VAL D 219 10.31 -12.09 -35.04
CA VAL D 219 10.67 -10.87 -34.32
C VAL D 219 10.96 -11.20 -32.86
N THR D 220 10.30 -12.22 -32.33
CA THR D 220 10.60 -12.70 -30.99
C THR D 220 12.04 -13.22 -30.91
N GLU D 221 12.39 -14.08 -31.86
CA GLU D 221 13.72 -14.67 -31.94
C GLU D 221 14.82 -13.61 -32.12
N LEU D 222 14.54 -12.58 -32.92
CA LEU D 222 15.52 -11.53 -33.21
C LEU D 222 15.82 -10.65 -32.00
N PHE D 223 14.96 -10.67 -30.99
CA PHE D 223 15.25 -9.95 -29.76
C PHE D 223 15.54 -10.89 -28.58
N GLY D 224 15.76 -12.17 -28.90
CA GLY D 224 16.27 -13.12 -27.91
C GLY D 224 15.28 -13.54 -26.85
N PHE D 225 13.99 -13.30 -27.09
CA PHE D 225 12.95 -13.76 -26.18
C PHE D 225 12.61 -15.22 -26.46
N PRO D 226 12.15 -15.95 -25.43
CA PRO D 226 11.85 -17.39 -25.53
C PRO D 226 10.55 -17.73 -26.28
N TYR D 227 9.58 -16.82 -26.29
CA TYR D 227 8.32 -17.07 -26.96
C TYR D 227 7.60 -15.75 -27.18
N ALA D 228 6.68 -15.73 -28.14
CA ALA D 228 5.73 -14.64 -28.29
C ALA D 228 4.49 -14.95 -27.47
N TYR D 229 3.95 -13.95 -26.77
CA TYR D 229 2.72 -14.15 -26.01
C TYR D 229 1.63 -14.69 -26.95
N PRO D 230 0.98 -15.79 -26.56
CA PRO D 230 0.02 -16.44 -27.46
C PRO D 230 -1.31 -15.71 -27.57
N VAL D 231 -1.67 -14.95 -26.53
CA VAL D 231 -2.92 -14.18 -26.53
C VAL D 231 -2.70 -12.82 -25.83
N THR D 232 -3.03 -11.75 -26.55
CA THR D 232 -2.99 -10.39 -26.00
C THR D 232 -4.19 -9.61 -26.48
N GLY D 233 -4.48 -8.52 -25.78
CA GLY D 233 -5.26 -7.44 -26.34
C GLY D 233 -4.30 -6.57 -27.13
N GLN D 234 -4.43 -5.26 -27.01
CA GLN D 234 -3.53 -4.33 -27.67
C GLN D 234 -2.06 -4.43 -27.18
N THR D 235 -1.88 -4.70 -25.90
CA THR D 235 -0.52 -4.79 -25.35
C THR D 235 -0.31 -6.04 -24.51
N TYR D 236 0.93 -6.23 -24.04
CA TYR D 236 1.17 -7.29 -23.07
C TYR D 236 0.39 -6.99 -21.79
N SER D 237 -0.04 -8.04 -21.11
CA SER D 237 -0.86 -7.88 -19.93
C SER D 237 -0.09 -7.11 -18.87
N ARG D 238 -0.75 -6.13 -18.24
CA ARG D 238 -0.08 -5.34 -17.23
C ARG D 238 0.14 -6.13 -15.94
N LYS D 239 -0.45 -7.32 -15.84
CA LYS D 239 -0.14 -8.22 -14.73
C LYS D 239 1.35 -8.56 -14.73
N ILE D 240 1.97 -8.52 -15.91
CA ILE D 240 3.40 -8.79 -16.03
C ILE D 240 4.26 -7.78 -15.27
N ASP D 241 3.88 -6.50 -15.30
CA ASP D 241 4.62 -5.49 -14.53
C ASP D 241 4.56 -5.79 -13.03
N ALA D 242 3.43 -6.30 -12.54
CA ALA D 242 3.30 -6.66 -11.13
C ALA D 242 4.16 -7.87 -10.77
N ASP D 243 4.27 -8.82 -11.70
CA ASP D 243 5.05 -10.02 -11.42
C ASP D 243 6.56 -9.76 -11.60
N VAL D 244 6.91 -8.57 -12.07
CA VAL D 244 8.31 -8.15 -12.07
C VAL D 244 8.59 -7.26 -10.85
N LEU D 245 7.71 -6.30 -10.59
CA LEU D 245 7.96 -5.35 -9.50
C LEU D 245 7.60 -5.93 -8.14
N GLY D 246 6.83 -7.00 -8.11
CA GLY D 246 6.55 -7.74 -6.87
C GLY D 246 7.83 -8.25 -6.24
N PRO D 247 8.57 -9.09 -6.98
CA PRO D 247 9.92 -9.49 -6.60
C PRO D 247 10.81 -8.30 -6.24
N LEU D 248 10.73 -7.21 -7.01
CA LEU D 248 11.57 -6.05 -6.71
C LEU D 248 11.22 -5.46 -5.34
N SER D 249 9.93 -5.46 -5.00
CA SER D 249 9.48 -4.95 -3.71
C SER D 249 9.99 -5.87 -2.58
N SER D 250 10.00 -7.17 -2.84
CA SER D 250 10.46 -8.15 -1.85
C SER D 250 11.95 -7.90 -1.60
N PHE D 251 12.71 -7.75 -2.68
CA PHE D 251 14.11 -7.38 -2.62
C PHE D 251 14.30 -6.10 -1.79
N GLY D 252 13.40 -5.13 -1.98
CA GLY D 252 13.42 -3.92 -1.20
C GLY D 252 13.37 -4.20 0.29
N ALA D 253 12.46 -5.08 0.69
CA ALA D 253 12.33 -5.48 2.08
C ALA D 253 13.60 -6.14 2.59
N THR D 254 14.25 -6.93 1.74
CA THR D 254 15.51 -7.57 2.09
C THR D 254 16.64 -6.56 2.36
N VAL D 255 16.77 -5.57 1.48
CA VAL D 255 17.79 -4.53 1.65
C VAL D 255 17.54 -3.79 2.95
N HIS D 256 16.26 -3.50 3.21
CA HIS D 256 15.89 -2.72 4.39
C HIS D 256 16.25 -3.43 5.68
N LYS D 257 16.05 -4.75 5.71
CA LYS D 257 16.38 -5.54 6.91
C LYS D 257 17.90 -5.69 7.11
N ILE D 258 18.63 -5.98 6.04
CA ILE D 258 20.09 -6.04 6.12
C ILE D 258 20.72 -4.70 6.57
N ALA D 259 20.27 -3.60 5.96
CA ALA D 259 20.76 -2.28 6.30
C ALA D 259 20.37 -1.87 7.71
N THR D 260 19.15 -2.20 8.11
CA THR D 260 18.70 -1.96 9.48
C THR D 260 19.57 -2.74 10.48
N ASP D 261 19.85 -4.00 10.18
CA ASP D 261 20.68 -4.83 11.04
C ASP D 261 22.04 -4.17 11.26
N ILE D 262 22.71 -3.83 10.17
CA ILE D 262 24.03 -3.23 10.25
C ILE D 262 23.98 -1.89 10.98
N ARG D 263 22.91 -1.13 10.79
CA ARG D 263 22.74 0.14 11.50
C ARG D 263 22.69 -0.08 13.01
N LEU D 264 22.00 -1.14 13.45
CA LEU D 264 21.94 -1.47 14.87
C LEU D 264 23.30 -1.91 15.41
N LEU D 265 23.99 -2.73 14.60
CA LEU D 265 25.31 -3.23 14.96
C LEU D 265 26.34 -2.09 15.00
N ALA D 266 26.09 -1.04 14.21
CA ALA D 266 26.99 0.12 14.18
C ALA D 266 26.81 0.95 15.44
N ASN D 267 25.59 0.97 15.96
CA ASN D 267 25.37 1.60 17.25
C ASN D 267 26.12 0.86 18.33
N LEU D 268 26.12 -0.46 18.24
CA LEU D 268 26.79 -1.29 19.24
C LEU D 268 28.31 -1.26 19.09
N LYS D 269 28.79 -0.60 18.04
CA LYS D 269 30.21 -0.52 17.68
C LYS D 269 30.81 -1.90 17.36
N GLU D 270 30.00 -2.82 16.83
CA GLU D 270 30.48 -4.17 16.50
C GLU D 270 30.83 -4.32 15.02
N ILE D 271 29.95 -3.81 14.16
CA ILE D 271 30.15 -3.84 12.73
C ILE D 271 29.91 -2.44 12.20
N GLU D 272 30.78 -1.98 11.29
CA GLU D 272 30.64 -0.65 10.68
C GLU D 272 30.84 -0.72 9.17
N GLU D 273 30.37 0.30 8.47
CA GLU D 273 30.60 0.41 7.04
C GLU D 273 32.08 0.59 6.71
N PRO D 274 32.49 0.15 5.51
CA PRO D 274 33.86 0.32 5.01
C PRO D 274 34.31 1.77 5.08
N PHE D 275 35.60 1.98 5.36
CA PHE D 275 36.21 3.30 5.26
C PHE D 275 36.31 3.73 3.80
N ALA D 286 38.54 8.32 12.84
CA ALA D 286 37.25 8.85 13.29
C ALA D 286 36.55 7.93 14.29
N TYR D 287 36.37 8.43 15.52
CA TYR D 287 35.74 7.63 16.57
C TYR D 287 34.25 7.36 16.28
N LYS D 288 33.51 8.43 15.99
CA LYS D 288 32.09 8.32 15.69
C LYS D 288 31.87 8.31 14.18
N ARG D 289 31.28 7.23 13.69
CA ARG D 289 30.96 7.10 12.27
C ARG D 289 29.47 6.82 12.08
N ASN D 290 28.88 7.42 11.06
CA ASN D 290 27.47 7.17 10.73
C ASN D 290 27.33 6.12 9.66
N PRO D 291 26.37 5.19 9.84
CA PRO D 291 26.13 4.18 8.79
C PRO D 291 25.33 4.77 7.62
N MET D 292 25.96 5.70 6.89
CA MET D 292 25.25 6.49 5.89
C MET D 292 24.73 5.69 4.71
N ARG D 293 25.55 4.77 4.20
CA ARG D 293 25.16 3.96 3.06
C ARG D 293 23.94 3.12 3.42
N CYS D 294 24.00 2.52 4.60
CA CYS D 294 22.89 1.73 5.11
C CYS D 294 21.62 2.57 5.24
N GLU D 295 21.79 3.81 5.69
CA GLU D 295 20.63 4.70 5.86
C GLU D 295 20.01 5.08 4.51
N ARG D 296 20.86 5.37 3.53
CA ARG D 296 20.41 5.59 2.16
C ARG D 296 19.70 4.37 1.56
N ALA D 297 20.30 3.20 1.75
CA ALA D 297 19.72 1.95 1.29
C ALA D 297 18.30 1.71 1.84
N CYS D 298 18.11 1.90 3.15
CA CYS D 298 16.79 1.79 3.74
C CYS D 298 15.83 2.78 3.09
N SER D 299 16.30 4.01 2.91
CA SER D 299 15.46 5.08 2.40
C SER D 299 14.86 4.73 1.04
N LEU D 300 15.71 4.22 0.15
CA LEU D 300 15.29 3.93 -1.20
C LEU D 300 14.62 2.55 -1.30
N ALA D 301 15.06 1.61 -0.46
CA ALA D 301 14.37 0.31 -0.39
C ALA D 301 12.89 0.48 -0.11
N ARG D 302 12.58 1.41 0.78
CA ARG D 302 11.21 1.77 1.16
C ARG D 302 10.41 2.17 -0.10
N HIS D 303 11.06 2.92 -0.99
CA HIS D 303 10.42 3.38 -2.23
C HIS D 303 10.03 2.19 -3.11
N LEU D 304 10.95 1.23 -3.23
CA LEU D 304 10.73 0.03 -4.01
C LEU D 304 9.56 -0.79 -3.45
N MET D 305 9.40 -0.72 -2.14
CA MET D 305 8.31 -1.41 -1.48
C MET D 305 6.98 -0.71 -1.75
N ALA D 306 6.98 0.62 -1.74
CA ALA D 306 5.75 1.38 -1.94
C ALA D 306 5.24 1.36 -3.39
N ILE D 307 6.13 1.48 -4.36
CA ILE D 307 5.63 1.72 -5.72
C ILE D 307 5.04 0.48 -6.37
N TYR D 308 5.28 -0.69 -5.80
CA TYR D 308 4.69 -1.91 -6.34
C TYR D 308 3.17 -1.81 -6.42
N GLN D 309 2.58 -1.08 -5.46
CA GLN D 309 1.12 -0.97 -5.38
C GLN D 309 0.57 -0.34 -6.68
N ASN D 310 1.34 0.54 -7.31
CA ASN D 310 0.96 1.06 -8.63
C ASN D 310 0.62 -0.03 -9.66
N THR D 311 1.49 -1.03 -9.76
CA THR D 311 1.30 -2.08 -10.75
C THR D 311 0.09 -2.95 -10.46
N LEU D 312 -0.25 -3.13 -9.18
CA LEU D 312 -1.45 -3.89 -8.85
C LEU D 312 -2.72 -3.10 -9.21
N MET D 313 -2.77 -1.85 -8.79
CA MET D 313 -3.92 -1.00 -9.09
C MET D 313 -4.12 -0.84 -10.60
N THR D 314 -3.02 -0.60 -11.32
CA THR D 314 -3.06 -0.48 -12.78
C THR D 314 -3.67 -1.74 -13.44
N SER D 315 -3.11 -2.91 -13.13
CA SER D 315 -3.58 -4.16 -13.73
C SER D 315 -5.02 -4.46 -13.36
N SER D 316 -5.39 -4.11 -12.12
CA SER D 316 -6.71 -4.44 -11.58
CA SER D 316 -6.72 -4.43 -11.59
C SER D 316 -7.85 -3.72 -12.32
N VAL D 317 -7.55 -2.58 -12.93
CA VAL D 317 -8.57 -1.78 -13.62
C VAL D 317 -8.24 -1.54 -15.10
N GLN D 318 -7.41 -2.39 -15.69
CA GLN D 318 -7.28 -2.43 -17.14
C GLN D 318 -8.56 -2.99 -17.79
N TRP D 319 -9.34 -2.13 -18.45
CA TRP D 319 -10.62 -2.58 -18.99
C TRP D 319 -10.49 -3.25 -20.35
N LEU D 320 -10.89 -4.52 -20.43
CA LEU D 320 -11.06 -5.22 -21.71
C LEU D 320 -9.75 -5.24 -22.52
N GLU D 321 -9.76 -4.80 -23.78
CA GLU D 321 -8.54 -4.98 -24.59
C GLU D 321 -7.43 -3.97 -24.35
N ARG D 322 -7.70 -2.96 -23.50
CA ARG D 322 -6.73 -2.01 -22.91
C ARG D 322 -7.36 -0.63 -22.64
N THR D 323 -7.01 -0.04 -21.51
CA THR D 323 -7.31 1.38 -21.32
C THR D 323 -6.01 2.14 -21.13
N LEU D 324 -5.99 3.39 -21.56
CA LEU D 324 -4.73 4.12 -21.59
C LEU D 324 -4.39 4.79 -20.26
N ASP D 325 -5.09 4.42 -19.19
CA ASP D 325 -4.71 4.87 -17.85
C ASP D 325 -3.51 4.08 -17.28
N ASP D 326 -2.87 3.25 -18.11
CA ASP D 326 -1.64 2.57 -17.71
C ASP D 326 -0.38 3.39 -18.04
N SER D 327 -0.51 4.26 -19.03
CA SER D 327 0.63 4.84 -19.73
C SER D 327 1.49 5.79 -18.89
N ALA D 328 0.91 6.87 -18.38
CA ALA D 328 1.70 7.84 -17.63
C ALA D 328 2.26 7.22 -16.34
N ASN D 329 1.46 6.41 -15.68
CA ASN D 329 1.90 5.79 -14.45
C ASN D 329 3.12 4.90 -14.70
N ARG D 330 3.07 4.10 -15.76
CA ARG D 330 4.19 3.19 -16.07
C ARG D 330 5.46 3.90 -16.50
N ARG D 331 5.33 5.11 -17.06
CA ARG D 331 6.51 5.92 -17.41
C ARG D 331 7.23 6.43 -16.17
N VAL D 332 6.51 6.49 -15.05
CA VAL D 332 7.15 6.79 -13.77
C VAL D 332 7.55 5.51 -13.06
N THR D 333 6.61 4.58 -12.94
CA THR D 333 6.78 3.45 -12.05
C THR D 333 7.85 2.44 -12.47
N ILE D 334 7.88 2.07 -13.75
CA ILE D 334 8.87 1.08 -14.18
C ILE D 334 10.34 1.61 -14.18
N PRO D 335 10.60 2.78 -14.80
CA PRO D 335 12.00 3.25 -14.71
C PRO D 335 12.48 3.47 -13.27
N GLU D 336 11.64 4.07 -12.43
CA GLU D 336 12.04 4.34 -11.06
C GLU D 336 12.27 3.07 -10.23
N ALA D 337 11.47 2.04 -10.48
CA ALA D 337 11.68 0.77 -9.80
C ALA D 337 13.05 0.22 -10.19
N PHE D 338 13.39 0.32 -11.47
CA PHE D 338 14.64 -0.27 -11.91
C PHE D 338 15.84 0.58 -11.52
N LEU D 339 15.70 1.90 -11.61
CA LEU D 339 16.76 2.80 -11.14
C LEU D 339 17.01 2.62 -9.65
N THR D 340 15.92 2.60 -8.86
CA THR D 340 16.06 2.44 -7.43
C THR D 340 16.77 1.13 -7.07
N ALA D 341 16.31 0.02 -7.65
CA ALA D 341 16.93 -1.30 -7.42
C ALA D 341 18.42 -1.30 -7.77
N ASP D 342 18.77 -0.70 -8.89
CA ASP D 342 20.16 -0.58 -9.33
C ASP D 342 20.99 0.20 -8.31
N ILE D 343 20.45 1.32 -7.84
CA ILE D 343 21.10 2.12 -6.82
C ILE D 343 21.29 1.34 -5.52
N LEU D 344 20.29 0.53 -5.17
CA LEU D 344 20.40 -0.31 -3.98
C LEU D 344 21.52 -1.33 -4.09
N LEU D 345 21.65 -1.97 -5.25
CA LEU D 345 22.68 -2.99 -5.43
C LEU D 345 24.07 -2.36 -5.44
N THR D 346 24.17 -1.17 -6.04
CA THR D 346 25.42 -0.44 -6.03
C THR D 346 25.83 -0.12 -4.59
N THR D 347 24.87 0.37 -3.81
CA THR D 347 25.11 0.74 -2.43
C THR D 347 25.49 -0.48 -1.59
N LEU D 348 24.78 -1.58 -1.79
CA LEU D 348 25.10 -2.82 -1.06
C LEU D 348 26.45 -3.39 -1.46
N GLN D 349 26.81 -3.25 -2.73
CA GLN D 349 28.14 -3.66 -3.19
C GLN D 349 29.22 -2.90 -2.43
N ASN D 350 29.01 -1.59 -2.27
CA ASN D 350 29.96 -0.75 -1.55
C ASN D 350 30.01 -1.10 -0.06
N ILE D 351 28.86 -1.39 0.54
CA ILE D 351 28.78 -1.77 1.95
C ILE D 351 29.46 -3.11 2.19
N SER D 352 29.26 -4.05 1.28
CA SER D 352 29.75 -5.41 1.45
C SER D 352 31.24 -5.52 1.17
N GLU D 353 31.81 -4.52 0.51
CA GLU D 353 33.21 -4.53 0.15
C GLU D 353 34.07 -4.00 1.29
N GLY D 354 34.23 -4.81 2.33
CA GLY D 354 35.08 -4.46 3.45
C GLY D 354 34.38 -3.95 4.68
N LEU D 355 33.34 -4.66 5.12
CA LEU D 355 32.71 -4.38 6.40
C LEU D 355 33.78 -4.39 7.49
N VAL D 356 33.68 -3.45 8.43
CA VAL D 356 34.63 -3.37 9.53
C VAL D 356 34.09 -4.07 10.77
N VAL D 357 34.87 -5.02 11.30
CA VAL D 357 34.48 -5.76 12.50
C VAL D 357 35.37 -5.38 13.68
N TYR D 358 34.78 -5.19 14.87
CA TYR D 358 35.56 -4.92 16.08
C TYR D 358 35.41 -6.06 17.09
N PRO D 359 36.25 -7.10 16.96
CA PRO D 359 36.19 -8.30 17.81
C PRO D 359 36.28 -8.01 19.30
N ARG D 360 36.99 -6.95 19.69
CA ARG D 360 37.16 -6.67 21.11
C ARG D 360 35.93 -6.00 21.70
N VAL D 361 35.20 -5.23 20.89
CA VAL D 361 33.93 -4.67 21.34
C VAL D 361 32.92 -5.83 21.50
N ILE D 362 32.87 -6.67 20.47
CA ILE D 362 32.03 -7.86 20.45
C ILE D 362 32.35 -8.76 21.65
N GLY D 363 33.64 -8.94 21.89
CA GLY D 363 34.12 -9.79 22.97
C GLY D 363 33.74 -9.23 24.32
N ARG D 364 33.91 -7.91 24.46
CA ARG D 364 33.50 -7.26 25.68
C ARG D 364 32.01 -7.45 25.95
N ARG D 365 31.18 -7.23 24.92
CA ARG D 365 29.75 -7.33 25.08
C ARG D 365 29.35 -8.74 25.54
N ILE D 366 29.98 -9.75 24.95
CA ILE D 366 29.76 -11.12 25.38
C ILE D 366 30.12 -11.28 26.86
N SER D 367 31.23 -10.67 27.28
CA SER D 367 31.69 -10.77 28.68
C SER D 367 30.65 -10.26 29.67
N GLN D 368 29.92 -9.23 29.25
CA GLN D 368 28.93 -8.60 30.11
C GLN D 368 27.61 -9.36 30.15
N GLU D 369 27.28 -10.10 29.10
CA GLU D 369 25.95 -10.72 29.01
C GLU D 369 25.95 -12.24 29.17
N LEU D 370 27.01 -12.88 28.70
CA LEU D 370 27.09 -14.35 28.78
C LEU D 370 26.90 -14.97 30.18
N PRO D 371 27.46 -14.35 31.25
CA PRO D 371 27.30 -15.03 32.55
C PRO D 371 25.83 -15.25 32.94
N PHE D 372 24.96 -14.32 32.58
CA PHE D 372 23.54 -14.45 32.89
C PHE D 372 22.90 -15.61 32.15
N MET D 373 23.55 -16.06 31.08
CA MET D 373 23.03 -17.15 30.26
C MET D 373 23.79 -18.45 30.47
N ALA D 374 24.70 -18.47 31.45
CA ALA D 374 25.54 -19.64 31.67
C ALA D 374 25.32 -20.26 33.04
N THR D 375 24.20 -19.92 33.67
CA THR D 375 23.89 -20.40 35.02
C THR D 375 23.67 -21.91 35.01
N GLU D 376 23.01 -22.41 33.98
CA GLU D 376 22.77 -23.85 33.86
C GLU D 376 24.08 -24.62 33.72
N ASN D 377 25.03 -24.03 33.00
CA ASN D 377 26.35 -24.64 32.84
C ASN D 377 27.09 -24.75 34.16
N ILE D 378 26.91 -23.73 34.99
CA ILE D 378 27.49 -23.70 36.32
C ILE D 378 26.84 -24.75 37.21
N ILE D 379 25.51 -24.81 37.13
CA ILE D 379 24.74 -25.80 37.88
C ILE D 379 25.16 -27.23 37.52
N MET D 380 25.29 -27.52 36.22
CA MET D 380 25.74 -28.83 35.77
C MET D 380 27.10 -29.16 36.37
N ALA D 381 28.01 -28.19 36.30
CA ALA D 381 29.38 -28.38 36.78
C ALA D 381 29.43 -28.67 38.28
N ILE D 382 28.50 -28.08 39.02
CA ILE D 382 28.42 -28.27 40.47
C ILE D 382 27.80 -29.62 40.81
N VAL D 383 26.67 -29.95 40.18
CA VAL D 383 25.99 -31.23 40.41
C VAL D 383 26.93 -32.39 40.18
N LYS D 384 27.70 -32.34 39.11
CA LYS D 384 28.63 -33.41 38.76
C LYS D 384 29.71 -33.60 39.84
N ALA D 385 30.06 -32.51 40.54
CA ALA D 385 31.16 -32.54 41.49
C ALA D 385 30.73 -32.87 42.93
N GLY D 386 29.44 -33.13 43.12
CA GLY D 386 28.95 -33.52 44.43
C GLY D 386 27.66 -32.84 44.86
N GLY D 387 27.52 -31.56 44.58
CA GLY D 387 26.33 -30.80 44.97
C GLY D 387 25.11 -31.28 44.21
N ASP D 388 24.01 -30.55 44.31
CA ASP D 388 22.85 -30.91 43.51
C ASP D 388 22.08 -29.69 43.01
N ARG D 389 21.19 -29.92 42.04
CA ARG D 389 20.52 -28.86 41.29
C ARG D 389 19.74 -27.88 42.18
N GLN D 390 18.97 -28.41 43.12
CA GLN D 390 18.16 -27.57 44.01
C GLN D 390 19.06 -26.63 44.81
N GLU D 391 20.24 -27.11 45.17
CA GLU D 391 21.21 -26.33 45.91
C GLU D 391 21.68 -25.15 45.06
N CYS D 392 22.34 -25.49 43.97
CA CYS D 392 23.05 -24.52 43.13
C CYS D 392 22.12 -23.50 42.48
N HIS D 393 20.96 -23.95 42.03
CA HIS D 393 20.02 -23.09 41.32
C HIS D 393 19.62 -21.88 42.14
N GLU D 394 19.43 -22.07 43.44
CA GLU D 394 18.98 -20.97 44.29
C GLU D 394 20.12 -20.05 44.69
N LYS D 395 21.33 -20.60 44.81
CA LYS D 395 22.49 -19.79 45.14
C LYS D 395 22.95 -18.97 43.92
N ILE D 396 22.95 -19.60 42.75
CA ILE D 396 23.36 -18.91 41.54
C ILE D 396 22.33 -17.85 41.16
N ARG D 397 21.08 -18.07 41.53
CA ARG D 397 20.01 -17.12 41.26
C ARG D 397 20.14 -15.88 42.14
N VAL D 398 20.65 -16.08 43.35
CA VAL D 398 20.86 -14.98 44.29
C VAL D 398 22.01 -14.09 43.82
N LEU D 399 23.09 -14.72 43.39
CA LEU D 399 24.23 -13.99 42.84
C LEU D 399 23.86 -13.27 41.54
N SER D 400 22.97 -13.88 40.76
CA SER D 400 22.53 -13.27 39.50
C SER D 400 21.76 -11.98 39.76
N HIS D 401 20.78 -12.03 40.66
CA HIS D 401 19.99 -10.85 41.02
C HIS D 401 20.91 -9.71 41.44
N GLN D 402 21.99 -10.06 42.13
CA GLN D 402 22.94 -9.07 42.62
C GLN D 402 23.77 -8.45 41.50
N ALA D 403 24.25 -9.28 40.59
CA ALA D 403 25.04 -8.76 39.47
C ALA D 403 24.13 -7.95 38.56
N GLY D 404 22.86 -8.34 38.47
CA GLY D 404 21.87 -7.64 37.68
C GLY D 404 21.63 -6.25 38.23
N ALA D 405 21.51 -6.16 39.55
CA ALA D 405 21.26 -4.88 40.23
C ALA D 405 22.46 -3.94 40.09
N VAL D 406 23.66 -4.51 40.11
CA VAL D 406 24.86 -3.71 39.90
C VAL D 406 24.82 -3.07 38.51
N VAL D 407 24.52 -3.88 37.50
CA VAL D 407 24.43 -3.39 36.14
C VAL D 407 23.39 -2.27 35.98
N LYS D 408 22.17 -2.50 36.44
CA LYS D 408 21.06 -1.62 36.07
C LYS D 408 20.78 -0.53 37.09
N GLU D 409 20.92 -0.85 38.37
CA GLU D 409 20.66 0.12 39.43
C GLU D 409 21.90 0.92 39.83
N GLU D 410 23.09 0.37 39.56
CA GLU D 410 24.32 1.11 39.86
C GLU D 410 25.04 1.57 38.59
N GLY D 411 24.64 1.04 37.44
CA GLY D 411 25.34 1.34 36.21
C GLY D 411 26.78 0.84 36.23
N GLY D 412 27.00 -0.33 36.83
CA GLY D 412 28.34 -0.90 36.87
C GLY D 412 28.53 -2.06 35.91
N GLU D 413 29.70 -2.67 35.94
CA GLU D 413 29.96 -3.85 35.11
C GLU D 413 29.32 -5.10 35.70
N ASN D 414 29.15 -6.13 34.87
CA ASN D 414 28.66 -7.41 35.36
C ASN D 414 29.70 -8.16 36.19
N ASP D 415 29.49 -8.22 37.51
CA ASP D 415 30.45 -8.86 38.41
C ASP D 415 30.00 -10.25 38.83
N LEU D 416 29.21 -10.92 38.00
CA LEU D 416 28.63 -12.20 38.40
C LEU D 416 29.69 -13.27 38.61
N ILE D 417 30.62 -13.39 37.66
CA ILE D 417 31.66 -14.39 37.74
C ILE D 417 32.53 -14.15 38.99
N ASP D 418 32.77 -12.88 39.31
CA ASP D 418 33.48 -12.53 40.54
C ASP D 418 32.74 -12.98 41.79
N ARG D 419 31.42 -12.78 41.81
CA ARG D 419 30.61 -13.20 42.97
C ARG D 419 30.65 -14.70 43.13
N VAL D 420 30.88 -15.41 42.03
CA VAL D 420 31.01 -16.85 42.07
C VAL D 420 32.41 -17.26 42.55
N LYS D 421 33.43 -16.56 42.06
CA LYS D 421 34.81 -16.81 42.46
C LYS D 421 35.03 -16.45 43.94
N ASN D 422 34.25 -15.51 44.45
CA ASN D 422 34.39 -15.07 45.82
C ASN D 422 33.55 -15.90 46.79
N ASP D 423 32.49 -16.54 46.29
CA ASP D 423 31.63 -17.35 47.14
C ASP D 423 32.22 -18.74 47.32
N GLU D 424 32.39 -19.13 48.58
CA GLU D 424 33.06 -20.37 48.96
C GLU D 424 32.31 -21.61 48.46
N TYR D 425 31.00 -21.48 48.28
CA TYR D 425 30.18 -22.62 47.88
C TYR D 425 30.60 -23.21 46.54
N PHE D 426 31.02 -22.36 45.61
CA PHE D 426 31.34 -22.79 44.26
C PHE D 426 32.79 -23.25 44.13
N LYS D 427 33.45 -23.43 45.28
CA LYS D 427 34.82 -23.93 45.35
C LYS D 427 35.12 -25.15 44.44
N PRO D 428 34.19 -26.14 44.37
CA PRO D 428 34.44 -27.25 43.45
C PRO D 428 34.66 -26.87 41.97
N ILE D 429 34.16 -25.72 41.52
CA ILE D 429 34.23 -25.39 40.10
C ILE D 429 35.08 -24.16 39.74
N TRP D 430 35.71 -23.53 40.73
CA TRP D 430 36.54 -22.35 40.49
C TRP D 430 37.57 -22.57 39.38
N GLY D 431 38.12 -23.78 39.34
CA GLY D 431 39.18 -24.09 38.40
C GLY D 431 38.69 -24.13 36.96
N GLN D 432 37.46 -24.57 36.77
CA GLN D 432 36.93 -24.79 35.42
C GLN D 432 36.06 -23.63 34.93
N LEU D 433 36.00 -22.54 35.70
CA LEU D 433 35.16 -21.39 35.35
C LEU D 433 35.49 -20.79 33.99
N ASP D 434 36.78 -20.65 33.69
CA ASP D 434 37.19 -20.09 32.42
C ASP D 434 36.78 -20.99 31.26
N ALA D 435 36.65 -22.29 31.52
CA ALA D 435 36.18 -23.22 30.52
C ALA D 435 34.64 -23.19 30.43
N LEU D 436 33.97 -23.00 31.56
CA LEU D 436 32.52 -22.96 31.62
C LEU D 436 31.98 -21.67 30.99
N LEU D 437 32.87 -20.71 30.78
CA LEU D 437 32.47 -19.38 30.32
C LEU D 437 33.12 -19.04 28.97
N ASP D 438 33.64 -20.07 28.31
CA ASP D 438 34.33 -19.90 27.03
C ASP D 438 33.29 -19.73 25.93
N PRO D 439 33.19 -18.51 25.37
CA PRO D 439 32.15 -18.16 24.40
C PRO D 439 32.09 -19.16 23.26
N ARG D 440 33.26 -19.61 22.81
CA ARG D 440 33.36 -20.53 21.69
C ARG D 440 32.56 -21.81 21.90
N THR D 441 32.27 -22.15 23.15
CA THR D 441 31.50 -23.36 23.43
C THR D 441 30.00 -23.06 23.46
N PHE D 442 29.63 -21.80 23.28
CA PHE D 442 28.21 -21.41 23.38
C PHE D 442 27.51 -21.14 22.06
N VAL D 443 28.22 -21.34 20.95
CA VAL D 443 27.73 -20.97 19.63
C VAL D 443 26.97 -22.09 18.90
N GLY D 444 26.74 -23.22 19.56
CA GLY D 444 26.07 -24.35 18.92
C GLY D 444 26.77 -24.79 17.64
N ARG D 445 26.00 -24.96 16.56
CA ARG D 445 26.56 -25.38 15.27
C ARG D 445 26.74 -24.25 14.26
N ALA D 446 26.77 -23.00 14.75
CA ALA D 446 26.81 -21.84 13.85
C ALA D 446 27.96 -21.88 12.83
N PRO D 447 29.21 -22.23 13.27
CA PRO D 447 30.27 -22.32 12.26
C PRO D 447 30.01 -23.39 11.20
N GLU D 448 29.48 -24.54 11.63
CA GLU D 448 29.19 -25.64 10.72
C GLU D 448 28.01 -25.30 9.79
N GLN D 449 27.06 -24.53 10.30
CA GLN D 449 25.92 -24.10 9.49
C GLN D 449 26.39 -23.20 8.35
N VAL D 450 27.33 -22.31 8.66
CA VAL D 450 27.94 -21.44 7.62
C VAL D 450 28.59 -22.27 6.52
N ASP D 451 29.38 -23.26 6.93
CA ASP D 451 30.11 -24.11 5.99
C ASP D 451 29.18 -24.80 5.02
N GLY D 452 28.16 -25.46 5.56
CA GLY D 452 27.22 -26.19 4.74
C GLY D 452 26.44 -25.28 3.82
N PHE D 453 26.06 -24.12 4.33
CA PHE D 453 25.26 -23.17 3.54
C PHE D 453 26.05 -22.65 2.33
N LEU D 454 27.30 -22.26 2.55
CA LEU D 454 28.12 -21.71 1.47
C LEU D 454 28.34 -22.77 0.41
N LYS D 455 28.54 -24.01 0.85
CA LYS D 455 28.84 -25.09 -0.06
C LYS D 455 27.60 -25.61 -0.80
N GLU D 456 26.50 -25.80 -0.06
CA GLU D 456 25.32 -26.46 -0.63
C GLU D 456 24.38 -25.51 -1.34
N TRP D 457 24.38 -24.24 -0.94
CA TRP D 457 23.39 -23.28 -1.43
C TRP D 457 24.01 -22.10 -2.17
N VAL D 458 24.98 -21.43 -1.55
CA VAL D 458 25.52 -20.22 -2.16
C VAL D 458 26.31 -20.51 -3.43
N GLU D 459 27.32 -21.36 -3.33
CA GLU D 459 28.19 -21.62 -4.47
C GLU D 459 27.46 -22.15 -5.71
N PRO D 460 26.52 -23.10 -5.54
CA PRO D 460 25.78 -23.49 -6.74
C PRO D 460 24.99 -22.33 -7.35
N ALA D 461 24.35 -21.52 -6.50
CA ALA D 461 23.59 -20.37 -6.96
C ALA D 461 24.45 -19.33 -7.69
N LEU D 462 25.71 -19.19 -7.28
CA LEU D 462 26.61 -18.20 -7.88
C LEU D 462 27.32 -18.73 -9.12
N LYS D 463 27.15 -20.00 -9.43
CA LYS D 463 27.91 -20.63 -10.52
C LYS D 463 27.67 -20.00 -11.90
N PRO D 464 26.40 -19.74 -12.29
CA PRO D 464 26.25 -19.15 -13.62
C PRO D 464 26.74 -17.70 -13.74
N TYR D 465 27.30 -17.15 -12.67
CA TYR D 465 27.85 -15.81 -12.71
C TYR D 465 29.36 -15.85 -12.50
N GLU D 466 29.96 -17.00 -12.82
CA GLU D 466 31.35 -17.27 -12.48
C GLU D 466 32.33 -16.29 -13.14
N GLU D 467 32.20 -16.10 -14.45
CA GLU D 467 33.13 -15.25 -15.18
C GLU D 467 32.66 -13.79 -15.20
N ALA D 468 31.99 -13.39 -14.14
CA ALA D 468 31.57 -12.00 -13.98
C ALA D 468 31.95 -11.50 -12.60
#